data_4GFH
#
_entry.id   4GFH
#
_cell.length_a   169.135
_cell.length_b   169.884
_cell.length_c   169.212
_cell.angle_alpha   90.00
_cell.angle_beta   90.00
_cell.angle_gamma   90.00
#
_symmetry.space_group_name_H-M   'P 21 21 21'
#
loop_
_entity.id
_entity.type
_entity.pdbx_description
1 polymer 'DNA topoisomerase 2'
2 polymer "DNA (5'-D(P*CP*CP*TP*AP*CP*TP*GP*CP*TP*AP*C)-3')"
3 polymer "DNA (5'-D(*CP*GP*CP*GP*GP*TP*AP*GP*CP*AP*GP*TP*AP*GP*G)-3')"
4 polymer "DNA (5'-D(P*GP*GP*AP*TP*GP*AP*CP*GP*AP*TP*(TSP))-3')"
5 polymer "DNA (5'-D(*CP*GP*CP*GP*AP*AP*TP*CP*GP*TP*CP*AP*TP*CP*C)-3')"
6 non-polymer 'MAGNESIUM ION'
7 non-polymer 'PHOSPHOAMINOPHOSPHONIC ACID-ADENYLATE ESTER'
#
loop_
_entity_poly.entity_id
_entity_poly.type
_entity_poly.pdbx_seq_one_letter_code
_entity_poly.pdbx_strand_id
1 'polypeptide(L)'
;MSTEPVSASDKYQKISQLEHILKRPDTYIGSVETQEQLQWIYDEETDCMIEKNVTIVPGLFKIFDEILVNAADNKVRDPS
MKRIDVNIHAEEHTIEVKNDGKGIPIEIHNKENIYIPEMIFGHLLTSSNYDDDEKKVTGGRNGYGAKLCNIFSTEFILET
ADLNVGQKYVQKWENNMSICHPPKITSYKKGPSYTKVTFKPDLTRFGMKELDNDILGVMRRRVYDINGSVRDINVYLNGK
SLKIRNFKNYVELYLKSLEKKRQLDNGEDGAAKSDIPTILYERINNRWEVAFAVSDISFQQISFVNSIATTMGGTHVNYI
TDQIVKKISEILKKKKKKSVKSFQIKNNMFIFINCLIENPAFTSQTKEQLTTRVKDFGSRCEIPLEYINKIMKTDLATRM
FEIADANEENALKKSDGTRKSRITNYPKLEDANKAGTKEGYKCTLVLTEGDSALSLAVAGLAVVGRDYYGCYPLRGKMLN
VREASADQILKNAEIQAIKKIMGLQHRKKYEDTKSLRYGHLMIMTDQDHDGSHIKGLIINFLESSFPGLLDIQGFLLEFI
TPIIKVSITKPTKNTIAFYNMPDYEKWREEESHKFTWKQKYYKGLGTSLAQEVREYFSNLDRHLKIFHSLQGNDKDYIDL
AFSKKKADDRKEWLRQYEPGTVLDPTLKEIPISDFINKELILFSLADNIRSIPNVLDGFKPGQRKVLYGCFKKNLKSELK
VAQLAPYVSECTAYHHGEQSLAQTIIGLAQNFVGSNNIYLLLPNGAFGTRATGGKDAAAAR(PTR)IYTELNKLTRKIFH
PADDPLYKYIQEDEKTVEPEWYLPILPMILVNGAEGIGTGWSTYIPPFNPLEIIKNIRHLMNDEELEQMHPWFRGWTGTI
EEIEPLRYRMYGRIEQIGDNVLEITELPARTWTSTIKEYLLLGLSGNDKIKPWIKDMEEQHDDNIKFIITLSPEEMAKTR
KIGFYERFKLISPISLMNMVAFDPHGKIKKYNSVNEILSEFYYVRLEYYQKRKDHMSERLQWEVEKYSFQVKFIKMIIEK
ELTVTNKPRNAIIQELENLGFPRFNKEGKPYYGSPNDEIAEQINDVKGATSDEEDEESSHEDTENVINGPEELYGTYEYL
LGMRIWSLTKERYQKLLKQKQEKETELENLLKLSAKDIWNTDLKAFEVGYQEFLQRDAEAR
;
A,F
2 'polydeoxyribonucleotide' (DC)(DC)(DT)(DA)(DC)(DT)(DG)(DC)(DT)(DA)(DC) B,G
3 'polydeoxyribonucleotide' (DC)(DG)(DC)(DG)(DG)(DT)(DA)(DG)(DC)(DA)(DG)(DT)(DA)(DG)(DG) C,H
4 'polydeoxyribonucleotide' (DG)(DG)(DA)(DT)(DG)(DA)(DC)(DG)(DA)(DT)(TSP) D,I
5 'polydeoxyribonucleotide' (DC)(DG)(DC)(DG)(DA)(DA)(DT)(DC)(DG)(DT)(DC)(DA)(DT)(DC)(DC) E,J
#
# COMPACT_ATOMS: atom_id res chain seq x y z
N SER A 7 -0.56 -55.16 -54.66
CA SER A 7 -0.70 -54.41 -53.41
C SER A 7 -0.15 -53.00 -53.54
N ALA A 8 0.92 -52.87 -54.31
CA ALA A 8 1.57 -51.58 -54.51
C ALA A 8 0.74 -50.65 -55.38
N SER A 9 -0.37 -51.18 -55.90
CA SER A 9 -1.27 -50.40 -56.73
C SER A 9 -2.53 -50.01 -55.96
N ASP A 10 -2.67 -50.57 -54.76
CA ASP A 10 -3.78 -50.25 -53.88
C ASP A 10 -3.35 -49.26 -52.80
N LYS A 11 -2.04 -49.23 -52.54
CA LYS A 11 -1.47 -48.32 -51.55
C LYS A 11 -1.44 -46.89 -52.07
N TYR A 12 -1.00 -46.74 -53.31
CA TYR A 12 -0.94 -45.41 -53.94
C TYR A 12 -2.17 -45.16 -54.80
N GLN A 13 -2.95 -44.14 -54.43
CA GLN A 13 -4.17 -43.81 -55.14
C GLN A 13 -4.11 -42.44 -55.82
N LYS A 14 -4.84 -42.31 -56.92
CA LYS A 14 -5.01 -41.02 -57.59
C LYS A 14 -6.48 -40.70 -57.73
N ILE A 15 -6.91 -39.61 -57.12
CA ILE A 15 -8.33 -39.27 -57.12
C ILE A 15 -8.59 -37.95 -57.85
N SER A 16 -9.82 -37.79 -58.34
CA SER A 16 -10.21 -36.57 -59.05
C SER A 16 -10.46 -35.44 -58.06
N GLN A 17 -10.52 -34.23 -58.57
CA GLN A 17 -10.72 -33.05 -57.73
C GLN A 17 -12.08 -33.08 -57.04
N LEU A 18 -13.09 -33.62 -57.72
CA LEU A 18 -14.42 -33.75 -57.14
C LEU A 18 -14.45 -34.77 -56.01
N GLU A 19 -13.56 -35.76 -56.08
CA GLU A 19 -13.50 -36.81 -55.08
C GLU A 19 -12.74 -36.38 -53.84
N HIS A 20 -11.76 -35.49 -54.01
CA HIS A 20 -10.97 -34.99 -52.90
C HIS A 20 -11.79 -34.05 -52.02
N ILE A 21 -12.68 -33.28 -52.66
CA ILE A 21 -13.54 -32.35 -51.95
C ILE A 21 -14.50 -33.08 -51.00
N LEU A 22 -15.11 -34.15 -51.51
CA LEU A 22 -16.07 -34.93 -50.73
C LEU A 22 -15.39 -35.81 -49.68
N LYS A 23 -14.10 -36.07 -49.87
CA LYS A 23 -13.36 -36.92 -48.95
C LYS A 23 -12.67 -36.13 -47.85
N ARG A 24 -12.21 -34.92 -48.20
CA ARG A 24 -11.49 -34.06 -47.26
C ARG A 24 -11.99 -32.62 -47.36
N PRO A 25 -13.23 -32.39 -46.91
CA PRO A 25 -13.93 -31.10 -47.04
C PRO A 25 -13.28 -29.94 -46.29
N ASP A 26 -12.50 -30.25 -45.24
CA ASP A 26 -11.98 -29.23 -44.34
C ASP A 26 -11.31 -28.02 -45.01
N THR A 27 -10.47 -28.26 -46.01
CA THR A 27 -9.73 -27.18 -46.66
C THR A 27 -10.58 -26.41 -47.67
N TYR A 28 -11.81 -26.87 -47.90
CA TYR A 28 -12.69 -26.22 -48.86
C TYR A 28 -13.83 -25.45 -48.18
N ILE A 29 -14.51 -26.12 -47.25
CA ILE A 29 -15.67 -25.52 -46.59
C ILE A 29 -15.57 -25.57 -45.08
N GLY A 30 -14.64 -26.38 -44.58
CA GLY A 30 -14.48 -26.55 -43.14
C GLY A 30 -14.96 -27.92 -42.69
N SER A 31 -14.62 -28.27 -41.45
CA SER A 31 -14.98 -29.58 -40.91
C SER A 31 -16.46 -29.89 -41.07
N VAL A 32 -16.75 -31.15 -41.38
CA VAL A 32 -18.14 -31.60 -41.51
C VAL A 32 -18.60 -32.28 -40.22
N GLU A 33 -17.74 -32.25 -39.21
CA GLU A 33 -18.07 -32.80 -37.90
C GLU A 33 -18.75 -31.72 -37.06
N THR A 34 -19.63 -32.14 -36.16
CA THR A 34 -20.25 -31.20 -35.23
C THR A 34 -19.17 -30.59 -34.34
N GLN A 35 -19.33 -29.33 -34.00
CA GLN A 35 -18.32 -28.61 -33.22
C GLN A 35 -18.96 -27.80 -32.10
N GLU A 36 -18.40 -27.89 -30.90
CA GLU A 36 -18.82 -27.03 -29.79
C GLU A 36 -18.21 -25.65 -29.98
N GLN A 37 -19.06 -24.63 -30.06
CA GLN A 37 -18.59 -23.28 -30.31
C GLN A 37 -19.32 -22.25 -29.45
N LEU A 38 -18.69 -21.10 -29.26
CA LEU A 38 -19.35 -19.95 -28.66
C LEU A 38 -19.72 -18.99 -29.78
N GLN A 39 -21.00 -18.92 -30.10
CA GLN A 39 -21.47 -18.17 -31.25
C GLN A 39 -22.41 -17.03 -30.89
N TRP A 40 -22.41 -15.99 -31.72
CA TRP A 40 -23.37 -14.90 -31.58
C TRP A 40 -24.65 -15.26 -32.33
N ILE A 41 -25.79 -14.95 -31.71
CA ILE A 41 -27.09 -15.24 -32.30
C ILE A 41 -28.00 -14.03 -32.15
N TYR A 42 -28.99 -13.93 -33.02
CA TYR A 42 -29.99 -12.86 -32.89
C TYR A 42 -31.21 -13.37 -32.13
N ASP A 43 -31.50 -12.72 -31.01
CA ASP A 43 -32.65 -13.09 -30.19
C ASP A 43 -33.86 -12.22 -30.53
N GLU A 44 -34.75 -12.78 -31.35
CA GLU A 44 -35.94 -12.06 -31.82
C GLU A 44 -36.76 -11.49 -30.66
N GLU A 45 -36.71 -12.16 -29.51
CA GLU A 45 -37.50 -11.76 -28.35
C GLU A 45 -37.00 -10.46 -27.71
N THR A 46 -35.68 -10.32 -27.64
CA THR A 46 -35.04 -9.12 -27.08
C THR A 46 -34.50 -8.15 -28.14
N ASP A 47 -34.62 -8.51 -29.42
CA ASP A 47 -34.14 -7.67 -30.52
C ASP A 47 -32.65 -7.28 -30.44
N CYS A 48 -31.78 -8.24 -30.15
CA CYS A 48 -30.37 -7.96 -29.91
C CYS A 48 -29.53 -9.20 -30.11
N MET A 49 -28.22 -9.02 -30.23
CA MET A 49 -27.30 -10.15 -30.31
C MET A 49 -27.11 -10.75 -28.92
N ILE A 50 -26.75 -12.03 -28.86
CA ILE A 50 -26.51 -12.70 -27.59
C ILE A 50 -25.62 -13.92 -27.80
N GLU A 51 -24.59 -14.04 -26.96
CA GLU A 51 -23.66 -15.16 -27.05
C GLU A 51 -24.28 -16.41 -26.46
N LYS A 52 -24.45 -17.43 -27.28
CA LYS A 52 -25.02 -18.70 -26.85
C LYS A 52 -24.15 -19.89 -27.27
N ASN A 53 -23.93 -20.82 -26.35
CA ASN A 53 -23.24 -22.06 -26.67
C ASN A 53 -24.05 -22.89 -27.67
N VAL A 54 -23.42 -23.23 -28.79
CA VAL A 54 -24.10 -23.97 -29.84
C VAL A 54 -23.26 -25.11 -30.40
N THR A 55 -23.93 -26.04 -31.08
CA THR A 55 -23.25 -27.13 -31.76
C THR A 55 -23.68 -27.17 -33.22
N ILE A 56 -22.78 -26.81 -34.12
CA ILE A 56 -23.08 -26.74 -35.54
C ILE A 56 -22.04 -27.43 -36.39
N VAL A 57 -22.39 -27.72 -37.63
CA VAL A 57 -21.46 -28.29 -38.59
C VAL A 57 -20.93 -27.18 -39.50
N PRO A 58 -19.70 -26.73 -39.23
CA PRO A 58 -19.06 -25.60 -39.94
C PRO A 58 -19.21 -25.70 -41.45
N GLY A 59 -19.07 -26.90 -42.00
CA GLY A 59 -19.22 -27.11 -43.43
C GLY A 59 -20.57 -26.63 -43.94
N LEU A 60 -21.62 -27.00 -43.24
CA LEU A 60 -22.98 -26.60 -43.61
C LEU A 60 -23.13 -25.10 -43.56
N PHE A 61 -22.66 -24.49 -42.48
CA PHE A 61 -22.73 -23.05 -42.31
C PHE A 61 -21.98 -22.34 -43.43
N LYS A 62 -20.87 -22.93 -43.86
CA LYS A 62 -20.02 -22.32 -44.88
C LYS A 62 -20.64 -22.30 -46.28
N ILE A 63 -21.17 -23.44 -46.72
CA ILE A 63 -21.78 -23.52 -48.05
C ILE A 63 -22.94 -22.52 -48.16
N PHE A 64 -23.56 -22.22 -47.03
CA PHE A 64 -24.61 -21.21 -46.98
C PHE A 64 -24.00 -19.82 -47.07
N ASP A 65 -22.78 -19.68 -46.55
CA ASP A 65 -22.07 -18.42 -46.60
C ASP A 65 -21.60 -18.13 -48.02
N GLU A 66 -21.26 -19.18 -48.75
CA GLU A 66 -20.78 -19.06 -50.12
C GLU A 66 -21.83 -18.47 -51.06
N ILE A 67 -23.10 -18.74 -50.78
CA ILE A 67 -24.19 -18.22 -51.59
C ILE A 67 -24.54 -16.78 -51.21
N LEU A 68 -24.46 -16.48 -49.91
CA LEU A 68 -24.69 -15.13 -49.43
C LEU A 68 -23.64 -14.18 -49.98
N VAL A 69 -22.37 -14.51 -49.76
CA VAL A 69 -21.26 -13.68 -50.25
C VAL A 69 -21.33 -13.46 -51.75
N ASN A 70 -21.94 -14.40 -52.47
CA ASN A 70 -22.13 -14.25 -53.91
C ASN A 70 -23.15 -13.16 -54.24
N ALA A 71 -24.21 -13.09 -53.44
CA ALA A 71 -25.25 -12.08 -53.62
C ALA A 71 -24.73 -10.70 -53.23
N ALA A 72 -23.84 -10.66 -52.24
CA ALA A 72 -23.25 -9.41 -51.78
C ALA A 72 -22.22 -8.90 -52.78
N ASP A 73 -21.56 -9.83 -53.47
CA ASP A 73 -20.61 -9.47 -54.51
C ASP A 73 -21.31 -8.76 -55.66
N ASN A 74 -22.59 -9.11 -55.84
CA ASN A 74 -23.36 -8.57 -56.95
C ASN A 74 -23.69 -7.09 -56.79
N LYS A 75 -23.59 -6.60 -55.55
CA LYS A 75 -23.79 -5.18 -55.29
C LYS A 75 -22.59 -4.39 -55.78
N VAL A 76 -21.42 -5.00 -55.69
CA VAL A 76 -20.19 -4.41 -56.22
C VAL A 76 -20.28 -4.39 -57.74
N ARG A 77 -20.83 -5.47 -58.30
CA ARG A 77 -21.00 -5.60 -59.74
C ARG A 77 -22.00 -4.57 -60.27
N ASP A 78 -23.19 -4.55 -59.68
CA ASP A 78 -24.24 -3.61 -60.07
C ASP A 78 -24.73 -2.82 -58.86
N PRO A 79 -24.26 -1.58 -58.73
CA PRO A 79 -24.60 -0.70 -57.60
C PRO A 79 -26.10 -0.42 -57.50
N SER A 80 -26.85 -0.71 -58.55
CA SER A 80 -28.27 -0.41 -58.57
C SER A 80 -29.10 -1.46 -57.81
N MET A 81 -28.43 -2.46 -57.25
CA MET A 81 -29.10 -3.47 -56.44
C MET A 81 -29.70 -2.86 -55.19
N LYS A 82 -30.86 -3.38 -54.79
CA LYS A 82 -31.56 -2.92 -53.59
C LYS A 82 -31.97 -3.98 -52.56
N ARG A 83 -32.20 -5.22 -53.02
CA ARG A 83 -32.86 -6.22 -52.18
C ARG A 83 -32.22 -7.61 -52.23
N ILE A 84 -32.13 -8.24 -51.06
CA ILE A 84 -31.68 -9.62 -50.95
C ILE A 84 -32.61 -10.41 -50.04
N ASP A 85 -33.15 -11.51 -50.56
CA ASP A 85 -34.03 -12.37 -49.77
C ASP A 85 -33.34 -13.66 -49.35
N VAL A 86 -33.59 -14.06 -48.11
CA VAL A 86 -33.06 -15.32 -47.59
C VAL A 86 -34.17 -16.10 -46.90
N ASN A 87 -34.69 -17.11 -47.60
CA ASN A 87 -35.82 -17.88 -47.09
C ASN A 87 -35.42 -19.29 -46.66
N ILE A 88 -35.41 -19.52 -45.34
CA ILE A 88 -35.08 -20.83 -44.80
C ILE A 88 -36.35 -21.61 -44.47
N HIS A 89 -36.59 -22.65 -45.26
CA HIS A 89 -37.64 -23.59 -44.93
C HIS A 89 -36.94 -24.70 -44.21
N ALA A 90 -37.00 -24.64 -42.88
CA ALA A 90 -36.46 -25.71 -42.04
C ALA A 90 -37.15 -27.05 -42.25
N GLU A 91 -38.47 -27.04 -42.31
CA GLU A 91 -39.23 -28.27 -42.47
C GLU A 91 -38.79 -29.03 -43.72
N GLU A 92 -38.56 -28.31 -44.80
CA GLU A 92 -38.17 -28.92 -46.07
C GLU A 92 -36.66 -28.84 -46.29
N HIS A 93 -35.92 -28.38 -45.28
CA HIS A 93 -34.48 -28.41 -45.38
C HIS A 93 -34.07 -27.73 -46.67
N THR A 94 -34.77 -26.67 -47.04
CA THR A 94 -34.51 -25.96 -48.28
C THR A 94 -34.14 -24.50 -48.01
N ILE A 95 -33.18 -24.00 -48.75
CA ILE A 95 -32.68 -22.64 -48.55
C ILE A 95 -32.69 -21.84 -49.85
N GLU A 96 -33.21 -20.63 -49.80
CA GLU A 96 -33.33 -19.79 -50.99
C GLU A 96 -32.65 -18.43 -50.80
N VAL A 97 -31.76 -18.09 -51.73
CA VAL A 97 -31.07 -16.80 -51.69
C VAL A 97 -31.29 -16.04 -52.99
N LYS A 98 -32.12 -15.01 -52.93
CA LYS A 98 -32.47 -14.23 -54.12
C LYS A 98 -31.92 -12.81 -54.06
N ASN A 99 -31.52 -12.29 -55.21
CA ASN A 99 -31.00 -10.93 -55.30
C ASN A 99 -31.38 -10.26 -56.62
N ASP A 100 -31.85 -9.01 -56.52
CA ASP A 100 -32.22 -8.26 -57.72
C ASP A 100 -30.98 -7.71 -58.42
N GLY A 101 -31.15 -6.63 -59.17
CA GLY A 101 -30.06 -6.08 -59.95
C GLY A 101 -29.74 -6.97 -61.13
N LYS A 102 -28.61 -6.72 -61.77
CA LYS A 102 -28.21 -7.50 -62.93
C LYS A 102 -28.03 -8.97 -62.58
N GLY A 103 -28.45 -9.85 -63.48
CA GLY A 103 -28.39 -11.28 -63.25
C GLY A 103 -27.27 -11.96 -64.02
N ILE A 104 -27.44 -13.25 -64.28
CA ILE A 104 -26.44 -14.03 -65.00
C ILE A 104 -26.69 -14.00 -66.50
N PRO A 105 -25.66 -13.67 -67.26
CA PRO A 105 -25.88 -13.60 -68.69
C PRO A 105 -26.29 -14.99 -69.13
N ILE A 106 -27.41 -15.02 -69.82
CA ILE A 106 -27.88 -16.22 -70.53
C ILE A 106 -27.28 -16.23 -71.93
N GLU A 107 -26.12 -16.86 -72.07
CA GLU A 107 -25.38 -16.83 -73.32
C GLU A 107 -24.36 -17.96 -73.37
N ILE A 108 -24.13 -18.48 -74.58
CA ILE A 108 -23.16 -19.56 -74.77
C ILE A 108 -21.73 -19.03 -74.71
N HIS A 109 -20.95 -19.56 -73.78
CA HIS A 109 -19.55 -19.16 -73.63
C HIS A 109 -18.75 -19.54 -74.86
N ASN A 110 -18.03 -18.59 -75.43
CA ASN A 110 -17.32 -18.80 -76.70
C ASN A 110 -16.17 -19.80 -76.62
N LYS A 111 -15.73 -20.12 -75.41
CA LYS A 111 -14.60 -21.04 -75.23
C LYS A 111 -15.02 -22.37 -74.62
N GLU A 112 -15.97 -22.34 -73.70
CA GLU A 112 -16.39 -23.55 -72.99
C GLU A 112 -17.58 -24.23 -73.66
N ASN A 113 -18.16 -23.56 -74.66
CA ASN A 113 -19.23 -24.13 -75.46
C ASN A 113 -20.44 -24.59 -74.67
N ILE A 114 -20.71 -23.92 -73.56
CA ILE A 114 -21.91 -24.17 -72.76
C ILE A 114 -22.41 -22.86 -72.16
N TYR A 115 -23.67 -22.85 -71.74
CA TYR A 115 -24.24 -21.66 -71.12
C TYR A 115 -23.38 -21.21 -69.94
N ILE A 116 -23.23 -19.89 -69.81
CA ILE A 116 -22.43 -19.32 -68.73
C ILE A 116 -22.88 -19.77 -67.34
N PRO A 117 -24.20 -19.77 -67.09
CA PRO A 117 -24.70 -20.26 -65.80
C PRO A 117 -24.24 -21.69 -65.52
N GLU A 118 -24.40 -22.57 -66.50
CA GLU A 118 -23.99 -23.97 -66.37
C GLU A 118 -22.48 -24.08 -66.17
N MET A 119 -21.74 -23.11 -66.69
CA MET A 119 -20.29 -23.11 -66.62
C MET A 119 -19.78 -22.69 -65.23
N ILE A 120 -20.35 -21.62 -64.69
CA ILE A 120 -19.86 -21.03 -63.45
C ILE A 120 -20.53 -21.60 -62.20
N PHE A 121 -21.51 -22.47 -62.39
CA PHE A 121 -22.22 -23.07 -61.26
C PHE A 121 -22.13 -24.59 -61.25
N GLY A 122 -21.73 -25.18 -62.37
CA GLY A 122 -21.65 -26.62 -62.50
C GLY A 122 -20.25 -27.16 -62.63
N HIS A 123 -19.29 -26.27 -62.88
CA HIS A 123 -17.90 -26.68 -63.05
C HIS A 123 -16.98 -26.00 -62.03
N LEU A 124 -16.05 -26.77 -61.48
CA LEU A 124 -15.07 -26.23 -60.54
C LEU A 124 -14.13 -25.26 -61.24
N LEU A 125 -13.52 -24.38 -60.46
CA LEU A 125 -12.57 -23.40 -60.98
C LEU A 125 -13.17 -22.54 -62.09
N THR A 126 -14.23 -21.82 -61.76
CA THR A 126 -14.87 -20.90 -62.69
C THR A 126 -15.27 -19.63 -61.97
N SER A 127 -14.68 -18.50 -62.37
CA SER A 127 -14.93 -17.23 -61.69
C SER A 127 -14.63 -16.03 -62.57
N SER A 128 -15.21 -14.90 -62.21
CA SER A 128 -14.95 -13.64 -62.91
C SER A 128 -13.84 -12.88 -62.21
N ASN A 129 -13.37 -13.43 -61.09
CA ASN A 129 -12.33 -12.79 -60.28
C ASN A 129 -10.94 -13.36 -60.56
N TYR A 130 -10.73 -13.87 -61.77
CA TYR A 130 -9.46 -14.49 -62.12
C TYR A 130 -8.43 -13.51 -62.66
N ASP A 131 -8.88 -12.38 -63.19
CA ASP A 131 -7.95 -11.34 -63.61
C ASP A 131 -7.72 -10.36 -62.45
N ASP A 132 -6.46 -10.23 -62.06
CA ASP A 132 -6.09 -9.38 -60.93
C ASP A 132 -5.50 -8.04 -61.36
N ASP A 133 -5.52 -7.78 -62.67
CA ASP A 133 -5.13 -6.48 -63.18
C ASP A 133 -6.09 -5.43 -62.66
N GLU A 134 -7.38 -5.79 -62.63
CA GLU A 134 -8.42 -4.93 -62.09
C GLU A 134 -8.52 -5.12 -60.59
N LYS A 135 -8.34 -4.03 -59.84
CA LYS A 135 -8.42 -4.10 -58.38
C LYS A 135 -9.86 -4.14 -57.92
N LYS A 136 -10.32 -5.33 -57.54
CA LYS A 136 -11.71 -5.54 -57.16
C LYS A 136 -11.86 -5.68 -55.65
N VAL A 137 -13.02 -5.28 -55.13
CA VAL A 137 -13.30 -5.40 -53.70
C VAL A 137 -14.41 -6.42 -53.44
N THR A 138 -14.51 -7.40 -54.33
CA THR A 138 -15.49 -8.46 -54.19
C THR A 138 -15.00 -9.51 -53.20
N GLY A 139 -15.88 -10.42 -52.79
CA GLY A 139 -15.50 -11.50 -51.89
C GLY A 139 -14.99 -12.67 -52.68
N GLY A 140 -15.58 -12.90 -53.85
CA GLY A 140 -15.15 -13.96 -54.73
C GLY A 140 -13.71 -13.80 -55.17
N ARG A 141 -12.90 -14.82 -54.90
CA ARG A 141 -11.48 -14.82 -55.27
C ARG A 141 -10.98 -16.05 -56.02
N ASN A 142 -11.60 -17.21 -55.77
CA ASN A 142 -11.03 -18.48 -56.20
C ASN A 142 -11.93 -19.30 -57.13
N GLY A 143 -13.23 -18.99 -57.14
CA GLY A 143 -14.16 -19.67 -58.02
C GLY A 143 -14.57 -21.05 -57.55
N TYR A 144 -14.80 -21.18 -56.24
CA TYR A 144 -15.24 -22.43 -55.65
C TYR A 144 -16.64 -22.29 -55.05
N GLY A 145 -16.94 -21.18 -54.39
CA GLY A 145 -18.05 -21.16 -53.45
C GLY A 145 -19.44 -21.57 -53.96
N ALA A 146 -19.84 -21.15 -55.15
CA ALA A 146 -21.07 -21.69 -55.75
C ALA A 146 -21.01 -23.21 -55.91
N LYS A 147 -19.92 -23.70 -56.49
CA LYS A 147 -19.77 -25.13 -56.72
C LYS A 147 -19.65 -25.92 -55.42
N LEU A 148 -19.00 -25.33 -54.42
CA LEU A 148 -18.86 -25.99 -53.13
C LEU A 148 -20.20 -26.15 -52.42
N CYS A 149 -21.15 -25.28 -52.74
CA CYS A 149 -22.50 -25.40 -52.20
C CYS A 149 -23.25 -26.48 -52.98
N ASN A 150 -23.06 -26.46 -54.29
CA ASN A 150 -23.67 -27.45 -55.17
C ASN A 150 -23.20 -28.87 -54.82
N ILE A 151 -21.88 -29.02 -54.67
CA ILE A 151 -21.29 -30.31 -54.35
C ILE A 151 -21.84 -30.90 -53.05
N PHE A 152 -22.19 -30.05 -52.09
CA PHE A 152 -22.65 -30.52 -50.78
C PHE A 152 -24.17 -30.74 -50.68
N SER A 153 -24.87 -30.53 -51.80
CA SER A 153 -26.32 -30.39 -51.83
C SER A 153 -26.96 -31.54 -52.61
N THR A 154 -28.01 -32.11 -52.05
CA THR A 154 -28.77 -33.15 -52.73
C THR A 154 -29.51 -32.53 -53.92
N GLU A 155 -29.79 -31.24 -53.80
CA GLU A 155 -30.49 -30.50 -54.84
C GLU A 155 -29.96 -29.07 -54.92
N PHE A 156 -29.71 -28.60 -56.14
CA PHE A 156 -29.21 -27.25 -56.36
C PHE A 156 -29.84 -26.65 -57.62
N ILE A 157 -30.49 -25.51 -57.47
CA ILE A 157 -31.20 -24.90 -58.60
C ILE A 157 -30.80 -23.44 -58.83
N LEU A 158 -30.47 -23.11 -60.07
CA LEU A 158 -30.15 -21.74 -60.43
C LEU A 158 -31.26 -21.16 -61.31
N GLU A 159 -31.75 -19.97 -60.93
CA GLU A 159 -32.78 -19.29 -61.70
C GLU A 159 -32.41 -17.82 -61.86
N THR A 160 -32.25 -17.37 -63.09
CA THR A 160 -31.83 -15.99 -63.36
C THR A 160 -32.55 -15.38 -64.55
N ALA A 161 -32.74 -14.06 -64.50
CA ALA A 161 -33.40 -13.35 -65.58
C ALA A 161 -32.45 -12.35 -66.24
N ASP A 162 -32.25 -12.51 -67.55
CA ASP A 162 -31.37 -11.62 -68.29
C ASP A 162 -32.19 -10.71 -69.20
N LEU A 163 -32.12 -9.41 -68.93
CA LEU A 163 -32.90 -8.43 -69.70
C LEU A 163 -32.25 -8.10 -71.04
N ASN A 164 -30.98 -8.45 -71.19
CA ASN A 164 -30.26 -8.25 -72.44
C ASN A 164 -30.82 -9.14 -73.54
N VAL A 165 -31.04 -10.41 -73.22
CA VAL A 165 -31.61 -11.36 -74.16
C VAL A 165 -33.10 -11.56 -73.91
N GLY A 166 -33.59 -10.96 -72.83
CA GLY A 166 -34.98 -11.07 -72.46
C GLY A 166 -35.41 -12.51 -72.25
N GLN A 167 -34.64 -13.24 -71.45
CA GLN A 167 -34.92 -14.65 -71.20
C GLN A 167 -34.85 -15.01 -69.71
N LYS A 168 -35.50 -16.11 -69.36
CA LYS A 168 -35.45 -16.65 -68.01
C LYS A 168 -34.74 -17.99 -68.03
N TYR A 169 -33.84 -18.21 -67.07
CA TYR A 169 -32.98 -19.38 -67.07
C TYR A 169 -33.12 -20.19 -65.78
N VAL A 170 -33.47 -21.46 -65.93
CA VAL A 170 -33.60 -22.34 -64.76
C VAL A 170 -32.93 -23.69 -65.01
N GLN A 171 -31.97 -24.03 -64.15
CA GLN A 171 -31.26 -25.30 -64.28
C GLN A 171 -31.11 -25.98 -62.92
N LYS A 172 -31.26 -27.30 -62.89
CA LYS A 172 -31.23 -28.03 -61.64
C LYS A 172 -30.13 -29.10 -61.60
N TRP A 173 -29.32 -29.04 -60.55
CA TRP A 173 -28.35 -30.10 -60.27
C TRP A 173 -28.87 -31.00 -59.17
N GLU A 174 -28.40 -32.25 -59.15
CA GLU A 174 -28.79 -33.19 -58.11
C GLU A 174 -27.60 -34.04 -57.67
N ASN A 175 -27.77 -34.74 -56.55
CA ASN A 175 -26.79 -35.75 -56.11
C ASN A 175 -25.34 -35.27 -56.06
N ASN A 176 -25.08 -34.16 -55.35
CA ASN A 176 -23.72 -33.61 -55.29
C ASN A 176 -23.12 -33.21 -56.63
N MET A 177 -23.87 -32.42 -57.40
CA MET A 177 -23.39 -31.89 -58.68
C MET A 177 -22.92 -32.98 -59.65
N SER A 178 -23.44 -34.19 -59.48
CA SER A 178 -23.12 -35.27 -60.40
C SER A 178 -24.19 -35.38 -61.48
N ILE A 179 -25.39 -34.89 -61.16
CA ILE A 179 -26.48 -34.85 -62.11
C ILE A 179 -26.71 -33.41 -62.57
N CYS A 180 -26.67 -33.19 -63.88
CA CYS A 180 -26.82 -31.85 -64.42
C CYS A 180 -27.94 -31.79 -65.47
N HIS A 181 -29.13 -31.41 -65.03
CA HIS A 181 -30.28 -31.30 -65.92
C HIS A 181 -30.14 -30.13 -66.87
N PRO A 182 -30.49 -30.34 -68.16
CA PRO A 182 -30.48 -29.26 -69.15
C PRO A 182 -31.36 -28.11 -68.68
N PRO A 183 -30.92 -26.86 -68.91
CA PRO A 183 -31.65 -25.68 -68.44
C PRO A 183 -32.92 -25.41 -69.25
N LYS A 184 -34.01 -25.09 -68.55
CA LYS A 184 -35.25 -24.70 -69.21
C LYS A 184 -35.25 -23.20 -69.43
N ILE A 185 -35.16 -22.79 -70.69
CA ILE A 185 -35.08 -21.37 -71.02
C ILE A 185 -36.38 -20.87 -71.65
N THR A 186 -36.93 -19.82 -71.06
CA THR A 186 -38.20 -19.26 -71.52
C THR A 186 -38.09 -17.76 -71.76
N SER A 187 -39.03 -17.22 -72.54
CA SER A 187 -39.06 -15.80 -72.82
C SER A 187 -39.40 -15.00 -71.57
N TYR A 188 -38.61 -13.97 -71.29
CA TYR A 188 -38.82 -13.15 -70.11
C TYR A 188 -38.86 -11.67 -70.47
N LYS A 189 -40.07 -11.12 -70.57
CA LYS A 189 -40.26 -9.73 -70.97
C LYS A 189 -40.93 -8.91 -69.87
N LYS A 190 -40.60 -7.62 -69.83
CA LYS A 190 -41.21 -6.70 -68.88
C LYS A 190 -41.15 -7.22 -67.44
N GLY A 191 -39.94 -7.50 -66.98
CA GLY A 191 -39.74 -7.99 -65.63
C GLY A 191 -38.35 -7.65 -65.13
N PRO A 192 -38.18 -7.60 -63.80
CA PRO A 192 -36.88 -7.26 -63.21
C PRO A 192 -35.87 -8.39 -63.33
N SER A 193 -34.60 -8.06 -63.51
CA SER A 193 -33.54 -9.04 -63.55
C SER A 193 -33.19 -9.48 -62.14
N TYR A 194 -32.89 -10.77 -61.97
CA TYR A 194 -32.63 -11.31 -60.64
C TYR A 194 -31.92 -12.66 -60.70
N THR A 195 -31.24 -13.01 -59.61
CA THR A 195 -30.63 -14.32 -59.48
C THR A 195 -31.12 -15.01 -58.21
N LYS A 196 -31.68 -16.19 -58.36
CA LYS A 196 -32.25 -16.92 -57.24
C LYS A 196 -31.64 -18.31 -57.08
N VAL A 197 -30.86 -18.49 -56.02
CA VAL A 197 -30.25 -19.79 -55.74
C VAL A 197 -30.99 -20.55 -54.65
N THR A 198 -31.45 -21.74 -54.97
CA THR A 198 -32.15 -22.58 -54.00
C THR A 198 -31.48 -23.95 -53.89
N PHE A 199 -31.08 -24.32 -52.68
CA PHE A 199 -30.37 -25.57 -52.47
C PHE A 199 -30.86 -26.36 -51.26
N LYS A 200 -30.84 -27.69 -51.39
CA LYS A 200 -31.18 -28.58 -50.29
C LYS A 200 -29.93 -29.32 -49.83
N PRO A 201 -29.34 -28.88 -48.71
CA PRO A 201 -28.08 -29.43 -48.19
C PRO A 201 -28.11 -30.95 -48.04
N ASP A 202 -27.00 -31.59 -48.40
CA ASP A 202 -26.86 -33.03 -48.22
C ASP A 202 -26.61 -33.32 -46.75
N LEU A 203 -27.66 -33.20 -45.94
CA LEU A 203 -27.55 -33.34 -44.49
C LEU A 203 -26.92 -34.65 -44.04
N THR A 204 -27.10 -35.70 -44.84
CA THR A 204 -26.54 -37.01 -44.51
C THR A 204 -25.02 -36.94 -44.43
N ARG A 205 -24.43 -36.09 -45.26
CA ARG A 205 -22.98 -35.90 -45.25
C ARG A 205 -22.54 -35.04 -44.06
N PHE A 206 -23.40 -34.10 -43.67
CA PHE A 206 -23.11 -33.24 -42.53
C PHE A 206 -23.46 -33.92 -41.21
N GLY A 207 -24.00 -35.13 -41.30
CA GLY A 207 -24.35 -35.89 -40.11
C GLY A 207 -25.54 -35.29 -39.38
N MET A 208 -26.51 -34.79 -40.12
CA MET A 208 -27.69 -34.18 -39.54
C MET A 208 -28.96 -34.73 -40.18
N LYS A 209 -29.99 -34.94 -39.36
CA LYS A 209 -31.28 -35.40 -39.87
C LYS A 209 -32.21 -34.24 -40.17
N GLU A 210 -31.86 -33.06 -39.67
CA GLU A 210 -32.64 -31.86 -39.91
C GLU A 210 -31.87 -30.61 -39.50
N LEU A 211 -32.38 -29.44 -39.86
CA LEU A 211 -31.77 -28.17 -39.49
C LEU A 211 -32.26 -27.74 -38.12
N ASP A 212 -31.52 -28.16 -37.08
CA ASP A 212 -31.81 -27.87 -35.67
C ASP A 212 -31.56 -26.41 -35.27
N ASN A 213 -32.14 -26.00 -34.14
CA ASN A 213 -32.17 -24.61 -33.75
C ASN A 213 -30.81 -23.94 -33.75
N ASP A 214 -29.76 -24.71 -33.46
CA ASP A 214 -28.41 -24.17 -33.39
C ASP A 214 -27.88 -23.69 -34.74
N ILE A 215 -27.96 -24.54 -35.75
CA ILE A 215 -27.49 -24.16 -37.08
C ILE A 215 -28.37 -23.08 -37.69
N LEU A 216 -29.66 -23.11 -37.35
CA LEU A 216 -30.60 -22.09 -37.82
C LEU A 216 -30.27 -20.72 -37.23
N GLY A 217 -30.15 -20.67 -35.89
CA GLY A 217 -29.84 -19.44 -35.21
C GLY A 217 -28.57 -18.77 -35.71
N VAL A 218 -27.62 -19.58 -36.15
CA VAL A 218 -26.35 -19.05 -36.66
C VAL A 218 -26.51 -18.51 -38.08
N MET A 219 -27.19 -19.27 -38.92
CA MET A 219 -27.44 -18.86 -40.30
C MET A 219 -28.17 -17.51 -40.33
N ARG A 220 -29.16 -17.37 -39.46
CA ARG A 220 -29.94 -16.14 -39.39
C ARG A 220 -29.07 -14.94 -39.03
N ARG A 221 -28.14 -15.15 -38.10
CA ARG A 221 -27.26 -14.07 -37.67
C ARG A 221 -26.25 -13.72 -38.75
N ARG A 222 -25.99 -14.67 -39.65
CA ARG A 222 -25.10 -14.43 -40.78
C ARG A 222 -25.80 -13.58 -41.83
N VAL A 223 -27.14 -13.54 -41.76
CA VAL A 223 -27.92 -12.72 -42.66
C VAL A 223 -27.95 -11.28 -42.17
N TYR A 224 -28.00 -11.11 -40.85
CA TYR A 224 -27.90 -9.79 -40.24
C TYR A 224 -26.51 -9.20 -40.52
N ASP A 225 -25.51 -10.07 -40.57
CA ASP A 225 -24.15 -9.64 -40.91
C ASP A 225 -24.13 -8.95 -42.26
N ILE A 226 -24.72 -9.61 -43.26
CA ILE A 226 -24.76 -9.07 -44.61
C ILE A 226 -25.43 -7.71 -44.67
N ASN A 227 -26.54 -7.57 -43.95
CA ASN A 227 -27.29 -6.33 -43.98
C ASN A 227 -26.38 -5.21 -43.49
N GLY A 228 -25.56 -5.53 -42.49
CA GLY A 228 -24.73 -4.53 -41.87
C GLY A 228 -23.46 -4.21 -42.64
N SER A 229 -22.84 -5.23 -43.23
CA SER A 229 -21.57 -5.07 -43.92
C SER A 229 -21.73 -4.53 -45.35
N VAL A 230 -22.89 -4.76 -45.95
CA VAL A 230 -23.16 -4.28 -47.30
C VAL A 230 -23.83 -2.91 -47.26
N ARG A 231 -23.47 -2.05 -48.21
CA ARG A 231 -23.97 -0.68 -48.22
C ARG A 231 -25.13 -0.47 -49.19
N ASP A 232 -26.20 0.14 -48.70
CA ASP A 232 -27.34 0.53 -49.53
C ASP A 232 -28.15 -0.64 -50.09
N ILE A 233 -28.41 -1.64 -49.25
CA ILE A 233 -29.28 -2.75 -49.63
C ILE A 233 -30.30 -3.04 -48.54
N ASN A 234 -31.32 -3.83 -48.89
CA ASN A 234 -32.35 -4.22 -47.94
C ASN A 234 -32.52 -5.73 -47.90
N VAL A 235 -32.25 -6.32 -46.75
CA VAL A 235 -32.28 -7.78 -46.61
C VAL A 235 -33.54 -8.26 -45.90
N TYR A 236 -34.09 -9.36 -46.40
CA TYR A 236 -35.32 -9.92 -45.83
C TYR A 236 -35.14 -11.38 -45.43
N LEU A 237 -35.53 -11.70 -44.20
CA LEU A 237 -35.45 -13.06 -43.70
C LEU A 237 -36.85 -13.67 -43.64
N ASN A 238 -37.14 -14.53 -44.61
CA ASN A 238 -38.48 -15.11 -44.75
C ASN A 238 -39.57 -14.06 -44.87
N GLY A 239 -39.37 -13.08 -45.75
CA GLY A 239 -40.36 -12.05 -45.99
C GLY A 239 -40.41 -11.00 -44.90
N LYS A 240 -39.38 -10.98 -44.06
CA LYS A 240 -39.33 -10.03 -42.95
C LYS A 240 -38.11 -9.13 -43.03
N SER A 241 -38.32 -7.82 -43.13
CA SER A 241 -37.23 -6.86 -43.22
C SER A 241 -36.34 -6.91 -41.98
N LEU A 242 -35.03 -6.78 -42.19
CA LEU A 242 -34.07 -6.85 -41.11
C LEU A 242 -33.82 -5.50 -40.44
N LYS A 243 -34.29 -4.43 -41.08
CA LYS A 243 -34.32 -3.10 -40.49
C LYS A 243 -33.00 -2.30 -40.54
N ILE A 244 -31.91 -2.91 -40.09
CA ILE A 244 -30.63 -2.19 -40.04
C ILE A 244 -30.22 -1.66 -41.41
N ARG A 245 -29.54 -0.52 -41.43
CA ARG A 245 -29.22 0.17 -42.67
C ARG A 245 -27.72 0.37 -42.91
N ASN A 246 -26.96 0.54 -41.83
CA ASN A 246 -25.51 0.72 -41.96
C ASN A 246 -24.73 -0.05 -40.90
N PHE A 247 -23.41 -0.10 -41.06
CA PHE A 247 -22.58 -0.91 -40.16
C PHE A 247 -22.68 -0.47 -38.70
N LYS A 248 -23.06 0.78 -38.47
CA LYS A 248 -23.23 1.25 -37.11
C LYS A 248 -24.47 0.63 -36.49
N ASN A 249 -25.57 0.66 -37.23
CA ASN A 249 -26.79 -0.01 -36.81
C ASN A 249 -26.50 -1.46 -36.43
N TYR A 250 -25.62 -2.09 -37.20
CA TYR A 250 -25.24 -3.48 -36.97
C TYR A 250 -24.48 -3.65 -35.65
N VAL A 251 -23.42 -2.88 -35.48
CA VAL A 251 -22.58 -2.97 -34.29
C VAL A 251 -23.38 -2.71 -33.01
N GLU A 252 -24.45 -1.93 -33.12
CA GLU A 252 -25.25 -1.59 -31.95
C GLU A 252 -26.16 -2.73 -31.50
N LEU A 253 -26.29 -3.76 -32.34
CA LEU A 253 -27.06 -4.95 -31.98
C LEU A 253 -26.37 -5.70 -30.84
N TYR A 254 -25.08 -5.45 -30.67
CA TYR A 254 -24.30 -6.10 -29.61
C TYR A 254 -24.27 -5.25 -28.35
N LEU A 255 -25.02 -4.15 -28.36
CA LEU A 255 -25.01 -3.22 -27.22
C LEU A 255 -25.40 -3.88 -25.91
N LYS A 256 -26.55 -4.55 -25.88
CA LYS A 256 -27.09 -5.11 -24.65
C LYS A 256 -26.19 -6.17 -24.02
N SER A 257 -25.42 -6.88 -24.84
CA SER A 257 -24.47 -7.86 -24.35
C SER A 257 -23.24 -7.18 -23.76
N LEU A 258 -22.70 -6.23 -24.50
CA LEU A 258 -21.54 -5.48 -24.05
C LEU A 258 -21.88 -4.63 -22.83
N ILE A 276 -19.05 7.98 -20.57
CA ILE A 276 -18.58 7.13 -21.67
C ILE A 276 -19.63 6.10 -22.05
N PRO A 277 -19.84 5.91 -23.38
CA PRO A 277 -20.79 4.94 -23.91
C PRO A 277 -20.31 3.51 -23.69
N THR A 278 -20.95 2.55 -24.37
CA THR A 278 -20.54 1.16 -24.31
C THR A 278 -19.92 0.74 -25.63
N ILE A 279 -20.35 1.39 -26.70
CA ILE A 279 -19.80 1.16 -28.04
C ILE A 279 -19.28 2.47 -28.65
N LEU A 280 -18.04 2.44 -29.13
CA LEU A 280 -17.44 3.63 -29.74
C LEU A 280 -17.20 3.40 -31.23
N TYR A 281 -18.06 3.99 -32.06
CA TYR A 281 -17.99 3.79 -33.50
C TYR A 281 -17.44 5.02 -34.20
N GLU A 282 -16.83 4.79 -35.35
CA GLU A 282 -16.44 5.84 -36.27
C GLU A 282 -16.28 5.24 -37.65
N ARG A 283 -16.39 6.09 -38.66
CA ARG A 283 -15.97 5.74 -40.01
C ARG A 283 -14.71 6.50 -40.39
N ILE A 284 -13.61 5.78 -40.60
CA ILE A 284 -12.33 6.39 -40.88
C ILE A 284 -12.23 6.87 -42.33
N ASN A 285 -12.79 6.10 -43.26
CA ASN A 285 -12.85 6.49 -44.65
C ASN A 285 -13.74 5.58 -45.50
N ASN A 286 -13.79 5.84 -46.80
CA ASN A 286 -14.65 5.11 -47.72
C ASN A 286 -14.50 3.59 -47.67
N ARG A 287 -13.42 3.10 -47.07
CA ARG A 287 -13.15 1.68 -47.04
C ARG A 287 -12.90 1.11 -45.64
N TRP A 288 -13.05 1.94 -44.62
CA TRP A 288 -12.78 1.50 -43.25
C TRP A 288 -13.78 2.01 -42.23
N GLU A 289 -14.37 1.09 -41.49
CA GLU A 289 -15.29 1.42 -40.39
C GLU A 289 -14.85 0.68 -39.14
N VAL A 290 -14.57 1.42 -38.07
CA VAL A 290 -14.07 0.82 -36.84
C VAL A 290 -14.97 1.11 -35.64
N ALA A 291 -15.20 0.09 -34.82
CA ALA A 291 -15.97 0.24 -33.59
C ALA A 291 -15.23 -0.41 -32.42
N PHE A 292 -15.30 0.21 -31.24
CA PHE A 292 -14.57 -0.29 -30.09
C PHE A 292 -15.44 -0.39 -28.83
N ALA A 293 -15.28 -1.48 -28.10
CA ALA A 293 -15.96 -1.68 -26.82
C ALA A 293 -15.03 -2.42 -25.87
N VAL A 294 -15.25 -2.24 -24.58
CA VAL A 294 -14.42 -2.89 -23.57
C VAL A 294 -14.84 -4.34 -23.40
N SER A 295 -13.89 -5.25 -23.58
CA SER A 295 -14.17 -6.68 -23.47
C SER A 295 -14.18 -7.12 -22.01
N ASP A 296 -14.89 -8.21 -21.74
CA ASP A 296 -15.08 -8.71 -20.38
C ASP A 296 -13.97 -9.67 -19.96
N ILE A 297 -13.71 -10.66 -20.80
CA ILE A 297 -12.78 -11.73 -20.43
C ILE A 297 -11.46 -11.67 -21.20
N SER A 298 -11.54 -11.47 -22.51
CA SER A 298 -10.33 -11.42 -23.34
C SER A 298 -10.60 -10.70 -24.65
N PHE A 299 -9.57 -10.58 -25.47
CA PHE A 299 -9.70 -9.93 -26.77
C PHE A 299 -10.78 -10.59 -27.62
N GLN A 300 -11.61 -9.78 -28.26
CA GLN A 300 -12.65 -10.28 -29.15
C GLN A 300 -12.70 -9.44 -30.41
N GLN A 301 -13.03 -10.06 -31.54
CA GLN A 301 -13.08 -9.33 -32.80
C GLN A 301 -14.20 -9.83 -33.72
N ILE A 302 -14.90 -8.88 -34.33
CA ILE A 302 -15.89 -9.19 -35.35
C ILE A 302 -15.60 -8.35 -36.59
N SER A 303 -14.92 -8.95 -37.56
CA SER A 303 -14.45 -8.23 -38.73
C SER A 303 -15.08 -8.71 -40.04
N PHE A 304 -15.03 -7.85 -41.06
CA PHE A 304 -15.59 -8.16 -42.36
C PHE A 304 -14.73 -7.62 -43.50
N VAL A 305 -14.15 -8.52 -44.28
CA VAL A 305 -13.39 -8.13 -45.46
C VAL A 305 -14.22 -8.38 -46.71
N ASN A 306 -14.79 -7.32 -47.28
CA ASN A 306 -15.67 -7.43 -48.42
C ASN A 306 -16.87 -8.32 -48.14
N SER A 307 -17.48 -8.15 -46.98
CA SER A 307 -18.71 -8.88 -46.66
C SER A 307 -18.33 -10.36 -46.50
N ILE A 308 -17.10 -10.60 -46.07
CA ILE A 308 -16.65 -11.96 -45.76
C ILE A 308 -16.40 -11.98 -44.27
N ALA A 309 -17.01 -12.93 -43.57
CA ALA A 309 -16.92 -12.93 -42.12
C ALA A 309 -15.57 -13.56 -41.82
N THR A 310 -14.59 -12.70 -41.53
CA THR A 310 -13.24 -13.14 -41.21
C THR A 310 -13.24 -13.38 -39.70
N THR A 311 -13.72 -14.56 -39.31
CA THR A 311 -13.91 -14.90 -37.90
C THR A 311 -12.61 -15.14 -37.14
N MET A 312 -11.55 -15.50 -37.86
CA MET A 312 -10.26 -15.76 -37.23
C MET A 312 -9.32 -14.56 -37.26
N GLY A 313 -9.74 -13.50 -37.94
CA GLY A 313 -8.95 -12.29 -38.03
C GLY A 313 -7.96 -12.35 -39.19
N GLY A 314 -6.75 -11.84 -38.95
CA GLY A 314 -5.72 -11.83 -39.98
C GLY A 314 -4.88 -10.58 -39.96
N THR A 315 -4.40 -10.18 -41.13
CA THR A 315 -3.53 -9.01 -41.26
C THR A 315 -4.28 -7.70 -41.00
N HIS A 316 -5.55 -7.64 -41.41
CA HIS A 316 -6.35 -6.44 -41.26
C HIS A 316 -6.68 -6.14 -39.79
N VAL A 317 -7.17 -7.15 -39.08
CA VAL A 317 -7.45 -7.01 -37.66
C VAL A 317 -6.22 -6.53 -36.91
N ASN A 318 -5.12 -7.24 -37.08
CA ASN A 318 -3.86 -6.88 -36.45
C ASN A 318 -3.42 -5.47 -36.83
N TYR A 319 -3.63 -5.09 -38.08
CA TYR A 319 -3.27 -3.75 -38.54
C TYR A 319 -3.96 -2.69 -37.70
N ILE A 320 -5.22 -2.93 -37.34
CA ILE A 320 -5.98 -2.00 -36.51
C ILE A 320 -5.53 -2.08 -35.05
N THR A 321 -5.53 -3.29 -34.50
CA THR A 321 -5.19 -3.48 -33.09
C THR A 321 -3.75 -3.09 -32.77
N ASP A 322 -2.83 -3.38 -33.68
CA ASP A 322 -1.42 -3.03 -33.48
C ASP A 322 -1.23 -1.52 -33.31
N GLN A 323 -2.16 -0.73 -33.86
CA GLN A 323 -2.12 0.71 -33.69
C GLN A 323 -2.67 1.11 -32.32
N ILE A 324 -3.94 0.80 -32.08
CA ILE A 324 -4.61 1.15 -30.84
C ILE A 324 -3.81 0.71 -29.61
N VAL A 325 -3.15 -0.44 -29.71
CA VAL A 325 -2.31 -0.93 -28.62
C VAL A 325 -1.02 -0.13 -28.51
N LYS A 326 -0.46 0.24 -29.67
CA LYS A 326 0.78 1.00 -29.72
C LYS A 326 0.60 2.41 -29.13
N LYS A 327 -0.41 3.12 -29.62
CA LYS A 327 -0.65 4.49 -29.20
C LYS A 327 -1.04 4.57 -27.72
N ILE A 328 -1.88 3.66 -27.27
CA ILE A 328 -2.27 3.61 -25.86
C ILE A 328 -1.04 3.41 -24.99
N SER A 329 -0.16 2.51 -25.38
CA SER A 329 0.99 2.16 -24.54
C SER A 329 1.89 3.36 -24.27
N GLU A 330 2.08 4.15 -25.32
CA GLU A 330 2.85 5.38 -25.26
C GLU A 330 2.17 6.37 -24.33
N ILE A 331 0.84 6.48 -24.43
CA ILE A 331 0.11 7.40 -23.56
C ILE A 331 0.16 6.97 -22.10
N LEU A 332 -0.07 5.69 -21.84
CA LEU A 332 0.02 5.19 -20.47
C LEU A 332 1.44 5.31 -19.93
N LYS A 333 2.41 4.93 -20.75
CA LYS A 333 3.83 5.00 -20.39
C LYS A 333 4.33 6.43 -20.17
N LYS A 334 3.93 7.32 -21.07
CA LYS A 334 4.41 8.71 -21.05
C LYS A 334 3.97 9.46 -19.79
N LYS A 335 2.74 9.24 -19.37
CA LYS A 335 2.16 9.98 -18.26
C LYS A 335 2.72 9.51 -16.93
N LYS A 336 2.85 8.20 -16.81
CA LYS A 336 3.39 7.58 -15.62
C LYS A 336 4.29 6.42 -16.01
N LYS A 337 5.24 6.07 -15.14
CA LYS A 337 6.16 4.96 -15.40
C LYS A 337 5.52 3.55 -15.29
N LYS A 338 6.18 2.55 -15.87
CA LYS A 338 5.76 1.15 -15.75
C LYS A 338 4.69 0.61 -16.72
N SER A 339 4.36 1.36 -17.76
CA SER A 339 3.32 0.99 -18.72
C SER A 339 3.31 -0.53 -19.01
N VAL A 340 2.11 -1.08 -19.16
CA VAL A 340 1.88 -2.53 -19.31
C VAL A 340 2.26 -3.18 -20.64
N LYS A 341 2.53 -4.49 -20.57
CA LYS A 341 2.78 -5.34 -21.73
C LYS A 341 1.65 -5.25 -22.75
N SER A 342 1.99 -5.40 -24.02
CA SER A 342 1.04 -5.22 -25.11
C SER A 342 -0.22 -6.08 -24.99
N PHE A 343 -0.04 -7.34 -24.58
CA PHE A 343 -1.16 -8.28 -24.52
C PHE A 343 -2.23 -7.88 -23.51
N GLN A 344 -1.79 -7.21 -22.43
CA GLN A 344 -2.72 -6.79 -21.39
C GLN A 344 -3.65 -5.67 -21.87
N ILE A 345 -3.19 -4.88 -22.84
CA ILE A 345 -4.01 -3.83 -23.43
C ILE A 345 -4.95 -4.44 -24.46
N LYS A 346 -4.42 -5.29 -25.32
CA LYS A 346 -5.19 -5.91 -26.39
C LYS A 346 -6.35 -6.76 -25.85
N ASN A 347 -6.08 -7.53 -24.80
CA ASN A 347 -7.08 -8.45 -24.26
C ASN A 347 -8.13 -7.78 -23.38
N ASN A 348 -8.23 -6.45 -23.46
CA ASN A 348 -9.31 -5.73 -22.82
C ASN A 348 -10.10 -4.95 -23.86
N MET A 349 -9.97 -5.37 -25.11
CA MET A 349 -10.65 -4.71 -26.22
C MET A 349 -11.67 -5.61 -26.89
N PHE A 350 -12.71 -5.00 -27.44
CA PHE A 350 -13.59 -5.63 -28.38
C PHE A 350 -13.45 -4.77 -29.62
N ILE A 351 -13.05 -5.37 -30.73
CA ILE A 351 -12.87 -4.58 -31.94
C ILE A 351 -13.79 -5.00 -33.09
N PHE A 352 -14.58 -4.05 -33.58
CA PHE A 352 -15.43 -4.27 -34.75
C PHE A 352 -14.79 -3.64 -35.97
N ILE A 353 -14.70 -4.40 -37.06
CA ILE A 353 -14.08 -3.90 -38.28
C ILE A 353 -14.88 -4.24 -39.54
N ASN A 354 -15.14 -3.24 -40.36
CA ASN A 354 -15.80 -3.44 -41.65
C ASN A 354 -15.01 -2.74 -42.74
N CYS A 355 -14.26 -3.52 -43.52
CA CYS A 355 -13.34 -2.94 -44.49
C CYS A 355 -13.44 -3.55 -45.88
N LEU A 356 -12.83 -2.87 -46.86
CA LEU A 356 -12.83 -3.32 -48.23
C LEU A 356 -11.40 -3.43 -48.75
N ILE A 357 -10.91 -4.65 -48.91
CA ILE A 357 -9.54 -4.89 -49.36
C ILE A 357 -9.49 -5.31 -50.82
N GLU A 358 -8.57 -4.70 -51.57
CA GLU A 358 -8.41 -5.00 -52.99
C GLU A 358 -7.82 -6.39 -53.19
N ASN A 359 -8.48 -7.21 -54.01
CA ASN A 359 -8.03 -8.57 -54.30
C ASN A 359 -7.39 -9.24 -53.10
N PRO A 360 -8.19 -9.50 -52.05
CA PRO A 360 -7.68 -10.09 -50.80
C PRO A 360 -7.18 -11.52 -50.99
N ALA A 361 -6.39 -11.99 -50.03
CA ALA A 361 -5.89 -13.35 -50.03
C ALA A 361 -6.10 -13.94 -48.64
N PHE A 362 -6.45 -15.21 -48.58
CA PHE A 362 -6.78 -15.85 -47.31
C PHE A 362 -5.95 -17.10 -47.06
N THR A 363 -6.21 -17.75 -45.92
CA THR A 363 -5.52 -18.97 -45.55
C THR A 363 -6.12 -20.17 -46.28
N SER A 364 -7.43 -20.13 -46.47
CA SER A 364 -8.13 -21.20 -47.19
C SER A 364 -9.33 -20.67 -47.95
N GLN A 365 -10.01 -21.54 -48.68
CA GLN A 365 -11.18 -21.14 -49.47
C GLN A 365 -12.29 -20.60 -48.57
N THR A 366 -12.32 -21.06 -47.32
CA THR A 366 -13.33 -20.60 -46.37
C THR A 366 -13.16 -19.12 -46.07
N LYS A 367 -11.95 -18.61 -46.27
CA LYS A 367 -11.65 -17.18 -46.06
C LYS A 367 -12.00 -16.72 -44.65
N GLU A 368 -11.39 -17.35 -43.66
CA GLU A 368 -11.60 -16.95 -42.27
C GLU A 368 -10.48 -16.04 -41.80
N GLN A 369 -9.35 -16.10 -42.49
CA GLN A 369 -8.16 -15.36 -42.09
C GLN A 369 -7.47 -14.68 -43.27
N LEU A 370 -7.49 -13.35 -43.27
CA LEU A 370 -6.85 -12.56 -44.31
C LEU A 370 -5.34 -12.58 -44.11
N THR A 371 -4.60 -12.66 -45.21
CA THR A 371 -3.14 -12.69 -45.15
C THR A 371 -2.53 -11.58 -45.99
N THR A 372 -3.37 -10.87 -46.73
CA THR A 372 -2.91 -9.78 -47.59
C THR A 372 -2.14 -8.74 -46.78
N ARG A 373 -0.87 -8.56 -47.12
CA ARG A 373 -0.02 -7.57 -46.45
C ARG A 373 -0.70 -6.20 -46.46
N VAL A 374 -0.42 -5.42 -45.42
CA VAL A 374 -1.02 -4.09 -45.26
C VAL A 374 -0.77 -3.18 -46.47
N LYS A 375 0.44 -3.24 -47.01
CA LYS A 375 0.82 -2.37 -48.11
C LYS A 375 0.09 -2.70 -49.42
N ASP A 376 -0.67 -3.78 -49.42
CA ASP A 376 -1.42 -4.18 -50.60
C ASP A 376 -2.93 -3.99 -50.41
N PHE A 377 -3.31 -3.42 -49.28
CA PHE A 377 -4.72 -3.22 -48.95
C PHE A 377 -5.50 -2.45 -50.02
N GLY A 378 -4.82 -1.55 -50.72
CA GLY A 378 -5.48 -0.69 -51.68
C GLY A 378 -6.08 0.52 -50.99
N SER A 379 -5.66 0.71 -49.73
CA SER A 379 -6.13 1.81 -48.91
C SER A 379 -5.56 1.67 -47.50
N ARG A 380 -5.46 2.78 -46.78
CA ARG A 380 -4.95 2.75 -45.41
C ARG A 380 -5.97 3.30 -44.42
N CYS A 381 -5.83 2.92 -43.15
CA CYS A 381 -6.77 3.32 -42.09
C CYS A 381 -5.83 3.82 -40.99
N GLU A 382 -5.82 5.12 -40.75
CA GLU A 382 -4.95 5.72 -39.75
C GLU A 382 -5.93 6.03 -38.62
N ILE A 383 -5.78 5.33 -37.50
CA ILE A 383 -6.60 5.59 -36.33
C ILE A 383 -6.21 6.91 -35.69
N PRO A 384 -7.15 7.86 -35.65
CA PRO A 384 -6.92 9.22 -35.16
C PRO A 384 -6.64 9.25 -33.66
N LEU A 385 -6.07 10.35 -33.19
CA LEU A 385 -5.77 10.51 -31.77
C LEU A 385 -7.05 10.73 -30.99
N GLU A 386 -8.00 11.44 -31.59
CA GLU A 386 -9.28 11.69 -30.95
C GLU A 386 -9.96 10.38 -30.55
N TYR A 387 -9.85 9.38 -31.42
CA TYR A 387 -10.45 8.08 -31.16
C TYR A 387 -9.82 7.43 -29.94
N ILE A 388 -8.49 7.44 -29.90
CA ILE A 388 -7.73 6.85 -28.80
C ILE A 388 -8.04 7.51 -27.46
N ASN A 389 -8.22 8.83 -27.47
CA ASN A 389 -8.51 9.56 -26.24
C ASN A 389 -9.92 9.28 -25.71
N LYS A 390 -10.77 8.69 -26.55
CA LYS A 390 -12.11 8.31 -26.13
C LYS A 390 -12.10 6.92 -25.54
N ILE A 391 -11.34 6.02 -26.16
CA ILE A 391 -11.09 4.70 -25.60
C ILE A 391 -10.52 4.86 -24.20
N MET A 392 -9.68 5.89 -24.03
CA MET A 392 -9.06 6.15 -22.73
C MET A 392 -10.07 6.71 -21.75
N LYS A 393 -11.29 6.97 -22.21
CA LYS A 393 -12.36 7.45 -21.34
C LYS A 393 -13.25 6.31 -20.87
N THR A 394 -12.96 5.10 -21.32
CA THR A 394 -13.74 3.93 -20.93
C THR A 394 -13.00 3.18 -19.84
N ASP A 395 -13.58 2.08 -19.37
CA ASP A 395 -12.99 1.29 -18.29
C ASP A 395 -11.60 0.75 -18.64
N LEU A 396 -11.32 0.58 -19.92
CA LEU A 396 -10.04 0.04 -20.37
C LEU A 396 -8.87 0.82 -19.77
N ALA A 397 -9.03 2.13 -19.65
CA ALA A 397 -7.99 2.99 -19.09
C ALA A 397 -7.78 2.74 -17.61
N THR A 398 -8.86 2.90 -16.84
CA THR A 398 -8.81 2.67 -15.40
C THR A 398 -8.38 1.24 -15.10
N ARG A 399 -8.39 0.41 -16.13
CA ARG A 399 -7.97 -0.97 -16.03
C ARG A 399 -6.44 -1.04 -16.07
N MET A 400 -5.85 -0.32 -17.02
CA MET A 400 -4.40 -0.32 -17.22
C MET A 400 -3.67 0.46 -16.12
N PHE A 401 -4.35 1.45 -15.56
CA PHE A 401 -3.81 2.19 -14.42
C PHE A 401 -3.72 1.27 -13.21
N GLU A 402 -4.64 0.30 -13.14
CA GLU A 402 -4.67 -0.66 -12.05
C GLU A 402 -3.48 -1.61 -12.13
N ILE A 403 -3.08 -1.91 -13.36
CA ILE A 403 -1.93 -2.78 -13.59
C ILE A 403 -0.64 -1.96 -13.58
N ALA A 404 -0.76 -0.67 -13.88
CA ALA A 404 0.39 0.23 -13.92
C ALA A 404 0.91 0.52 -12.51
N ASP A 405 -0.01 0.80 -11.59
CA ASP A 405 0.35 1.11 -10.22
C ASP A 405 0.98 -0.08 -9.51
N ALA A 406 0.65 -1.28 -9.96
CA ALA A 406 1.18 -2.51 -9.38
C ALA A 406 2.47 -2.94 -10.06
N ASN A 407 3.15 -1.98 -10.67
CA ASN A 407 4.40 -2.26 -11.37
C ASN A 407 5.59 -1.54 -10.75
N GLU A 408 6.67 -2.28 -10.49
CA GLU A 408 7.87 -1.69 -9.89
C GLU A 408 9.00 -1.61 -10.91
N SER A 421 28.10 -4.93 -10.55
CA SER A 421 26.66 -5.09 -10.44
C SER A 421 26.12 -4.39 -9.20
N ARG A 422 25.07 -3.59 -9.39
CA ARG A 422 24.43 -2.88 -8.29
C ARG A 422 22.97 -3.26 -8.18
N ILE A 423 22.33 -2.85 -7.10
CA ILE A 423 20.91 -3.15 -6.89
C ILE A 423 20.06 -1.88 -6.88
N THR A 424 19.07 -1.85 -7.76
CA THR A 424 18.15 -0.71 -7.83
C THR A 424 16.84 -1.06 -7.14
N ASN A 425 16.60 -2.35 -6.94
CA ASN A 425 15.36 -2.81 -6.35
C ASN A 425 15.09 -2.23 -4.96
N TYR A 426 16.15 -1.96 -4.20
CA TYR A 426 16.00 -1.52 -2.82
C TYR A 426 16.73 -0.20 -2.57
N PRO A 427 15.97 0.89 -2.45
CA PRO A 427 16.48 2.26 -2.24
C PRO A 427 17.31 2.39 -0.96
N LYS A 428 16.81 1.94 0.16
CA LYS A 428 17.47 2.24 1.42
C LYS A 428 18.90 1.70 1.39
N LEU A 429 19.11 0.69 0.55
CA LEU A 429 20.29 -0.16 0.62
C LEU A 429 21.55 0.63 0.26
N GLU A 430 22.49 0.70 1.19
CA GLU A 430 23.81 1.23 0.91
C GLU A 430 24.72 0.09 0.46
N ASP A 431 24.70 -0.20 -0.83
CA ASP A 431 25.43 -1.34 -1.37
C ASP A 431 26.94 -1.11 -1.39
N ALA A 432 27.68 -1.97 -0.71
CA ALA A 432 29.14 -1.89 -0.70
C ALA A 432 29.66 -1.81 -2.13
N ASN A 433 30.60 -0.90 -2.37
CA ASN A 433 31.10 -0.65 -3.71
C ASN A 433 31.57 -1.92 -4.43
N LYS A 434 32.14 -2.87 -3.69
CA LYS A 434 32.68 -4.10 -4.29
C LYS A 434 31.75 -5.31 -4.24
N ALA A 435 30.50 -5.09 -3.84
CA ALA A 435 29.58 -6.13 -3.42
C ALA A 435 29.19 -7.06 -4.57
N GLY A 436 29.47 -8.34 -4.41
CA GLY A 436 29.11 -9.33 -5.42
C GLY A 436 30.20 -9.60 -6.42
N THR A 437 31.04 -8.57 -6.54
CA THR A 437 32.26 -8.52 -7.32
C THR A 437 33.30 -9.46 -6.71
N LYS A 438 34.46 -9.47 -7.36
CA LYS A 438 35.47 -10.52 -7.26
C LYS A 438 35.80 -10.54 -5.77
N GLU A 439 35.33 -9.53 -5.05
CA GLU A 439 35.56 -9.44 -3.61
C GLU A 439 34.27 -9.59 -2.81
N GLY A 440 33.33 -10.35 -3.38
CA GLY A 440 32.06 -10.57 -2.72
C GLY A 440 32.22 -11.21 -1.35
N TYR A 441 33.28 -12.00 -1.20
CA TYR A 441 33.52 -12.72 0.05
C TYR A 441 34.09 -11.81 1.15
N LYS A 442 34.79 -10.76 0.73
CA LYS A 442 35.40 -9.83 1.69
C LYS A 442 34.38 -8.87 2.29
N CYS A 443 33.56 -8.28 1.43
CA CYS A 443 32.59 -7.27 1.85
C CYS A 443 31.64 -7.77 2.94
N THR A 444 31.10 -6.85 3.72
CA THR A 444 30.20 -7.19 4.81
C THR A 444 28.91 -6.39 4.75
N LEU A 445 27.78 -7.08 4.87
CA LEU A 445 26.48 -6.42 4.88
C LEU A 445 25.99 -6.25 6.31
N VAL A 446 25.67 -5.01 6.69
CA VAL A 446 25.23 -4.72 8.04
C VAL A 446 23.71 -4.52 8.12
N LEU A 447 23.01 -5.48 8.72
CA LEU A 447 21.57 -5.38 8.92
C LEU A 447 21.29 -4.61 10.20
N THR A 448 20.35 -3.66 10.13
CA THR A 448 20.11 -2.78 11.27
C THR A 448 18.67 -2.84 11.78
N GLU A 449 18.52 -2.81 13.10
CA GLU A 449 17.20 -2.75 13.71
C GLU A 449 16.69 -1.32 13.73
N GLY A 450 15.85 -0.99 12.76
CA GLY A 450 15.25 0.32 12.68
C GLY A 450 16.13 1.35 12.00
N ASP A 451 15.51 2.46 11.58
CA ASP A 451 16.22 3.50 10.85
C ASP A 451 17.16 4.31 11.76
N SER A 452 17.03 4.13 13.07
CA SER A 452 17.98 4.72 13.99
C SER A 452 19.31 4.02 13.83
N ALA A 453 19.31 2.71 14.11
CA ALA A 453 20.46 1.86 13.88
C ALA A 453 20.98 2.07 12.47
N LEU A 454 20.07 2.12 11.50
CA LEU A 454 20.47 2.33 10.11
C LEU A 454 21.29 3.60 9.96
N SER A 455 20.75 4.71 10.46
CA SER A 455 21.45 5.99 10.38
C SER A 455 22.84 5.88 10.99
N LEU A 456 22.92 5.23 12.15
CA LEU A 456 24.22 5.04 12.79
C LEU A 456 25.18 4.29 11.88
N ALA A 457 24.70 3.22 11.26
CA ALA A 457 25.53 2.40 10.38
C ALA A 457 26.04 3.19 9.18
N VAL A 458 25.13 3.86 8.49
CA VAL A 458 25.50 4.68 7.34
C VAL A 458 26.50 5.74 7.76
N ALA A 459 26.39 6.19 9.01
CA ALA A 459 27.39 7.09 9.57
C ALA A 459 28.73 6.39 9.71
N GLY A 460 28.68 5.10 10.06
CA GLY A 460 29.88 4.30 10.21
C GLY A 460 30.60 4.07 8.90
N LEU A 461 29.83 4.02 7.82
CA LEU A 461 30.42 3.90 6.49
C LEU A 461 31.46 5.00 6.25
N ALA A 462 31.18 6.19 6.80
CA ALA A 462 32.07 7.33 6.66
C ALA A 462 33.37 7.14 7.43
N VAL A 463 33.51 6.00 8.10
CA VAL A 463 34.69 5.72 8.88
C VAL A 463 35.37 4.43 8.41
N VAL A 464 34.58 3.45 7.99
CA VAL A 464 35.13 2.16 7.60
C VAL A 464 35.20 1.95 6.08
N GLY A 465 34.82 2.98 5.33
CA GLY A 465 34.88 2.91 3.88
C GLY A 465 33.74 2.10 3.29
N ARG A 466 33.29 2.49 2.10
CA ARG A 466 32.17 1.83 1.43
C ARG A 466 32.57 0.53 0.72
N ASP A 467 33.76 0.52 0.13
CA ASP A 467 34.22 -0.60 -0.70
C ASP A 467 33.86 -1.98 -0.16
N TYR A 468 34.01 -2.18 1.15
CA TYR A 468 33.80 -3.51 1.73
C TYR A 468 32.73 -3.52 2.80
N TYR A 469 31.83 -2.53 2.77
CA TYR A 469 30.78 -2.46 3.77
C TYR A 469 29.48 -1.85 3.25
N GLY A 470 28.38 -2.56 3.46
CA GLY A 470 27.05 -2.08 3.12
C GLY A 470 26.14 -2.16 4.33
N CYS A 471 24.87 -1.80 4.14
CA CYS A 471 23.92 -1.85 5.24
C CYS A 471 22.47 -1.81 4.75
N TYR A 472 21.61 -2.56 5.43
CA TYR A 472 20.19 -2.60 5.10
C TYR A 472 19.36 -2.69 6.38
N PRO A 473 18.28 -1.94 6.45
CA PRO A 473 17.49 -1.90 7.67
C PRO A 473 16.42 -2.97 7.65
N LEU A 474 16.49 -3.87 8.62
CA LEU A 474 15.42 -4.83 8.86
C LEU A 474 14.20 -4.01 9.29
N ARG A 475 13.05 -4.32 8.72
CA ARG A 475 11.85 -3.58 9.06
C ARG A 475 11.50 -3.73 10.54
N GLY A 476 11.11 -4.94 10.95
CA GLY A 476 10.77 -5.17 12.34
C GLY A 476 11.05 -6.60 12.79
N LYS A 477 10.19 -7.12 13.64
CA LYS A 477 10.41 -8.48 14.09
C LYS A 477 10.39 -9.24 12.79
N MET A 478 11.41 -10.07 12.60
CA MET A 478 11.55 -10.85 11.38
C MET A 478 10.61 -12.05 11.35
N LEU A 479 10.36 -12.57 10.15
CA LEU A 479 9.47 -13.72 9.96
C LEU A 479 10.15 -15.04 10.29
N ASN A 480 9.62 -15.76 11.27
CA ASN A 480 10.08 -17.10 11.58
C ASN A 480 9.83 -18.02 10.39
N VAL A 481 10.90 -18.43 9.72
CA VAL A 481 10.79 -19.14 8.45
C VAL A 481 10.33 -20.59 8.59
N ARG A 482 10.77 -21.27 9.64
CA ARG A 482 10.25 -22.61 9.90
C ARG A 482 8.81 -22.50 10.37
N GLU A 483 7.99 -23.46 9.96
CA GLU A 483 6.58 -23.43 10.31
C GLU A 483 5.97 -22.26 9.56
N ALA A 484 6.46 -22.03 8.33
CA ALA A 484 5.94 -20.94 7.51
C ALA A 484 5.74 -21.53 6.11
N SER A 485 4.65 -21.16 5.46
CA SER A 485 4.35 -21.60 4.11
C SER A 485 5.31 -20.95 3.12
N ALA A 486 5.70 -21.70 2.10
CA ALA A 486 6.60 -21.18 1.07
C ALA A 486 6.08 -19.88 0.50
N ASP A 487 4.76 -19.77 0.44
CA ASP A 487 4.11 -18.57 -0.11
C ASP A 487 4.24 -17.38 0.84
N GLN A 488 4.12 -17.64 2.14
CA GLN A 488 4.26 -16.57 3.13
C GLN A 488 5.69 -16.05 3.13
N ILE A 489 6.65 -16.94 2.93
CA ILE A 489 8.05 -16.56 2.86
C ILE A 489 8.32 -15.77 1.58
N LEU A 490 7.76 -16.24 0.48
CA LEU A 490 7.93 -15.60 -0.82
C LEU A 490 7.32 -14.20 -0.80
N LYS A 491 6.23 -14.05 -0.05
CA LYS A 491 5.50 -12.78 0.00
C LYS A 491 6.18 -11.75 0.89
N ASN A 492 7.02 -12.22 1.81
CA ASN A 492 7.62 -11.29 2.73
C ASN A 492 8.72 -10.60 1.98
N ALA A 493 8.44 -9.35 1.62
CA ALA A 493 9.39 -8.50 0.89
C ALA A 493 10.72 -8.34 1.61
N GLU A 494 10.70 -8.36 2.95
CA GLU A 494 11.92 -8.22 3.78
C GLU A 494 12.99 -9.33 3.71
N ILE A 495 12.56 -10.59 3.75
CA ILE A 495 13.41 -11.75 3.52
C ILE A 495 13.90 -11.80 2.09
N GLN A 496 13.00 -11.57 1.14
CA GLN A 496 13.35 -11.56 -0.28
C GLN A 496 14.43 -10.53 -0.56
N ALA A 497 14.22 -9.31 -0.09
CA ALA A 497 15.20 -8.25 -0.23
C ALA A 497 16.55 -8.72 0.29
N ILE A 498 16.55 -9.37 1.45
CA ILE A 498 17.79 -9.90 2.01
C ILE A 498 18.44 -10.91 1.07
N LYS A 499 17.64 -11.82 0.54
CA LYS A 499 18.14 -12.86 -0.35
C LYS A 499 18.72 -12.30 -1.64
N LYS A 500 18.19 -11.17 -2.08
CA LYS A 500 18.67 -10.56 -3.32
C LYS A 500 19.90 -9.69 -3.09
N ILE A 501 19.97 -9.05 -1.94
CA ILE A 501 21.12 -8.23 -1.60
C ILE A 501 22.37 -9.08 -1.34
N MET A 502 22.16 -10.22 -0.70
CA MET A 502 23.26 -11.12 -0.37
C MET A 502 23.53 -12.12 -1.49
N GLY A 503 22.67 -12.14 -2.50
CA GLY A 503 22.77 -13.12 -3.55
C GLY A 503 22.64 -14.51 -2.98
N LEU A 504 21.48 -14.78 -2.39
CA LEU A 504 21.24 -16.04 -1.68
C LEU A 504 20.21 -16.94 -2.34
N GLN A 505 20.50 -18.24 -2.34
CA GLN A 505 19.57 -19.25 -2.85
C GLN A 505 19.63 -20.47 -1.95
N HIS A 506 18.55 -21.23 -1.87
CA HIS A 506 18.49 -22.40 -1.00
C HIS A 506 19.30 -23.57 -1.56
N ARG A 507 19.31 -23.70 -2.89
CA ARG A 507 19.89 -24.85 -3.57
C ARG A 507 21.12 -25.45 -2.89
N LYS A 508 21.15 -26.78 -2.84
CA LYS A 508 22.26 -27.54 -2.26
C LYS A 508 22.63 -27.09 -0.84
N LYS A 509 23.85 -27.44 -0.45
CA LYS A 509 24.39 -27.06 0.85
C LYS A 509 25.54 -26.08 0.64
N TYR A 510 25.51 -24.95 1.34
CA TYR A 510 26.53 -23.93 1.17
C TYR A 510 27.90 -24.36 1.70
N GLU A 511 28.85 -24.51 0.77
CA GLU A 511 30.21 -24.89 1.11
C GLU A 511 31.07 -23.66 1.39
N ASP A 512 31.02 -22.69 0.48
CA ASP A 512 31.82 -21.47 0.61
C ASP A 512 30.99 -20.21 0.37
N THR A 513 31.45 -19.07 0.84
CA THR A 513 30.72 -17.82 0.63
C THR A 513 30.69 -17.43 -0.85
N LYS A 514 31.63 -18.01 -1.59
CA LYS A 514 32.15 -17.52 -2.86
C LYS A 514 31.00 -17.11 -3.79
N SER A 515 29.85 -17.76 -3.62
CA SER A 515 28.72 -17.56 -4.51
C SER A 515 27.86 -16.36 -4.15
N LEU A 516 28.19 -15.70 -3.05
CA LEU A 516 27.35 -14.63 -2.52
C LEU A 516 27.84 -13.24 -2.89
N ARG A 517 26.92 -12.28 -2.85
CA ARG A 517 27.25 -10.87 -3.04
C ARG A 517 28.13 -10.41 -1.88
N TYR A 518 27.79 -10.86 -0.68
CA TYR A 518 28.56 -10.54 0.52
C TYR A 518 29.09 -11.82 1.17
N GLY A 519 30.22 -11.72 1.83
CA GLY A 519 30.83 -12.86 2.49
C GLY A 519 30.66 -12.82 3.98
N HIS A 520 30.20 -11.68 4.50
CA HIS A 520 29.99 -11.52 5.94
C HIS A 520 28.68 -10.78 6.23
N LEU A 521 28.02 -11.19 7.31
CA LEU A 521 26.77 -10.54 7.72
C LEU A 521 26.89 -10.07 9.17
N MET A 522 26.65 -8.79 9.38
CA MET A 522 26.77 -8.19 10.71
C MET A 522 25.41 -7.73 11.22
N ILE A 523 25.13 -8.02 12.49
CA ILE A 523 23.83 -7.69 13.08
C ILE A 523 23.93 -6.51 14.04
N MET A 524 23.15 -5.47 13.78
CA MET A 524 23.13 -4.28 14.63
C MET A 524 21.76 -4.08 15.28
N THR A 525 21.63 -4.57 16.52
CA THR A 525 20.39 -4.40 17.28
C THR A 525 20.64 -3.53 18.51
N ASP A 526 19.63 -2.77 18.91
CA ASP A 526 19.76 -1.76 19.96
C ASP A 526 20.44 -2.21 21.25
N GLN A 527 20.69 -3.51 21.37
CA GLN A 527 21.31 -4.08 22.57
C GLN A 527 20.26 -4.25 23.68
N ASP A 528 19.00 -4.29 23.29
CA ASP A 528 17.91 -4.57 24.22
C ASP A 528 17.39 -5.98 23.99
N HIS A 529 16.54 -6.44 24.90
CA HIS A 529 15.99 -7.79 24.82
C HIS A 529 15.36 -8.10 23.46
N ASP A 530 14.51 -7.19 22.98
CA ASP A 530 13.90 -7.34 21.67
C ASP A 530 14.98 -7.48 20.59
N GLY A 531 16.10 -6.80 20.80
CA GLY A 531 17.24 -6.93 19.90
C GLY A 531 17.77 -8.35 19.89
N SER A 532 17.91 -8.93 21.08
CA SER A 532 18.32 -10.32 21.21
C SER A 532 17.37 -11.20 20.45
N HIS A 533 16.07 -10.91 20.56
CA HIS A 533 15.06 -11.66 19.83
C HIS A 533 15.28 -11.57 18.33
N ILE A 534 15.56 -10.36 17.86
CA ILE A 534 15.84 -10.14 16.44
C ILE A 534 17.01 -11.00 16.00
N LYS A 535 18.09 -10.98 16.76
CA LYS A 535 19.25 -11.81 16.48
C LYS A 535 18.84 -13.28 16.37
N GLY A 536 18.00 -13.71 17.31
CA GLY A 536 17.50 -15.08 17.31
C GLY A 536 16.74 -15.43 16.05
N LEU A 537 15.89 -14.51 15.60
CA LEU A 537 15.11 -14.72 14.39
C LEU A 537 15.99 -14.75 13.14
N ILE A 538 17.02 -13.92 13.13
CA ILE A 538 17.97 -13.92 12.02
C ILE A 538 18.69 -15.25 11.95
N ILE A 539 19.25 -15.68 13.09
CA ILE A 539 19.94 -16.95 13.17
C ILE A 539 19.04 -18.11 12.74
N ASN A 540 17.82 -18.13 13.27
CA ASN A 540 16.83 -19.14 12.89
C ASN A 540 16.57 -19.15 11.39
N PHE A 541 16.39 -17.96 10.82
CA PHE A 541 16.15 -17.82 9.40
C PHE A 541 17.30 -18.35 8.55
N LEU A 542 18.53 -18.02 8.95
CA LEU A 542 19.71 -18.46 8.22
C LEU A 542 19.93 -19.97 8.32
N GLU A 543 19.73 -20.51 9.51
CA GLU A 543 19.90 -21.94 9.73
C GLU A 543 18.83 -22.76 9.04
N SER A 544 17.62 -22.22 8.98
CA SER A 544 16.48 -22.94 8.41
C SER A 544 16.40 -22.85 6.89
N SER A 545 16.51 -21.64 6.36
CA SER A 545 16.37 -21.42 4.92
C SER A 545 17.59 -21.85 4.11
N PHE A 546 18.76 -21.75 4.72
CA PHE A 546 20.00 -22.07 4.01
C PHE A 546 20.80 -23.16 4.72
N PRO A 547 20.78 -24.38 4.17
CA PRO A 547 21.54 -25.50 4.72
C PRO A 547 23.05 -25.30 4.55
N GLY A 548 23.81 -25.57 5.60
CA GLY A 548 25.25 -25.51 5.54
C GLY A 548 25.85 -24.11 5.51
N LEU A 549 25.00 -23.10 5.63
CA LEU A 549 25.48 -21.72 5.60
C LEU A 549 26.15 -21.32 6.91
N LEU A 550 25.52 -21.69 8.02
CA LEU A 550 26.06 -21.37 9.34
C LEU A 550 27.25 -22.26 9.72
N ASP A 551 27.62 -23.16 8.81
CA ASP A 551 28.79 -24.01 9.02
C ASP A 551 30.07 -23.22 8.74
N ILE A 552 29.98 -22.31 7.77
CA ILE A 552 31.12 -21.46 7.41
C ILE A 552 31.54 -20.62 8.61
N GLN A 553 32.76 -20.83 9.08
CA GLN A 553 33.27 -20.13 10.26
C GLN A 553 33.55 -18.66 10.00
N GLY A 554 33.05 -17.80 10.87
CA GLY A 554 33.31 -16.37 10.77
C GLY A 554 32.40 -15.66 9.80
N PHE A 555 31.26 -16.25 9.51
CA PHE A 555 30.30 -15.65 8.59
C PHE A 555 29.35 -14.68 9.30
N LEU A 556 28.78 -15.12 10.41
CA LEU A 556 27.84 -14.30 11.16
C LEU A 556 28.58 -13.44 12.20
N LEU A 557 28.33 -12.14 12.16
CA LEU A 557 28.99 -11.20 13.06
C LEU A 557 27.98 -10.42 13.90
N GLU A 558 28.47 -9.82 14.98
CA GLU A 558 27.63 -9.05 15.87
C GLU A 558 28.30 -7.75 16.30
N PHE A 559 27.57 -6.64 16.14
CA PHE A 559 28.04 -5.34 16.60
C PHE A 559 27.37 -5.00 17.92
N ILE A 560 28.15 -4.86 18.98
CA ILE A 560 27.61 -4.57 20.30
C ILE A 560 27.97 -3.17 20.78
N THR A 561 27.20 -2.66 21.73
CA THR A 561 27.41 -1.32 22.25
C THR A 561 27.36 -1.32 23.78
N PRO A 562 28.24 -0.54 24.42
CA PRO A 562 28.30 -0.41 25.88
C PRO A 562 26.93 -0.17 26.49
N ILE A 563 26.68 -0.74 27.67
CA ILE A 563 25.36 -0.67 28.29
C ILE A 563 25.10 0.64 29.04
N ILE A 564 26.16 1.29 29.52
CA ILE A 564 26.01 2.54 30.27
C ILE A 564 27.23 3.45 30.07
N LYS A 565 27.02 4.76 30.19
CA LYS A 565 28.13 5.70 30.09
C LYS A 565 28.25 6.62 31.31
N VAL A 566 29.36 6.49 32.03
CA VAL A 566 29.58 7.26 33.25
C VAL A 566 30.46 8.49 33.00
N SER A 567 30.06 9.61 33.60
CA SER A 567 30.81 10.85 33.46
C SER A 567 31.26 11.40 34.82
N ILE A 568 32.57 11.57 34.98
CA ILE A 568 33.13 12.10 36.21
C ILE A 568 33.21 13.62 36.14
N THR A 569 32.54 14.32 37.07
CA THR A 569 32.40 15.79 36.94
C THR A 569 33.22 16.75 37.82
N LYS A 570 33.25 16.52 39.13
CA LYS A 570 33.93 17.43 40.06
C LYS A 570 35.42 17.16 40.32
N PRO A 571 35.75 15.93 40.71
CA PRO A 571 37.08 15.62 41.25
C PRO A 571 38.22 15.61 40.24
N THR A 572 37.94 14.96 39.13
CA THR A 572 38.86 14.80 38.02
C THR A 572 37.91 14.48 36.90
N LYS A 573 38.33 14.59 35.65
CA LYS A 573 37.36 14.33 34.60
C LYS A 573 37.77 13.32 33.52
N ASN A 574 36.98 12.27 33.40
CA ASN A 574 37.05 11.32 32.29
C ASN A 574 35.69 10.65 32.14
N THR A 575 35.57 9.73 31.18
CA THR A 575 34.31 9.02 30.97
C THR A 575 34.51 7.52 30.80
N ILE A 576 33.72 6.74 31.52
CA ILE A 576 33.87 5.29 31.50
C ILE A 576 32.68 4.59 30.85
N ALA A 577 32.96 3.84 29.80
CA ALA A 577 31.93 3.07 29.10
C ALA A 577 31.96 1.61 29.51
N PHE A 578 30.84 1.12 30.02
CA PHE A 578 30.74 -0.27 30.46
C PHE A 578 29.98 -1.12 29.45
N TYR A 579 30.47 -2.34 29.24
CA TYR A 579 29.86 -3.27 28.28
C TYR A 579 28.73 -4.09 28.90
N ASN A 580 28.69 -4.15 30.23
CA ASN A 580 27.75 -5.03 30.91
C ASN A 580 27.36 -4.56 32.31
N MET A 581 26.46 -5.33 32.94
CA MET A 581 25.99 -5.05 34.28
C MET A 581 27.02 -5.34 35.36
N PRO A 582 27.68 -6.52 35.29
CA PRO A 582 28.68 -6.90 36.30
C PRO A 582 29.83 -5.91 36.44
N ASP A 583 30.41 -5.47 35.33
CA ASP A 583 31.52 -4.52 35.38
C ASP A 583 31.06 -3.21 36.02
N TYR A 584 30.04 -2.60 35.42
CA TYR A 584 29.47 -1.36 35.90
C TYR A 584 29.07 -1.43 37.37
N GLU A 585 28.74 -2.63 37.82
CA GLU A 585 28.29 -2.83 39.20
C GLU A 585 29.48 -2.94 40.14
N LYS A 586 30.50 -3.71 39.75
CA LYS A 586 31.72 -3.82 40.53
C LYS A 586 32.36 -2.46 40.70
N TRP A 587 32.34 -1.66 39.64
CA TRP A 587 32.86 -0.31 39.70
C TRP A 587 31.96 0.58 40.56
N ARG A 588 30.65 0.42 40.39
CA ARG A 588 29.68 1.21 41.14
C ARG A 588 29.79 0.97 42.64
N GLU A 589 30.27 -0.21 43.02
CA GLU A 589 30.38 -0.58 44.42
C GLU A 589 31.81 -0.42 44.95
N GLU A 590 32.78 -0.32 44.05
CA GLU A 590 34.18 -0.33 44.46
C GLU A 590 34.99 0.85 43.95
N GLU A 591 34.34 1.85 43.39
CA GLU A 591 35.03 3.02 42.84
C GLU A 591 34.19 4.30 42.84
N SER A 592 32.89 4.15 42.59
CA SER A 592 32.00 5.29 42.40
C SER A 592 32.11 6.35 43.50
N HIS A 593 32.20 5.90 44.74
CA HIS A 593 32.22 6.83 45.88
C HIS A 593 33.39 7.80 45.84
N LYS A 594 34.41 7.45 45.07
CA LYS A 594 35.64 8.23 45.01
C LYS A 594 35.53 9.40 44.02
N PHE A 595 34.36 9.58 43.44
CA PHE A 595 34.14 10.67 42.49
C PHE A 595 32.73 11.24 42.60
N THR A 596 32.53 12.40 41.98
CA THR A 596 31.20 12.90 41.67
C THR A 596 30.97 12.59 40.20
N TRP A 597 29.87 11.90 39.90
CA TRP A 597 29.67 11.37 38.56
C TRP A 597 28.19 11.29 38.20
N LYS A 598 27.92 10.93 36.94
CA LYS A 598 26.56 10.75 36.45
C LYS A 598 26.51 9.57 35.50
N GLN A 599 25.52 8.71 35.71
CA GLN A 599 25.37 7.52 34.88
C GLN A 599 24.32 7.72 33.80
N LYS A 600 24.66 7.37 32.57
CA LYS A 600 23.74 7.48 31.44
C LYS A 600 23.32 6.11 30.94
N TYR A 601 22.03 5.83 31.05
CA TYR A 601 21.44 4.60 30.53
C TYR A 601 21.65 4.54 29.03
N TYR A 602 21.95 3.36 28.51
CA TYR A 602 22.19 3.23 27.08
C TYR A 602 20.92 3.31 26.26
N THR A 607 21.77 6.78 18.65
CA THR A 607 21.43 7.89 19.52
C THR A 607 22.68 8.56 20.09
N SER A 608 23.67 7.75 20.45
CA SER A 608 24.91 8.28 21.03
C SER A 608 25.57 9.22 20.05
N LEU A 609 25.88 10.42 20.50
CA LEU A 609 26.50 11.44 19.66
C LEU A 609 27.41 10.80 18.61
N ALA A 610 27.11 11.06 17.35
CA ALA A 610 27.80 10.42 16.23
C ALA A 610 29.32 10.40 16.37
N GLN A 611 29.86 11.41 17.06
CA GLN A 611 31.30 11.51 17.24
C GLN A 611 31.83 10.37 18.11
N GLU A 612 30.95 9.77 18.90
CA GLU A 612 31.28 8.58 19.68
C GLU A 612 31.14 7.34 18.80
N VAL A 613 30.24 7.43 17.82
CA VAL A 613 30.03 6.35 16.86
C VAL A 613 31.28 6.16 16.02
N ARG A 614 31.84 7.28 15.55
CA ARG A 614 33.10 7.24 14.82
C ARG A 614 34.15 6.46 15.59
N GLU A 615 34.13 6.62 16.91
CA GLU A 615 35.02 5.85 17.79
C GLU A 615 34.62 4.38 17.79
N TYR A 616 33.33 4.11 17.89
CA TYR A 616 32.82 2.76 17.83
C TYR A 616 33.39 2.02 16.61
N PHE A 617 33.54 2.73 15.50
CA PHE A 617 34.02 2.12 14.26
C PHE A 617 35.53 2.17 14.08
N SER A 618 36.18 3.13 14.74
CA SER A 618 37.64 3.26 14.60
C SER A 618 38.34 2.01 15.12
N ASN A 619 37.81 1.45 16.20
CA ASN A 619 38.29 0.20 16.74
C ASN A 619 36.99 -0.56 16.96
N LEU A 620 36.55 -1.26 15.91
CA LEU A 620 35.28 -1.95 15.93
C LEU A 620 35.55 -3.41 16.27
N ASP A 621 36.81 -3.82 16.20
CA ASP A 621 37.19 -5.19 16.51
C ASP A 621 36.89 -5.56 17.96
N ARG A 622 36.65 -4.54 18.78
CA ARG A 622 36.31 -4.73 20.19
C ARG A 622 34.81 -4.90 20.33
N HIS A 623 34.06 -4.29 19.41
CA HIS A 623 32.61 -4.33 19.44
C HIS A 623 32.07 -5.44 18.54
N LEU A 624 32.97 -6.06 17.77
CA LEU A 624 32.58 -7.16 16.89
C LEU A 624 32.78 -8.50 17.59
N LYS A 625 31.74 -9.32 17.61
CA LYS A 625 31.85 -10.67 18.14
C LYS A 625 31.36 -11.70 17.11
N ILE A 626 32.10 -12.79 16.99
CA ILE A 626 31.82 -13.80 15.99
C ILE A 626 31.09 -15.00 16.59
N PHE A 627 30.13 -15.53 15.83
CA PHE A 627 29.41 -16.73 16.26
C PHE A 627 30.19 -17.97 15.84
N HIS A 628 30.13 -19.01 16.68
CA HIS A 628 30.81 -20.27 16.37
C HIS A 628 29.94 -21.12 15.44
N SER A 629 30.59 -21.69 14.41
CA SER A 629 29.89 -22.46 13.38
C SER A 629 29.20 -23.69 13.99
N LEU A 630 28.06 -24.08 13.41
CA LEU A 630 27.15 -24.97 14.08
C LEU A 630 28.05 -26.06 14.65
N GLN A 631 27.71 -26.46 15.87
CA GLN A 631 28.31 -27.59 16.56
C GLN A 631 27.19 -28.43 17.13
N GLY A 632 27.55 -29.53 17.80
CA GLY A 632 26.57 -30.41 18.40
C GLY A 632 25.59 -29.67 19.29
N ASN A 633 24.31 -29.94 19.12
CA ASN A 633 23.32 -29.38 20.04
C ASN A 633 23.20 -27.87 19.84
N ASP A 634 23.52 -27.39 18.65
CA ASP A 634 23.28 -26.01 18.29
C ASP A 634 21.94 -25.99 17.56
N LYS A 635 21.85 -26.75 16.47
CA LYS A 635 20.60 -26.88 15.73
C LYS A 635 19.46 -27.29 16.67
N ASP A 636 19.72 -28.29 17.49
CA ASP A 636 18.74 -28.79 18.44
C ASP A 636 18.14 -27.65 19.25
N TYR A 637 19.01 -26.77 19.77
CA TYR A 637 18.56 -25.63 20.56
C TYR A 637 17.80 -24.61 19.72
N ILE A 638 18.33 -24.31 18.53
CA ILE A 638 17.63 -23.41 17.62
C ILE A 638 16.18 -23.88 17.45
N ASP A 639 16.00 -25.18 17.30
CA ASP A 639 14.68 -25.76 17.11
C ASP A 639 13.88 -25.74 18.41
N LEU A 640 14.55 -25.91 19.54
CA LEU A 640 13.88 -25.78 20.84
C LEU A 640 13.31 -24.38 20.99
N ALA A 641 13.95 -23.41 20.35
CA ALA A 641 13.55 -22.01 20.49
C ALA A 641 12.52 -21.56 19.45
N PHE A 642 12.64 -22.03 18.22
CA PHE A 642 11.81 -21.49 17.14
C PHE A 642 10.88 -22.49 16.45
N SER A 643 10.68 -23.66 17.06
CA SER A 643 9.76 -24.64 16.52
C SER A 643 8.38 -24.54 17.18
N LYS A 644 7.36 -24.16 16.43
CA LYS A 644 6.11 -23.84 17.07
C LYS A 644 5.69 -25.08 17.85
N LYS A 645 6.12 -26.25 17.37
CA LYS A 645 5.65 -27.51 17.92
C LYS A 645 6.17 -27.79 19.33
N LYS A 646 7.05 -26.93 19.85
CA LYS A 646 7.76 -27.21 21.12
C LYS A 646 7.38 -26.41 22.39
N ALA A 647 6.15 -25.90 22.46
CA ALA A 647 5.76 -24.87 23.42
C ALA A 647 6.13 -25.36 24.83
N ASP A 648 5.62 -26.54 25.18
CA ASP A 648 5.89 -27.14 26.50
C ASP A 648 7.39 -27.27 26.74
N ASP A 649 8.11 -27.76 25.73
CA ASP A 649 9.56 -27.86 25.78
C ASP A 649 10.16 -26.53 26.25
N ARG A 650 9.61 -25.42 25.75
CA ARG A 650 10.08 -24.10 26.15
C ARG A 650 9.65 -23.74 27.56
N LYS A 651 8.47 -24.20 27.96
CA LYS A 651 8.03 -24.02 29.35
C LYS A 651 9.11 -24.57 30.28
N GLU A 652 9.39 -25.86 30.11
CA GLU A 652 10.42 -26.52 30.92
C GLU A 652 11.76 -25.81 30.77
N TRP A 653 12.10 -25.44 29.55
CA TRP A 653 13.34 -24.74 29.25
C TRP A 653 13.51 -23.49 30.10
N LEU A 654 12.42 -22.74 30.27
CA LEU A 654 12.43 -21.54 31.10
C LEU A 654 12.53 -21.92 32.57
N ARG A 655 11.81 -22.97 32.95
CA ARG A 655 11.88 -23.46 34.32
C ARG A 655 13.32 -23.79 34.73
N GLN A 656 14.09 -24.29 33.77
CA GLN A 656 15.47 -24.71 34.03
C GLN A 656 16.41 -23.55 34.30
N TYR A 657 16.22 -22.43 33.61
CA TYR A 657 17.21 -21.36 33.61
C TYR A 657 17.50 -20.81 35.00
N GLU A 658 18.78 -20.58 35.27
CA GLU A 658 19.26 -20.12 36.56
C GLU A 658 19.69 -18.66 36.49
N PRO A 659 19.09 -17.83 37.35
CA PRO A 659 19.44 -16.40 37.41
C PRO A 659 20.95 -16.22 37.54
N GLY A 660 21.49 -15.21 36.86
CA GLY A 660 22.91 -14.95 36.90
C GLY A 660 23.66 -15.61 35.75
N THR A 661 22.98 -16.51 35.04
CA THR A 661 23.58 -17.18 33.88
C THR A 661 23.53 -16.28 32.66
N VAL A 662 24.62 -15.55 32.42
CA VAL A 662 24.69 -14.63 31.29
C VAL A 662 25.97 -14.85 30.49
N LEU A 663 25.91 -14.53 29.19
CA LEU A 663 27.05 -14.69 28.30
C LEU A 663 28.26 -13.90 28.80
N ASP A 664 29.45 -14.46 28.59
CA ASP A 664 30.68 -13.77 28.99
C ASP A 664 30.88 -12.50 28.17
N PRO A 665 30.92 -11.35 28.86
CA PRO A 665 31.06 -10.02 28.25
C PRO A 665 32.26 -9.95 27.33
N THR A 666 33.33 -10.66 27.67
CA THR A 666 34.55 -10.65 26.88
C THR A 666 34.97 -12.06 26.46
N LEU A 667 34.51 -12.49 25.30
CA LEU A 667 34.90 -13.79 24.75
C LEU A 667 35.20 -13.73 23.26
N LYS A 668 34.45 -12.94 22.51
CA LYS A 668 34.80 -12.74 21.11
C LYS A 668 34.58 -14.06 20.39
N GLU A 669 33.92 -14.98 21.06
CA GLU A 669 33.48 -16.23 20.47
C GLU A 669 32.18 -16.68 21.14
N ILE A 670 31.09 -16.62 20.39
CA ILE A 670 29.78 -16.96 20.94
C ILE A 670 29.22 -18.27 20.39
N PRO A 671 29.26 -19.34 21.20
CA PRO A 671 28.61 -20.60 20.83
C PRO A 671 27.10 -20.40 20.74
N ILE A 672 26.49 -20.84 19.64
CA ILE A 672 25.06 -20.63 19.42
C ILE A 672 24.21 -21.16 20.57
N SER A 673 24.50 -22.39 21.00
CA SER A 673 23.77 -22.99 22.12
C SER A 673 23.79 -22.06 23.33
N ASP A 674 24.96 -21.49 23.61
CA ASP A 674 25.10 -20.56 24.73
C ASP A 674 24.31 -19.28 24.48
N PHE A 675 24.33 -18.79 23.26
CA PHE A 675 23.55 -17.61 22.90
C PHE A 675 22.07 -17.83 23.17
N ILE A 676 21.62 -19.07 22.98
CA ILE A 676 20.22 -19.40 23.19
C ILE A 676 19.90 -19.66 24.66
N ASN A 677 20.90 -20.15 25.41
CA ASN A 677 20.69 -20.44 26.83
C ASN A 677 21.20 -19.37 27.79
N LYS A 678 21.71 -18.27 27.21
CA LYS A 678 22.24 -17.15 27.99
C LYS A 678 21.74 -15.74 27.63
N GLU A 679 21.07 -15.58 26.50
CA GLU A 679 20.66 -14.26 26.03
C GLU A 679 19.21 -14.24 25.50
N LEU A 680 18.92 -15.10 24.54
CA LEU A 680 17.57 -15.20 23.98
C LEU A 680 16.56 -15.55 25.08
N ILE A 681 16.97 -16.43 25.97
CA ILE A 681 16.13 -16.87 27.07
C ILE A 681 15.72 -15.68 27.93
N LEU A 682 16.63 -14.72 28.06
CA LEU A 682 16.34 -13.47 28.77
C LEU A 682 15.17 -12.80 28.09
N PHE A 683 15.24 -12.68 26.76
CA PHE A 683 14.15 -12.10 26.00
C PHE A 683 12.84 -12.83 26.31
N SER A 684 12.83 -14.15 26.16
CA SER A 684 11.63 -14.94 26.41
C SER A 684 11.04 -14.61 27.78
N LEU A 685 11.87 -14.68 28.81
CA LEU A 685 11.46 -14.33 30.16
C LEU A 685 10.76 -12.98 30.17
N ALA A 686 11.41 -11.99 29.56
CA ALA A 686 10.85 -10.64 29.49
C ALA A 686 9.48 -10.64 28.81
N ASP A 687 9.34 -11.48 27.79
CA ASP A 687 8.10 -11.59 27.04
C ASP A 687 6.98 -12.05 27.96
N ASN A 688 7.24 -13.14 28.68
CA ASN A 688 6.29 -13.62 29.68
C ASN A 688 5.95 -12.52 30.67
N ILE A 689 6.97 -11.78 31.10
CA ILE A 689 6.81 -10.72 32.08
C ILE A 689 5.85 -9.63 31.59
N ARG A 690 6.01 -9.22 30.34
CA ARG A 690 5.28 -8.07 29.80
C ARG A 690 3.93 -8.45 29.20
N SER A 691 3.72 -9.75 28.96
CA SER A 691 2.48 -10.22 28.34
C SER A 691 1.53 -10.88 29.33
N ILE A 692 2.07 -11.60 30.29
CA ILE A 692 1.25 -12.32 31.28
C ILE A 692 1.18 -11.56 32.60
N PRO A 693 -0.05 -11.34 33.10
CA PRO A 693 -0.31 -10.55 34.30
C PRO A 693 0.02 -11.28 35.59
N ASN A 694 0.15 -10.53 36.69
CA ASN A 694 0.36 -11.11 38.02
C ASN A 694 -0.98 -11.43 38.67
N VAL A 695 -1.08 -12.61 39.27
CA VAL A 695 -2.34 -13.10 39.83
C VAL A 695 -3.00 -12.12 40.80
N LEU A 696 -2.19 -11.42 41.60
CA LEU A 696 -2.68 -10.51 42.65
C LEU A 696 -3.48 -9.23 42.30
N ASP A 697 -3.01 -8.45 41.32
CA ASP A 697 -3.75 -7.30 40.81
C ASP A 697 -4.31 -7.53 39.40
N GLY A 698 -3.72 -8.47 38.68
CA GLY A 698 -4.14 -8.77 37.32
C GLY A 698 -3.61 -7.77 36.32
N PHE A 699 -2.38 -7.29 36.56
CA PHE A 699 -1.78 -6.28 35.70
C PHE A 699 -0.59 -6.81 34.90
N LYS A 700 -0.45 -6.32 33.68
CA LYS A 700 0.77 -6.48 32.93
C LYS A 700 1.58 -5.20 33.15
N PRO A 701 2.90 -5.27 33.11
CA PRO A 701 3.71 -4.20 33.69
C PRO A 701 3.31 -2.85 33.09
N GLY A 702 2.99 -2.81 31.81
CA GLY A 702 2.51 -1.57 31.19
C GLY A 702 1.33 -0.97 31.93
N GLN A 703 0.26 -1.73 32.03
CA GLN A 703 -0.94 -1.28 32.74
C GLN A 703 -0.59 -0.73 34.12
N ARG A 704 0.17 -1.51 34.87
CA ARG A 704 0.56 -1.13 36.23
C ARG A 704 1.33 0.18 36.25
N LYS A 705 2.19 0.38 35.25
CA LYS A 705 2.91 1.64 35.14
C LYS A 705 1.93 2.78 34.88
N VAL A 706 0.94 2.53 34.03
CA VAL A 706 -0.10 3.51 33.75
C VAL A 706 -0.81 3.95 35.03
N LEU A 707 -1.31 2.98 35.78
CA LEU A 707 -2.03 3.28 37.02
C LEU A 707 -1.14 3.96 38.06
N TYR A 708 0.05 3.42 38.28
CA TYR A 708 1.01 4.04 39.19
C TYR A 708 1.20 5.50 38.82
N GLY A 709 1.30 5.76 37.52
CA GLY A 709 1.42 7.12 37.02
C GLY A 709 0.21 7.95 37.37
N CYS A 710 -0.97 7.37 37.20
CA CYS A 710 -2.23 8.07 37.50
C CYS A 710 -2.39 8.34 38.99
N PHE A 711 -1.63 7.62 39.81
CA PHE A 711 -1.65 7.81 41.26
C PHE A 711 -0.64 8.87 41.66
N LYS A 712 0.50 8.87 41.00
CA LYS A 712 1.53 9.88 41.24
C LYS A 712 0.96 11.27 40.96
N LYS A 713 0.32 11.41 39.81
CA LYS A 713 -0.39 12.63 39.46
C LYS A 713 -1.82 12.59 40.02
N ASN A 714 -2.40 13.74 40.27
CA ASN A 714 -3.79 13.80 40.71
C ASN A 714 -4.76 13.76 39.53
N LEU A 715 -5.06 12.55 39.06
CA LEU A 715 -5.93 12.38 37.90
C LEU A 715 -7.40 12.40 38.28
N LYS A 716 -7.84 13.48 38.92
CA LYS A 716 -9.25 13.70 39.21
C LYS A 716 -9.80 14.64 38.15
N SER A 717 -8.90 15.28 37.41
CA SER A 717 -9.26 16.11 36.27
C SER A 717 -8.62 15.56 35.00
N GLU A 718 -9.41 15.43 33.95
CA GLU A 718 -8.99 14.74 32.74
C GLU A 718 -7.86 15.40 31.97
N LEU A 719 -7.20 14.61 31.13
CA LEU A 719 -6.22 15.10 30.17
C LEU A 719 -6.17 14.10 29.02
N LYS A 720 -5.75 14.54 27.84
CA LYS A 720 -5.79 13.66 26.67
C LYS A 720 -4.75 12.53 26.76
N VAL A 721 -5.09 11.39 26.18
CA VAL A 721 -4.27 10.20 26.24
C VAL A 721 -2.84 10.43 25.74
N ALA A 722 -2.72 11.12 24.61
CA ALA A 722 -1.43 11.35 23.97
C ALA A 722 -0.44 12.10 24.86
N GLN A 723 -0.92 12.58 26.01
CA GLN A 723 -0.08 13.28 26.97
C GLN A 723 0.17 12.39 28.17
N LEU A 724 -0.91 11.78 28.67
CA LEU A 724 -0.82 10.88 29.81
C LEU A 724 0.17 9.75 29.55
N ALA A 725 0.11 9.18 28.34
CA ALA A 725 1.02 8.09 27.98
C ALA A 725 2.49 8.49 28.13
N PRO A 726 2.91 9.59 27.46
CA PRO A 726 4.29 10.05 27.61
C PRO A 726 4.64 10.39 29.05
N TYR A 727 3.74 11.06 29.76
CA TYR A 727 3.97 11.36 31.17
C TYR A 727 4.33 10.08 31.94
N VAL A 728 3.41 9.13 31.94
CA VAL A 728 3.62 7.85 32.60
C VAL A 728 4.95 7.23 32.19
N SER A 729 5.19 7.17 30.89
CA SER A 729 6.42 6.60 30.36
C SER A 729 7.63 7.25 31.03
N GLU A 730 7.59 8.57 31.15
CA GLU A 730 8.70 9.32 31.74
C GLU A 730 8.89 9.01 33.21
N CYS A 731 7.81 9.04 33.99
CA CYS A 731 7.93 8.87 35.44
C CYS A 731 7.88 7.42 35.90
N THR A 732 7.91 6.49 34.95
CA THR A 732 7.90 5.06 35.28
C THR A 732 9.02 4.30 34.60
N ALA A 733 9.95 5.04 34.00
CA ALA A 733 11.06 4.43 33.28
C ALA A 733 10.58 3.43 32.25
N TYR A 734 9.73 3.88 31.32
CA TYR A 734 9.19 3.02 30.28
C TYR A 734 10.01 3.19 28.99
N HIS A 735 10.74 2.14 28.62
CA HIS A 735 11.68 2.22 27.51
C HIS A 735 11.07 1.87 26.15
N HIS A 736 9.83 1.41 26.15
CA HIS A 736 9.16 1.03 24.90
C HIS A 736 8.47 2.23 24.25
N GLY A 737 7.87 2.01 23.09
CA GLY A 737 7.21 3.08 22.37
C GLY A 737 5.95 3.59 23.06
N GLU A 738 5.77 4.91 23.04
CA GLU A 738 4.62 5.53 23.69
C GLU A 738 3.30 5.06 23.07
N GLN A 739 3.37 4.58 21.84
CA GLN A 739 2.19 4.09 21.13
C GLN A 739 1.55 2.93 21.88
N SER A 740 2.37 1.91 22.15
CA SER A 740 1.93 0.72 22.87
C SER A 740 1.30 1.10 24.21
N LEU A 741 1.90 2.07 24.88
CA LEU A 741 1.41 2.52 26.18
C LEU A 741 0.05 3.20 26.04
N ALA A 742 -0.07 4.06 25.05
CA ALA A 742 -1.34 4.72 24.76
C ALA A 742 -2.42 3.68 24.53
N GLN A 743 -2.09 2.64 23.78
CA GLN A 743 -3.03 1.56 23.52
C GLN A 743 -3.39 0.83 24.82
N THR A 744 -2.40 0.64 25.69
CA THR A 744 -2.65 0.04 26.99
C THR A 744 -3.68 0.84 27.76
N ILE A 745 -3.50 2.16 27.76
CA ILE A 745 -4.44 3.05 28.43
C ILE A 745 -5.84 2.93 27.85
N ILE A 746 -5.95 3.10 26.53
CA ILE A 746 -7.23 2.97 25.85
C ILE A 746 -7.90 1.67 26.26
N GLY A 747 -7.11 0.59 26.30
CA GLY A 747 -7.61 -0.71 26.71
C GLY A 747 -8.14 -0.70 28.12
N LEU A 748 -7.45 0.01 29.01
CA LEU A 748 -7.89 0.12 30.39
C LEU A 748 -9.17 0.93 30.51
N ALA A 749 -9.44 1.78 29.52
CA ALA A 749 -10.58 2.69 29.59
C ALA A 749 -11.86 2.17 28.93
N GLN A 750 -11.73 1.38 27.88
CA GLN A 750 -12.87 0.93 27.08
C GLN A 750 -14.08 0.49 27.92
N ASN A 751 -15.26 0.95 27.53
CA ASN A 751 -16.48 0.71 28.30
C ASN A 751 -17.64 0.13 27.50
N PHE A 752 -17.34 -0.48 26.35
CA PHE A 752 -18.37 -1.13 25.56
C PHE A 752 -18.64 -2.53 26.11
N VAL A 753 -19.85 -3.01 25.92
CA VAL A 753 -20.17 -4.27 26.53
C VAL A 753 -19.00 -5.12 26.07
N GLY A 754 -18.67 -6.09 26.89
CA GLY A 754 -17.65 -7.07 26.57
C GLY A 754 -16.17 -6.72 26.74
N SER A 755 -15.92 -5.55 27.32
CA SER A 755 -14.55 -5.11 27.55
C SER A 755 -14.13 -5.29 29.01
N ASN A 756 -14.29 -4.23 29.80
CA ASN A 756 -13.89 -4.26 31.20
C ASN A 756 -15.09 -4.22 32.14
N ASN A 757 -15.24 -5.27 32.94
CA ASN A 757 -16.30 -5.31 33.95
C ASN A 757 -16.27 -4.06 34.83
N ILE A 758 -15.07 -3.57 35.09
CA ILE A 758 -14.89 -2.31 35.83
C ILE A 758 -13.73 -1.52 35.24
N TYR A 759 -14.04 -0.54 34.39
CA TYR A 759 -12.99 0.26 33.78
C TYR A 759 -12.38 1.23 34.77
N LEU A 760 -11.11 1.02 35.08
CA LEU A 760 -10.40 1.84 36.05
C LEU A 760 -10.18 3.26 35.54
N LEU A 761 -10.31 3.42 34.22
CA LEU A 761 -10.23 4.75 33.61
C LEU A 761 -11.52 5.04 32.86
N LEU A 762 -11.88 6.33 32.80
CA LEU A 762 -13.11 6.74 32.13
C LEU A 762 -12.86 7.08 30.67
N PRO A 763 -13.67 6.51 29.77
CA PRO A 763 -13.54 6.73 28.33
C PRO A 763 -14.18 8.05 27.90
N ASN A 764 -13.47 9.15 28.10
CA ASN A 764 -13.98 10.46 27.73
C ASN A 764 -13.78 10.76 26.24
N GLY A 765 -14.54 10.06 25.41
CA GLY A 765 -14.45 10.21 23.97
C GLY A 765 -14.67 8.91 23.23
N ALA A 766 -14.30 8.89 21.95
CA ALA A 766 -14.47 7.69 21.13
C ALA A 766 -13.43 6.62 21.49
N PHE A 767 -13.65 5.95 22.62
CA PHE A 767 -12.75 4.89 23.05
C PHE A 767 -13.15 3.54 22.44
N GLY A 768 -13.70 3.59 21.23
CA GLY A 768 -14.09 2.39 20.53
C GLY A 768 -15.47 1.90 20.91
N THR A 769 -16.02 1.03 20.07
CA THR A 769 -17.35 0.47 20.32
C THR A 769 -17.35 -1.04 20.20
N ARG A 770 -18.52 -1.64 20.42
CA ARG A 770 -18.69 -3.08 20.34
C ARG A 770 -18.70 -3.54 18.88
N ALA A 771 -18.77 -2.57 17.97
CA ALA A 771 -18.89 -2.85 16.54
C ALA A 771 -17.66 -3.54 15.94
N THR A 772 -16.48 -3.23 16.49
CA THR A 772 -15.23 -3.84 16.05
C THR A 772 -14.30 -4.31 17.17
N GLY A 773 -14.83 -4.44 18.38
CA GLY A 773 -14.02 -4.76 19.55
C GLY A 773 -13.03 -3.73 20.05
N GLY A 774 -13.38 -2.46 19.89
CA GLY A 774 -12.54 -1.37 20.36
C GLY A 774 -11.55 -0.89 19.31
N LYS A 775 -11.51 -1.58 18.18
CA LYS A 775 -10.60 -1.22 17.10
C LYS A 775 -11.02 0.08 16.43
N ASP A 776 -12.28 0.46 16.53
CA ASP A 776 -12.76 1.67 15.85
C ASP A 776 -12.08 2.93 16.41
N ALA A 777 -11.54 2.78 17.60
CA ALA A 777 -11.32 3.81 18.61
C ALA A 777 -10.64 4.93 17.84
N ALA A 778 -10.65 6.13 18.41
CA ALA A 778 -10.00 7.29 17.81
C ALA A 778 -8.58 7.44 18.33
N ALA A 779 -7.79 8.29 17.66
CA ALA A 779 -6.39 8.55 18.00
C ALA A 779 -6.20 9.29 19.33
N ALA A 780 -5.03 9.09 19.94
CA ALA A 780 -4.78 9.55 21.31
C ALA A 780 -5.01 11.05 21.47
N ARG A 781 -4.53 11.83 20.51
CA ARG A 781 -4.76 13.27 20.50
C ARG A 781 -6.26 13.56 20.54
N TYR A 782 -7.09 12.55 20.30
CA TYR A 782 -8.55 12.79 20.29
C TYR A 782 -9.34 12.53 21.59
N ILE A 783 -9.06 11.41 22.27
CA ILE A 783 -9.80 11.02 23.45
C ILE A 783 -9.08 11.44 24.74
N TYR A 784 -9.85 11.64 25.80
CA TYR A 784 -9.29 12.03 27.09
C TYR A 784 -9.63 10.99 28.15
N THR A 785 -8.95 11.03 29.29
CA THR A 785 -9.21 10.09 30.36
C THR A 785 -8.84 10.63 31.74
N GLU A 786 -9.31 9.94 32.77
CA GLU A 786 -9.04 10.30 34.15
C GLU A 786 -9.27 9.07 35.02
N LEU A 787 -9.14 9.23 36.33
CA LEU A 787 -9.39 8.14 37.26
C LEU A 787 -10.88 8.02 37.57
N ASN A 788 -11.41 6.81 37.47
CA ASN A 788 -12.77 6.54 37.90
C ASN A 788 -12.85 6.70 39.41
N LYS A 789 -13.91 7.35 39.89
CA LYS A 789 -14.10 7.57 41.32
C LYS A 789 -14.03 6.25 42.10
N LEU A 790 -14.24 5.14 41.41
CA LEU A 790 -14.27 3.83 42.04
C LEU A 790 -12.88 3.19 42.13
N THR A 791 -11.95 3.69 41.32
CA THR A 791 -10.60 3.12 41.29
C THR A 791 -9.89 3.22 42.64
N ARG A 792 -9.94 4.40 43.25
CA ARG A 792 -9.27 4.62 44.52
C ARG A 792 -10.01 3.93 45.66
N LYS A 793 -11.10 3.25 45.32
CA LYS A 793 -11.86 2.47 46.29
C LYS A 793 -11.40 1.02 46.23
N ILE A 794 -10.92 0.60 45.06
CA ILE A 794 -10.43 -0.75 44.85
C ILE A 794 -8.97 -0.85 45.30
N PHE A 795 -8.12 -0.01 44.72
CA PHE A 795 -6.72 0.07 45.12
C PHE A 795 -6.58 1.13 46.21
N HIS A 796 -6.78 0.75 47.46
CA HIS A 796 -6.75 1.69 48.57
C HIS A 796 -5.39 2.35 48.70
N PRO A 797 -5.39 3.69 48.85
CA PRO A 797 -4.16 4.48 49.00
C PRO A 797 -3.35 4.03 50.20
N ALA A 798 -4.02 3.66 51.28
CA ALA A 798 -3.36 3.30 52.53
C ALA A 798 -2.32 2.17 52.36
N ASP A 799 -2.52 1.32 51.36
CA ASP A 799 -1.64 0.18 51.14
C ASP A 799 -0.39 0.54 50.33
N ASP A 800 -0.38 1.74 49.75
CA ASP A 800 0.73 2.17 48.91
C ASP A 800 2.10 2.02 49.57
N PRO A 801 2.24 2.49 50.84
CA PRO A 801 3.53 2.39 51.51
C PRO A 801 4.01 0.96 51.68
N LEU A 802 3.10 0.00 51.57
CA LEU A 802 3.43 -1.39 51.81
C LEU A 802 4.19 -2.02 50.65
N TYR A 803 3.72 -1.78 49.43
CA TYR A 803 4.27 -2.41 48.24
C TYR A 803 5.77 -2.18 48.10
N LYS A 804 6.47 -3.16 47.53
CA LYS A 804 7.88 -3.03 47.24
C LYS A 804 8.06 -2.42 45.86
N TYR A 805 8.54 -1.18 45.83
CA TYR A 805 8.67 -0.43 44.59
C TYR A 805 9.94 -0.77 43.82
N ILE A 806 9.77 -1.14 42.56
CA ILE A 806 10.89 -1.55 41.71
C ILE A 806 11.90 -0.43 41.52
N GLN A 807 13.18 -0.75 41.68
CA GLN A 807 14.25 0.21 41.46
C GLN A 807 14.81 0.05 40.05
N GLU A 808 14.55 1.02 39.19
CA GLU A 808 14.99 0.96 37.80
C GLU A 808 15.67 2.25 37.36
N ASP A 809 16.87 2.12 36.78
CA ASP A 809 17.62 3.25 36.28
C ASP A 809 17.93 4.26 37.39
N GLU A 810 18.44 3.76 38.52
CA GLU A 810 18.84 4.62 39.63
C GLU A 810 17.65 5.42 40.16
N LYS A 811 16.44 4.99 39.79
CA LYS A 811 15.23 5.73 40.11
C LYS A 811 14.06 4.80 40.43
N THR A 812 13.22 5.22 41.37
CA THR A 812 12.07 4.42 41.80
C THR A 812 10.90 4.52 40.83
N VAL A 813 10.32 3.35 40.58
CA VAL A 813 9.28 3.06 39.59
C VAL A 813 8.20 2.22 40.28
N GLU A 814 7.19 1.83 39.52
CA GLU A 814 5.93 1.28 40.02
C GLU A 814 6.29 0.05 40.83
N PRO A 815 5.40 -0.37 41.74
CA PRO A 815 5.62 -1.54 42.60
C PRO A 815 5.67 -2.82 41.79
N GLU A 816 6.13 -3.90 42.40
CA GLU A 816 6.08 -5.21 41.76
C GLU A 816 4.64 -5.54 41.42
N TRP A 817 3.77 -5.40 42.40
CA TRP A 817 2.34 -5.59 42.21
C TRP A 817 1.52 -4.81 43.23
N TYR A 818 0.35 -4.34 42.80
CA TYR A 818 -0.60 -3.72 43.73
C TYR A 818 -1.48 -4.81 44.33
N LEU A 819 -2.09 -4.50 45.47
CA LEU A 819 -2.92 -5.47 46.16
C LEU A 819 -4.32 -4.92 46.44
N PRO A 820 -5.21 -4.99 45.43
CA PRO A 820 -6.57 -4.46 45.53
C PRO A 820 -7.35 -5.13 46.66
N ILE A 821 -8.45 -4.52 47.07
CA ILE A 821 -9.27 -5.07 48.16
C ILE A 821 -10.05 -6.29 47.69
N LEU A 822 -10.04 -6.52 46.37
CA LEU A 822 -10.60 -7.73 45.79
C LEU A 822 -9.82 -8.07 44.53
N PRO A 823 -9.67 -9.37 44.28
CA PRO A 823 -8.85 -9.73 43.14
C PRO A 823 -9.50 -9.06 41.96
N MET A 824 -8.69 -8.30 41.24
CA MET A 824 -9.11 -7.69 39.99
C MET A 824 -8.94 -8.63 38.79
N ILE A 825 -7.95 -9.52 38.88
CA ILE A 825 -7.67 -10.45 37.78
C ILE A 825 -8.90 -11.30 37.46
N LEU A 826 -9.80 -11.43 38.43
CA LEU A 826 -11.03 -12.18 38.23
C LEU A 826 -12.17 -11.25 37.80
N VAL A 827 -12.03 -9.97 38.13
CA VAL A 827 -13.01 -8.96 37.75
C VAL A 827 -12.94 -8.66 36.25
N ASN A 828 -11.73 -8.44 35.76
CA ASN A 828 -11.54 -8.11 34.35
C ASN A 828 -10.99 -9.27 33.52
N GLY A 829 -10.29 -10.19 34.17
CA GLY A 829 -9.63 -11.27 33.46
C GLY A 829 -8.42 -10.74 32.74
N ALA A 830 -7.90 -11.53 31.80
CA ALA A 830 -6.80 -11.12 30.96
C ALA A 830 -6.66 -11.98 29.72
N GLU A 831 -5.97 -11.47 28.71
CA GLU A 831 -5.47 -12.29 27.61
C GLU A 831 -4.03 -11.93 27.33
N GLY A 832 -3.22 -12.93 27.02
CA GLY A 832 -1.81 -12.69 26.75
C GLY A 832 -1.08 -13.84 26.08
N ILE A 833 -0.20 -13.48 25.15
CA ILE A 833 0.65 -14.45 24.47
C ILE A 833 2.10 -14.11 24.76
N GLY A 834 2.85 -15.08 25.28
CA GLY A 834 4.26 -14.89 25.55
C GLY A 834 5.09 -15.96 24.86
N THR A 835 6.15 -16.41 25.54
CA THR A 835 6.98 -17.48 25.02
C THR A 835 6.87 -18.71 25.92
N GLY A 836 6.44 -19.82 25.33
CA GLY A 836 6.23 -21.05 26.09
C GLY A 836 4.89 -21.03 26.81
N TRP A 837 4.54 -19.88 27.37
CA TRP A 837 3.28 -19.75 28.11
C TRP A 837 2.27 -18.84 27.41
N SER A 838 1.00 -19.17 27.56
CA SER A 838 -0.10 -18.32 27.08
C SER A 838 -1.09 -18.15 28.23
N THR A 839 -2.06 -17.26 28.07
CA THR A 839 -3.05 -17.06 29.13
C THR A 839 -4.37 -16.43 28.68
N TYR A 840 -5.47 -17.03 29.14
CA TYR A 840 -6.79 -16.44 29.01
C TYR A 840 -7.62 -16.66 30.27
N ILE A 841 -8.11 -15.56 30.84
CA ILE A 841 -8.95 -15.62 32.03
C ILE A 841 -10.17 -14.72 31.83
N PRO A 842 -11.37 -15.30 31.87
CA PRO A 842 -12.60 -14.56 31.60
C PRO A 842 -12.99 -13.69 32.79
N PRO A 843 -13.78 -12.64 32.53
CA PRO A 843 -14.30 -11.75 33.57
C PRO A 843 -15.30 -12.47 34.48
N PHE A 844 -15.43 -11.97 35.71
CA PHE A 844 -16.39 -12.54 36.66
C PHE A 844 -17.14 -11.41 37.37
N ASN A 845 -18.32 -11.74 37.87
CA ASN A 845 -19.14 -10.76 38.59
C ASN A 845 -18.54 -10.41 39.93
N PRO A 846 -18.20 -9.12 40.12
CA PRO A 846 -17.60 -8.62 41.36
C PRO A 846 -18.36 -9.07 42.60
N LEU A 847 -19.70 -8.99 42.54
CA LEU A 847 -20.55 -9.35 43.66
C LEU A 847 -20.27 -10.77 44.14
N GLU A 848 -20.18 -11.70 43.19
CA GLU A 848 -19.86 -13.09 43.50
C GLU A 848 -18.53 -13.14 44.25
N ILE A 849 -17.52 -12.49 43.68
CA ILE A 849 -16.18 -12.46 44.26
C ILE A 849 -16.22 -12.00 45.71
N ILE A 850 -16.95 -10.93 45.98
CA ILE A 850 -17.08 -10.40 47.33
C ILE A 850 -17.78 -11.42 48.24
N LYS A 851 -18.80 -12.08 47.69
CA LYS A 851 -19.52 -13.11 48.43
C LYS A 851 -18.57 -14.20 48.90
N ASN A 852 -17.75 -14.71 47.99
CA ASN A 852 -16.77 -15.74 48.33
C ASN A 852 -15.69 -15.23 49.29
N ILE A 853 -15.28 -13.98 49.12
CA ILE A 853 -14.31 -13.38 50.04
C ILE A 853 -14.88 -13.37 51.45
N ARG A 854 -16.17 -13.06 51.57
CA ARG A 854 -16.86 -13.16 52.85
C ARG A 854 -16.84 -14.59 53.36
N HIS A 855 -17.17 -15.53 52.47
CA HIS A 855 -17.15 -16.94 52.82
C HIS A 855 -15.83 -17.34 53.48
N LEU A 856 -14.71 -17.00 52.81
CA LEU A 856 -13.39 -17.29 53.36
C LEU A 856 -13.16 -16.55 54.68
N MET A 857 -13.61 -15.30 54.74
CA MET A 857 -13.50 -14.52 55.96
C MET A 857 -14.20 -15.20 57.12
N ASN A 858 -15.16 -16.06 56.80
CA ASN A 858 -15.97 -16.73 57.82
C ASN A 858 -15.77 -18.25 57.86
N ASP A 859 -14.68 -18.72 57.27
CA ASP A 859 -14.39 -20.15 57.22
C ASP A 859 -15.57 -20.94 56.65
N GLU A 860 -16.20 -20.38 55.62
CA GLU A 860 -17.34 -21.03 54.98
C GLU A 860 -16.95 -21.57 53.61
N GLU A 861 -17.66 -22.62 53.16
CA GLU A 861 -17.38 -23.21 51.86
C GLU A 861 -17.69 -22.22 50.74
N LEU A 862 -16.80 -22.16 49.76
CA LEU A 862 -16.95 -21.25 48.64
C LEU A 862 -18.04 -21.72 47.67
N GLU A 863 -18.67 -20.77 47.00
CA GLU A 863 -19.57 -21.07 45.91
C GLU A 863 -18.74 -21.11 44.63
N GLN A 864 -19.20 -21.85 43.63
CA GLN A 864 -18.51 -21.88 42.35
C GLN A 864 -19.00 -20.75 41.47
N MET A 865 -18.07 -20.10 40.77
CA MET A 865 -18.39 -18.94 39.95
C MET A 865 -18.38 -19.26 38.46
N HIS A 866 -19.00 -18.39 37.67
CA HIS A 866 -19.06 -18.57 36.24
C HIS A 866 -18.84 -17.24 35.54
N PRO A 867 -18.25 -17.27 34.34
CA PRO A 867 -17.95 -16.05 33.57
C PRO A 867 -19.13 -15.09 33.55
N TRP A 868 -18.86 -13.81 33.83
CA TRP A 868 -19.89 -12.79 33.85
C TRP A 868 -19.40 -11.51 33.19
N PHE A 869 -20.21 -10.93 32.32
CA PHE A 869 -19.85 -9.73 31.60
C PHE A 869 -20.76 -8.56 31.93
N ARG A 870 -20.18 -7.37 32.08
CA ARG A 870 -20.94 -6.18 32.41
C ARG A 870 -21.90 -5.81 31.28
N GLY A 871 -23.16 -5.59 31.64
CA GLY A 871 -24.16 -5.14 30.69
C GLY A 871 -24.49 -6.15 29.60
N TRP A 872 -24.00 -7.37 29.74
CA TRP A 872 -24.29 -8.42 28.76
C TRP A 872 -25.61 -9.11 29.09
N THR A 873 -26.40 -9.37 28.06
CA THR A 873 -27.74 -9.91 28.25
C THR A 873 -27.91 -11.29 27.62
N GLY A 874 -26.85 -12.09 27.65
CA GLY A 874 -26.89 -13.43 27.10
C GLY A 874 -26.98 -14.49 28.18
N THR A 875 -26.73 -15.74 27.79
CA THR A 875 -26.77 -16.85 28.74
C THR A 875 -25.50 -17.70 28.64
N ILE A 876 -25.08 -18.23 29.78
CA ILE A 876 -23.90 -19.09 29.84
C ILE A 876 -24.19 -20.38 30.60
N GLU A 877 -23.88 -21.51 29.99
CA GLU A 877 -24.09 -22.80 30.65
C GLU A 877 -22.79 -23.60 30.73
N GLU A 878 -22.50 -24.11 31.91
CA GLU A 878 -21.33 -24.95 32.11
C GLU A 878 -21.55 -26.31 31.47
N ILE A 879 -20.53 -26.80 30.76
CA ILE A 879 -20.57 -28.13 30.17
C ILE A 879 -19.67 -29.17 30.81
N GLU A 880 -18.47 -28.72 31.19
CA GLU A 880 -17.51 -29.56 31.90
C GLU A 880 -16.82 -28.56 32.82
N PRO A 881 -16.34 -29.02 33.99
CA PRO A 881 -15.54 -28.12 34.82
C PRO A 881 -14.43 -27.49 33.97
N LEU A 882 -14.38 -26.16 33.96
CA LEU A 882 -13.41 -25.42 33.15
C LEU A 882 -13.83 -25.38 31.67
N ARG A 883 -15.10 -25.13 31.41
CA ARG A 883 -15.64 -25.13 30.06
C ARG A 883 -16.97 -24.41 30.20
N TYR A 884 -17.31 -23.62 29.21
CA TYR A 884 -18.66 -23.04 29.14
C TYR A 884 -19.11 -22.75 27.71
N ARG A 885 -20.43 -22.74 27.52
CA ARG A 885 -21.00 -22.26 26.28
C ARG A 885 -21.65 -20.89 26.51
N MET A 886 -21.64 -20.06 25.48
CA MET A 886 -22.12 -18.70 25.57
C MET A 886 -23.05 -18.39 24.40
N TYR A 887 -24.32 -18.15 24.71
CA TYR A 887 -25.33 -17.95 23.69
C TYR A 887 -25.79 -16.50 23.62
N GLY A 888 -25.99 -16.01 22.40
CA GLY A 888 -26.63 -14.72 22.20
C GLY A 888 -28.12 -14.89 22.39
N ARG A 889 -28.91 -14.19 21.58
CA ARG A 889 -30.35 -14.38 21.60
C ARG A 889 -30.98 -14.18 20.23
N ILE A 890 -31.56 -15.24 19.69
CA ILE A 890 -32.32 -15.14 18.45
C ILE A 890 -33.77 -15.53 18.70
N GLU A 891 -34.68 -14.77 18.10
CA GLU A 891 -36.10 -14.91 18.37
C GLU A 891 -36.89 -14.82 17.07
N GLN A 892 -38.02 -15.51 16.98
CA GLN A 892 -38.84 -15.41 15.79
C GLN A 892 -39.98 -14.42 16.00
N ILE A 893 -39.98 -13.34 15.23
CA ILE A 893 -40.91 -12.24 15.44
C ILE A 893 -41.97 -12.15 14.36
N GLY A 894 -41.98 -13.12 13.45
CA GLY A 894 -42.96 -13.15 12.38
C GLY A 894 -42.78 -14.32 11.44
N ASP A 895 -43.74 -14.50 10.54
CA ASP A 895 -43.66 -15.57 9.57
C ASP A 895 -42.49 -15.36 8.62
N ASN A 896 -41.46 -16.20 8.79
CA ASN A 896 -40.26 -16.13 7.96
C ASN A 896 -39.35 -14.95 8.33
N VAL A 897 -39.42 -14.51 9.58
CA VAL A 897 -38.60 -13.40 10.04
C VAL A 897 -37.98 -13.67 11.42
N LEU A 898 -36.67 -13.55 11.49
CA LEU A 898 -35.95 -13.73 12.74
C LEU A 898 -35.33 -12.41 13.21
N GLU A 899 -34.95 -12.37 14.48
CA GLU A 899 -34.41 -11.16 15.10
C GLU A 899 -33.35 -11.53 16.12
N ILE A 900 -32.14 -11.01 15.92
CA ILE A 900 -31.04 -11.23 16.86
C ILE A 900 -30.89 -10.03 17.77
N THR A 901 -31.18 -10.22 19.05
CA THR A 901 -31.12 -9.14 20.03
C THR A 901 -29.84 -9.16 20.85
N GLU A 902 -29.11 -10.28 20.80
CA GLU A 902 -27.87 -10.40 21.54
C GLU A 902 -26.91 -11.37 20.88
N LEU A 903 -25.62 -11.06 20.99
CA LEU A 903 -24.56 -11.92 20.49
C LEU A 903 -23.73 -12.41 21.65
N PRO A 904 -23.02 -13.53 21.47
CA PRO A 904 -22.10 -13.98 22.52
C PRO A 904 -21.07 -12.90 22.82
N ALA A 905 -20.78 -12.67 24.10
CA ALA A 905 -19.82 -11.64 24.47
C ALA A 905 -18.52 -11.80 23.68
N ARG A 906 -17.89 -10.67 23.36
CA ARG A 906 -16.66 -10.65 22.58
C ARG A 906 -16.87 -11.01 21.11
N THR A 907 -18.13 -11.20 20.72
CA THR A 907 -18.48 -11.41 19.31
C THR A 907 -18.96 -10.10 18.71
N TRP A 908 -18.08 -9.44 17.97
CA TRP A 908 -18.31 -8.08 17.49
C TRP A 908 -19.41 -8.01 16.43
N THR A 909 -20.06 -6.85 16.35
CA THR A 909 -21.20 -6.65 15.47
C THR A 909 -20.81 -6.73 13.99
N SER A 910 -19.60 -6.29 13.66
CA SER A 910 -19.15 -6.28 12.28
C SER A 910 -18.92 -7.68 11.73
N THR A 911 -18.58 -8.62 12.62
CA THR A 911 -18.38 -10.00 12.22
C THR A 911 -19.71 -10.60 11.75
N ILE A 912 -20.70 -10.54 12.63
CA ILE A 912 -22.04 -11.03 12.30
C ILE A 912 -22.61 -10.25 11.11
N LYS A 913 -22.19 -9.00 10.97
CA LYS A 913 -22.63 -8.16 9.87
C LYS A 913 -22.11 -8.70 8.53
N GLU A 914 -20.80 -8.95 8.47
CA GLU A 914 -20.19 -9.52 7.27
C GLU A 914 -20.80 -10.88 6.99
N TYR A 915 -21.05 -11.65 8.05
CA TYR A 915 -21.66 -12.96 7.91
C TYR A 915 -23.03 -12.86 7.24
N LEU A 916 -23.86 -11.96 7.74
CA LEU A 916 -25.21 -11.77 7.19
C LEU A 916 -25.19 -11.19 5.78
N LEU A 917 -24.20 -10.35 5.50
CA LEU A 917 -24.05 -9.79 4.16
C LEU A 917 -23.67 -10.89 3.18
N LEU A 918 -22.82 -11.80 3.63
CA LEU A 918 -22.44 -12.95 2.80
C LEU A 918 -23.65 -13.85 2.58
N GLY A 919 -24.45 -14.04 3.63
CA GLY A 919 -25.65 -14.84 3.51
C GLY A 919 -26.70 -14.19 2.65
N LEU A 920 -26.59 -12.87 2.48
CA LEU A 920 -27.57 -12.10 1.72
C LEU A 920 -27.23 -12.03 0.23
N SER A 921 -25.96 -11.78 -0.05
CA SER A 921 -25.53 -11.59 -1.44
C SER A 921 -24.83 -12.82 -2.02
N GLY A 922 -24.91 -13.93 -1.32
CA GLY A 922 -24.31 -15.17 -1.78
C GLY A 922 -22.80 -15.07 -1.90
N ASN A 923 -22.17 -16.11 -2.43
CA ASN A 923 -20.72 -16.14 -2.56
C ASN A 923 -20.24 -17.09 -3.67
N ASP A 924 -18.98 -16.95 -4.06
CA ASP A 924 -18.38 -17.79 -5.08
C ASP A 924 -18.42 -19.26 -4.70
N LYS A 925 -18.36 -19.52 -3.39
CA LYS A 925 -18.28 -20.89 -2.88
C LYS A 925 -19.57 -21.33 -2.19
N ILE A 926 -20.45 -20.38 -1.88
CA ILE A 926 -21.70 -20.71 -1.20
C ILE A 926 -22.88 -19.91 -1.76
N LYS A 927 -24.03 -20.58 -1.88
CA LYS A 927 -25.23 -19.95 -2.40
C LYS A 927 -25.90 -19.08 -1.34
N PRO A 928 -26.54 -17.98 -1.77
CA PRO A 928 -27.26 -17.08 -0.86
C PRO A 928 -28.42 -17.77 -0.18
N TRP A 929 -28.55 -17.59 1.12
CA TRP A 929 -29.58 -18.25 1.90
C TRP A 929 -30.42 -17.25 2.72
N ILE A 930 -30.16 -15.96 2.51
CA ILE A 930 -30.90 -14.92 3.21
C ILE A 930 -31.58 -13.98 2.22
N LYS A 931 -32.88 -13.79 2.40
CA LYS A 931 -33.67 -12.95 1.49
C LYS A 931 -33.42 -11.46 1.76
N ASP A 932 -33.41 -11.07 3.02
CA ASP A 932 -33.17 -9.67 3.38
C ASP A 932 -32.57 -9.53 4.78
N MET A 933 -31.91 -8.40 5.02
CA MET A 933 -31.31 -8.12 6.32
C MET A 933 -31.27 -6.62 6.60
N GLU A 934 -31.62 -6.25 7.83
CA GLU A 934 -31.58 -4.86 8.26
C GLU A 934 -31.00 -4.72 9.66
N GLU A 935 -30.29 -3.62 9.89
CA GLU A 935 -29.73 -3.33 11.20
C GLU A 935 -30.55 -2.25 11.90
N GLN A 936 -30.95 -2.55 13.13
CA GLN A 936 -31.65 -1.61 13.98
C GLN A 936 -31.05 -1.64 15.38
N HIS A 937 -29.84 -1.14 15.52
CA HIS A 937 -29.13 -1.22 16.80
C HIS A 937 -29.33 0.11 17.53
N ASP A 938 -29.83 0.05 18.75
CA ASP A 938 -29.90 1.21 19.63
C ASP A 938 -28.69 1.18 20.56
N ASP A 939 -28.94 1.09 21.85
CA ASP A 939 -27.90 0.76 22.81
C ASP A 939 -27.94 -0.75 23.01
N ASN A 940 -28.39 -1.44 21.98
CA ASN A 940 -28.54 -2.89 22.00
C ASN A 940 -28.42 -3.46 20.59
N ILE A 941 -28.23 -4.77 20.49
CA ILE A 941 -28.10 -5.43 19.21
C ILE A 941 -29.47 -5.80 18.66
N LYS A 942 -29.71 -5.31 17.45
CA LYS A 942 -30.87 -5.69 16.69
C LYS A 942 -30.40 -6.07 15.30
N PHE A 943 -30.65 -7.30 14.94
CA PHE A 943 -30.60 -7.75 13.55
C PHE A 943 -31.97 -8.27 13.11
N ILE A 944 -32.54 -7.64 12.07
CA ILE A 944 -33.79 -8.13 11.52
C ILE A 944 -33.51 -8.89 10.23
N ILE A 945 -33.86 -10.18 10.21
CA ILE A 945 -33.53 -11.04 9.09
C ILE A 945 -34.76 -11.68 8.47
N THR A 946 -34.82 -11.69 7.15
CA THR A 946 -35.93 -12.31 6.45
C THR A 946 -35.44 -13.42 5.52
N LEU A 947 -35.86 -14.64 5.81
CA LEU A 947 -35.48 -15.80 5.01
C LEU A 947 -36.65 -16.26 4.16
N SER A 948 -36.36 -17.05 3.13
CA SER A 948 -37.39 -17.73 2.38
C SER A 948 -37.77 -18.98 3.16
N PRO A 949 -39.05 -19.37 3.13
CA PRO A 949 -39.56 -20.51 3.90
C PRO A 949 -38.62 -21.72 3.86
N GLU A 950 -38.11 -22.03 2.68
CA GLU A 950 -37.15 -23.11 2.51
C GLU A 950 -36.02 -22.97 3.52
N GLU A 951 -35.42 -21.78 3.55
CA GLU A 951 -34.32 -21.50 4.46
C GLU A 951 -34.77 -21.53 5.92
N MET A 952 -36.05 -21.33 6.15
CA MET A 952 -36.61 -21.46 7.48
C MET A 952 -36.57 -22.91 7.94
N ALA A 953 -37.08 -23.81 7.09
CA ALA A 953 -37.03 -25.24 7.40
C ALA A 953 -35.59 -25.71 7.57
N LYS A 954 -34.76 -25.39 6.57
CA LYS A 954 -33.35 -25.77 6.60
C LYS A 954 -32.67 -25.30 7.88
N THR A 955 -32.91 -24.03 8.24
CA THR A 955 -32.34 -23.46 9.44
C THR A 955 -32.85 -24.16 10.69
N ARG A 956 -34.11 -24.59 10.66
CA ARG A 956 -34.66 -25.37 11.75
C ARG A 956 -33.91 -26.69 11.88
N LYS A 957 -33.51 -27.24 10.74
CA LYS A 957 -32.76 -28.50 10.75
C LYS A 957 -31.35 -28.31 11.28
N ILE A 958 -30.74 -27.18 10.93
CA ILE A 958 -29.38 -26.88 11.37
C ILE A 958 -29.33 -26.37 12.81
N GLY A 959 -30.40 -25.69 13.22
CA GLY A 959 -30.45 -25.07 14.54
C GLY A 959 -30.22 -23.57 14.45
N PHE A 960 -31.15 -22.79 14.98
CA PHE A 960 -31.11 -21.34 14.87
C PHE A 960 -29.79 -20.73 15.38
N TYR A 961 -29.40 -21.10 16.59
CA TYR A 961 -28.18 -20.56 17.19
C TYR A 961 -26.92 -21.13 16.54
N GLU A 962 -27.03 -22.34 16.00
CA GLU A 962 -25.89 -23.00 15.38
C GLU A 962 -25.59 -22.45 13.99
N ARG A 963 -26.61 -21.95 13.31
CA ARG A 963 -26.44 -21.44 11.96
C ARG A 963 -26.15 -19.94 11.91
N PHE A 964 -26.65 -19.21 12.92
CA PHE A 964 -26.43 -17.78 12.99
C PHE A 964 -25.24 -17.42 13.86
N LYS A 965 -24.35 -18.39 14.07
CA LYS A 965 -23.12 -18.16 14.80
C LYS A 965 -23.35 -17.52 16.16
N LEU A 966 -24.39 -17.97 16.87
CA LEU A 966 -24.72 -17.40 18.17
C LEU A 966 -24.31 -18.30 19.33
N ILE A 967 -23.17 -18.96 19.17
CA ILE A 967 -22.63 -19.83 20.21
C ILE A 967 -21.12 -19.71 20.27
N SER A 968 -20.58 -19.46 21.47
CA SER A 968 -19.15 -19.30 21.64
C SER A 968 -18.62 -20.02 22.88
N PRO A 969 -17.47 -20.69 22.74
CA PRO A 969 -16.90 -21.46 23.86
C PRO A 969 -15.99 -20.62 24.76
N ILE A 970 -16.08 -20.87 26.06
CA ILE A 970 -15.18 -20.24 27.03
C ILE A 970 -14.36 -21.31 27.73
N SER A 971 -13.04 -21.17 27.64
CA SER A 971 -12.12 -22.18 28.17
C SER A 971 -11.31 -21.68 29.34
N LEU A 972 -11.53 -22.27 30.51
CA LEU A 972 -10.77 -21.90 31.71
C LEU A 972 -9.56 -22.81 31.85
N MET A 973 -9.34 -23.65 30.85
CA MET A 973 -8.26 -24.63 30.89
C MET A 973 -6.89 -23.96 30.75
N ASN A 974 -6.87 -22.69 30.35
CA ASN A 974 -5.62 -22.00 30.19
C ASN A 974 -5.72 -20.73 31.01
N MET A 975 -5.49 -20.87 32.31
CA MET A 975 -5.46 -19.74 33.22
C MET A 975 -4.06 -19.66 33.82
N VAL A 976 -3.22 -18.80 33.24
CA VAL A 976 -1.84 -18.68 33.68
C VAL A 976 -1.53 -17.28 34.17
N ALA A 977 -0.87 -17.18 35.32
CA ALA A 977 -0.50 -15.89 35.89
C ALA A 977 0.70 -16.00 36.83
N PHE A 978 1.39 -14.88 37.03
CA PHE A 978 2.52 -14.84 37.96
C PHE A 978 2.04 -14.82 39.40
N ASP A 979 2.39 -15.87 40.14
CA ASP A 979 2.04 -15.96 41.56
C ASP A 979 2.68 -14.80 42.32
N PRO A 980 2.34 -14.63 43.61
CA PRO A 980 2.93 -13.55 44.41
C PRO A 980 4.46 -13.52 44.33
N HIS A 981 5.09 -14.67 44.15
CA HIS A 981 6.55 -14.75 44.13
C HIS A 981 7.13 -14.62 42.72
N GLY A 982 6.34 -14.10 41.80
CA GLY A 982 6.80 -13.87 40.44
C GLY A 982 7.13 -15.13 39.68
N LYS A 983 6.61 -16.26 40.15
CA LYS A 983 6.82 -17.54 39.49
C LYS A 983 5.58 -17.93 38.68
N ILE A 984 5.72 -17.94 37.37
CA ILE A 984 4.61 -18.24 36.49
C ILE A 984 3.90 -19.52 36.94
N LYS A 985 2.57 -19.47 36.98
CA LYS A 985 1.79 -20.54 37.55
C LYS A 985 0.47 -20.74 36.80
N LYS A 986 0.11 -21.99 36.57
CA LYS A 986 -1.15 -22.32 35.91
C LYS A 986 -2.18 -22.76 36.94
N TYR A 987 -3.26 -21.99 37.07
CA TYR A 987 -4.29 -22.29 38.05
C TYR A 987 -5.35 -23.23 37.47
N ASN A 988 -5.76 -24.20 38.28
CA ASN A 988 -6.67 -25.24 37.82
C ASN A 988 -8.13 -24.92 38.13
N SER A 989 -8.35 -23.93 39.00
CA SER A 989 -9.70 -23.51 39.36
C SER A 989 -9.73 -22.03 39.70
N VAL A 990 -10.86 -21.38 39.43
CA VAL A 990 -11.03 -19.96 39.74
C VAL A 990 -10.83 -19.70 41.23
N ASN A 991 -11.40 -20.58 42.05
CA ASN A 991 -11.33 -20.44 43.50
C ASN A 991 -9.92 -20.60 44.06
N GLU A 992 -9.07 -21.31 43.32
CA GLU A 992 -7.66 -21.41 43.69
C GLU A 992 -7.03 -20.02 43.63
N ILE A 993 -7.20 -19.39 42.47
CA ILE A 993 -6.78 -18.00 42.28
C ILE A 993 -7.32 -17.14 43.42
N LEU A 994 -8.64 -17.12 43.56
CA LEU A 994 -9.30 -16.30 44.56
C LEU A 994 -8.67 -16.48 45.95
N SER A 995 -8.43 -17.73 46.33
CA SER A 995 -7.84 -18.04 47.64
C SER A 995 -6.43 -17.49 47.77
N GLU A 996 -5.57 -17.85 46.82
CA GLU A 996 -4.18 -17.43 46.85
C GLU A 996 -4.08 -15.91 46.91
N PHE A 997 -5.09 -15.22 46.37
CA PHE A 997 -5.18 -13.78 46.55
C PHE A 997 -5.57 -13.46 48.00
N TYR A 998 -6.67 -14.07 48.43
CA TYR A 998 -7.25 -13.81 49.74
C TYR A 998 -6.20 -13.78 50.84
N TYR A 999 -5.41 -14.84 50.93
CA TYR A 999 -4.44 -14.95 52.02
C TYR A 999 -3.41 -13.80 52.06
N VAL A 1000 -2.70 -13.61 50.94
CA VAL A 1000 -1.76 -12.51 50.82
C VAL A 1000 -2.43 -11.20 51.22
N ARG A 1001 -3.63 -10.97 50.71
CA ARG A 1001 -4.36 -9.75 51.04
C ARG A 1001 -4.52 -9.60 52.55
N LEU A 1002 -5.05 -10.63 53.21
CA LEU A 1002 -5.21 -10.61 54.65
C LEU A 1002 -3.92 -10.19 55.34
N GLU A 1003 -2.85 -10.91 55.02
CA GLU A 1003 -1.54 -10.60 55.58
C GLU A 1003 -1.22 -9.11 55.42
N TYR A 1004 -1.50 -8.56 54.25
CA TYR A 1004 -1.18 -7.16 53.99
C TYR A 1004 -2.17 -6.18 54.62
N TYR A 1005 -3.28 -6.71 55.12
CA TYR A 1005 -4.19 -5.89 55.92
C TYR A 1005 -3.66 -5.79 57.34
N GLN A 1006 -3.18 -6.91 57.88
CA GLN A 1006 -2.50 -6.85 59.17
C GLN A 1006 -1.30 -5.90 59.06
N LYS A 1007 -0.48 -6.12 58.04
CA LYS A 1007 0.69 -5.31 57.77
C LYS A 1007 0.31 -3.82 57.67
N ARG A 1008 -0.71 -3.55 56.87
CA ARG A 1008 -1.22 -2.19 56.69
C ARG A 1008 -1.55 -1.55 58.03
N LYS A 1009 -2.42 -2.21 58.80
CA LYS A 1009 -2.78 -1.71 60.12
C LYS A 1009 -1.56 -1.39 60.96
N ASP A 1010 -0.60 -2.32 61.00
CA ASP A 1010 0.62 -2.11 61.78
C ASP A 1010 1.37 -0.84 61.35
N HIS A 1011 1.63 -0.72 60.05
CA HIS A 1011 2.32 0.45 59.53
C HIS A 1011 1.60 1.74 59.90
N MET A 1012 0.31 1.79 59.62
CA MET A 1012 -0.49 2.96 59.95
C MET A 1012 -0.34 3.32 61.42
N SER A 1013 -0.36 2.29 62.26
CA SER A 1013 -0.13 2.45 63.69
C SER A 1013 1.19 3.17 63.96
N GLU A 1014 2.29 2.59 63.47
CA GLU A 1014 3.62 3.18 63.69
C GLU A 1014 3.66 4.63 63.25
N ARG A 1015 3.37 4.86 61.96
CA ARG A 1015 3.31 6.20 61.40
C ARG A 1015 2.54 7.15 62.30
N LEU A 1016 1.34 6.74 62.72
CA LEU A 1016 0.50 7.56 63.56
C LEU A 1016 1.18 7.93 64.88
N GLN A 1017 1.76 6.94 65.55
CA GLN A 1017 2.50 7.19 66.78
C GLN A 1017 3.57 8.25 66.55
N TRP A 1018 4.33 8.08 65.47
CA TRP A 1018 5.36 9.03 65.10
C TRP A 1018 4.78 10.45 64.97
N GLU A 1019 3.66 10.56 64.27
CA GLU A 1019 2.98 11.83 64.12
C GLU A 1019 2.62 12.44 65.47
N VAL A 1020 2.04 11.63 66.35
CA VAL A 1020 1.63 12.09 67.68
C VAL A 1020 2.83 12.66 68.43
N GLU A 1021 3.96 11.95 68.36
CA GLU A 1021 5.18 12.43 69.00
C GLU A 1021 5.62 13.77 68.40
N LYS A 1022 5.61 13.84 67.06
CA LYS A 1022 5.97 15.08 66.36
C LYS A 1022 5.15 16.27 66.86
N TYR A 1023 3.83 16.16 66.70
CA TYR A 1023 2.90 17.18 67.19
C TYR A 1023 3.20 17.54 68.63
N SER A 1024 3.21 16.53 69.50
CA SER A 1024 3.48 16.73 70.92
C SER A 1024 4.70 17.60 71.17
N PHE A 1025 5.81 17.28 70.50
CA PHE A 1025 7.04 18.04 70.71
C PHE A 1025 6.98 19.45 70.12
N GLN A 1026 6.24 19.60 69.02
CA GLN A 1026 6.00 20.94 68.48
C GLN A 1026 5.26 21.79 69.53
N VAL A 1027 4.29 21.18 70.18
CA VAL A 1027 3.52 21.85 71.23
C VAL A 1027 4.39 22.20 72.42
N LYS A 1028 5.21 21.25 72.85
CA LYS A 1028 6.15 21.50 73.94
C LYS A 1028 7.05 22.67 73.58
N PHE A 1029 7.45 22.73 72.31
CA PHE A 1029 8.29 23.81 71.76
C PHE A 1029 7.70 25.24 71.67
N ILE A 1030 6.46 25.36 71.19
CA ILE A 1030 5.71 26.61 71.20
C ILE A 1030 5.38 27.03 72.63
N LYS A 1031 5.02 26.05 73.45
CA LYS A 1031 4.65 26.29 74.84
C LYS A 1031 5.84 26.80 75.63
N MET A 1032 6.98 26.12 75.50
CA MET A 1032 8.19 26.53 76.20
C MET A 1032 8.66 27.91 75.72
N ILE A 1033 8.29 28.29 74.52
CA ILE A 1033 8.62 29.62 74.00
C ILE A 1033 7.68 30.69 74.54
N ILE A 1034 6.41 30.33 74.68
CA ILE A 1034 5.41 31.24 75.24
C ILE A 1034 5.68 31.56 76.70
N GLU A 1035 5.83 30.51 77.51
CA GLU A 1035 6.16 30.64 78.92
C GLU A 1035 7.54 31.30 79.10
N LYS A 1036 8.20 31.60 77.99
CA LYS A 1036 9.50 32.26 78.01
C LYS A 1036 10.61 31.38 78.59
N GLU A 1037 10.36 30.08 78.65
CA GLU A 1037 11.35 29.13 79.15
C GLU A 1037 12.42 28.85 78.09
N LEU A 1038 12.08 29.12 76.83
CA LEU A 1038 12.99 28.89 75.71
C LEU A 1038 13.03 30.09 74.78
N THR A 1039 14.23 30.57 74.47
CA THR A 1039 14.39 31.73 73.60
C THR A 1039 15.23 31.39 72.38
N VAL A 1040 14.71 31.70 71.19
CA VAL A 1040 15.39 31.40 69.95
C VAL A 1040 15.91 32.70 69.31
N THR A 1041 15.35 33.82 69.74
CA THR A 1041 15.77 35.13 69.25
C THR A 1041 17.27 35.32 69.45
N ASN A 1042 18.00 35.48 68.35
CA ASN A 1042 19.46 35.45 68.36
C ASN A 1042 19.98 34.05 68.70
N LYS A 1043 21.10 33.94 69.41
CA LYS A 1043 21.63 32.61 69.87
C LYS A 1043 22.04 31.51 68.84
N PRO A 1044 23.25 31.56 68.29
CA PRO A 1044 23.55 30.90 67.00
C PRO A 1044 23.17 29.41 66.94
N ARG A 1045 22.60 29.01 65.79
CA ARG A 1045 21.78 27.81 65.68
C ARG A 1045 22.40 26.63 66.44
N ASN A 1046 23.72 26.61 66.54
CA ASN A 1046 24.40 25.55 67.29
C ASN A 1046 23.95 25.52 68.74
N ALA A 1047 24.06 26.67 69.39
CA ALA A 1047 23.67 26.82 70.79
C ALA A 1047 22.20 26.48 71.02
N ILE A 1048 21.40 26.66 69.98
CA ILE A 1048 19.98 26.31 70.06
C ILE A 1048 19.78 24.81 69.97
N ILE A 1049 20.43 24.19 68.99
CA ILE A 1049 20.40 22.75 68.84
C ILE A 1049 20.78 22.08 70.15
N GLN A 1050 21.89 22.51 70.74
CA GLN A 1050 22.32 21.98 72.03
C GLN A 1050 21.21 22.01 73.07
N GLU A 1051 20.60 23.17 73.23
CA GLU A 1051 19.48 23.32 74.16
C GLU A 1051 18.39 22.30 73.85
N LEU A 1052 18.01 22.22 72.58
CA LEU A 1052 16.95 21.33 72.15
C LEU A 1052 17.21 19.87 72.54
N GLU A 1053 18.41 19.38 72.21
CA GLU A 1053 18.75 17.99 72.53
C GLU A 1053 19.06 17.79 74.02
N ASN A 1054 19.22 18.89 74.75
CA ASN A 1054 19.41 18.83 76.19
C ASN A 1054 18.09 18.96 76.95
N LEU A 1055 17.02 19.20 76.20
CA LEU A 1055 15.68 19.27 76.79
C LEU A 1055 14.89 17.99 76.51
N GLY A 1056 15.50 17.09 75.74
CA GLY A 1056 14.90 15.81 75.43
C GLY A 1056 14.27 15.76 74.05
N PHE A 1057 14.16 16.91 73.39
CA PHE A 1057 13.59 16.96 72.06
C PHE A 1057 14.26 15.98 71.11
N PRO A 1058 13.46 15.11 70.48
CA PRO A 1058 13.96 14.16 69.49
C PRO A 1058 14.07 14.81 68.11
N ARG A 1059 14.92 14.26 67.26
CA ARG A 1059 15.06 14.75 65.90
C ARG A 1059 14.08 14.02 64.97
N PHE A 1060 13.87 14.58 63.80
CA PHE A 1060 12.95 13.98 62.84
C PHE A 1060 13.51 14.07 61.42
N ASN A 1061 13.57 12.93 60.73
CA ASN A 1061 13.99 12.90 59.35
C ASN A 1061 12.83 13.22 58.41
N LYS A 1062 13.07 13.17 57.11
CA LYS A 1062 12.06 13.53 56.12
C LYS A 1062 10.82 12.63 56.17
N GLU A 1063 11.01 11.33 56.34
CA GLU A 1063 9.90 10.40 56.43
C GLU A 1063 8.94 10.83 57.54
N GLY A 1064 9.48 11.01 58.74
CA GLY A 1064 8.68 11.36 59.90
C GLY A 1064 9.10 10.53 61.09
N LYS A 1065 10.15 9.74 60.92
CA LYS A 1065 10.68 8.89 61.99
C LYS A 1065 11.53 9.70 62.95
N PRO A 1066 11.31 9.51 64.26
CA PRO A 1066 12.03 10.22 65.32
C PRO A 1066 13.42 9.65 65.57
N TYR A 1067 14.20 10.34 66.39
CA TYR A 1067 15.51 9.86 66.82
C TYR A 1067 15.80 10.43 68.20
N TYR A 1068 16.25 9.57 69.11
CA TYR A 1068 16.57 9.97 70.47
C TYR A 1068 17.99 9.57 70.85
N GLY A 1069 18.74 9.05 69.88
CA GLY A 1069 20.11 8.62 70.11
C GLY A 1069 21.01 9.77 70.52
N SER A 1070 20.82 10.92 69.88
CA SER A 1070 21.63 12.10 70.18
C SER A 1070 22.88 12.15 69.32
N GLU A 1107 21.90 14.91 58.28
CA GLU A 1107 21.83 13.68 57.51
C GLU A 1107 20.46 13.03 57.63
N GLU A 1108 20.09 12.23 56.64
CA GLU A 1108 18.78 11.57 56.62
C GLU A 1108 18.68 10.50 57.71
N LEU A 1109 19.82 10.00 58.15
CA LEU A 1109 19.86 8.91 59.12
C LEU A 1109 19.45 9.34 60.53
N TYR A 1110 19.83 10.57 60.90
CA TYR A 1110 19.62 11.04 62.27
C TYR A 1110 18.50 12.07 62.42
N GLY A 1111 18.05 12.63 61.30
CA GLY A 1111 16.99 13.62 61.33
C GLY A 1111 17.44 14.95 61.88
N THR A 1112 16.64 15.99 61.67
CA THR A 1112 17.00 17.34 62.09
C THR A 1112 15.91 17.96 62.95
N TYR A 1113 16.22 19.12 63.54
CA TYR A 1113 15.22 19.87 64.29
C TYR A 1113 14.34 20.75 63.42
N GLU A 1114 14.40 20.53 62.11
CA GLU A 1114 13.61 21.29 61.16
C GLU A 1114 12.11 21.30 61.43
N TYR A 1115 11.63 20.27 62.12
CA TYR A 1115 10.21 20.15 62.41
C TYR A 1115 9.79 21.17 63.48
N LEU A 1116 10.77 21.84 64.09
CA LEU A 1116 10.48 22.86 65.11
C LEU A 1116 10.97 24.31 64.94
N LEU A 1117 12.02 24.53 64.15
CA LEU A 1117 12.51 25.85 63.81
C LEU A 1117 11.95 26.15 62.43
N GLY A 1118 11.59 25.10 61.70
CA GLY A 1118 11.07 25.26 60.35
C GLY A 1118 9.67 25.85 60.31
N MET A 1119 8.90 25.60 61.36
CA MET A 1119 7.49 25.99 61.38
C MET A 1119 7.30 27.50 61.24
N ARG A 1120 6.27 27.88 60.48
CA ARG A 1120 6.00 29.26 60.14
C ARG A 1120 5.79 30.05 61.42
N ILE A 1121 6.30 31.27 61.45
CA ILE A 1121 6.14 32.13 62.63
C ILE A 1121 4.69 32.20 63.08
N TRP A 1122 3.78 32.01 62.12
CA TRP A 1122 2.36 31.95 62.42
C TRP A 1122 2.07 31.03 63.60
N SER A 1123 2.79 29.94 63.73
CA SER A 1123 2.40 28.94 64.69
C SER A 1123 2.37 29.59 66.06
N LEU A 1124 3.18 30.64 66.22
CA LEU A 1124 3.46 31.21 67.53
C LEU A 1124 2.32 32.13 67.97
N THR A 1125 1.28 32.20 67.16
CA THR A 1125 0.08 32.94 67.51
C THR A 1125 -0.94 31.99 68.12
N LYS A 1126 -1.55 32.41 69.23
CA LYS A 1126 -2.44 31.55 70.00
C LYS A 1126 -3.38 30.70 69.15
N GLU A 1127 -3.87 31.27 68.06
CA GLU A 1127 -4.81 30.58 67.18
C GLU A 1127 -4.17 29.35 66.56
N ARG A 1128 -3.00 29.55 65.95
CA ARG A 1128 -2.22 28.46 65.38
C ARG A 1128 -1.90 27.41 66.43
N TYR A 1129 -1.59 27.87 67.65
CA TYR A 1129 -1.31 26.99 68.77
C TYR A 1129 -2.50 26.06 69.03
N GLN A 1130 -3.69 26.67 69.09
CA GLN A 1130 -4.91 25.91 69.33
C GLN A 1130 -5.16 24.91 68.22
N LYS A 1131 -4.99 25.35 66.98
CA LYS A 1131 -5.16 24.46 65.83
C LYS A 1131 -4.24 23.25 65.98
N LEU A 1132 -3.00 23.52 66.34
CA LEU A 1132 -2.01 22.48 66.60
C LEU A 1132 -2.52 21.48 67.64
N LEU A 1133 -2.99 22.00 68.77
CA LEU A 1133 -3.54 21.15 69.83
C LEU A 1133 -4.64 20.25 69.27
N LYS A 1134 -5.62 20.86 68.62
CA LYS A 1134 -6.71 20.12 68.00
C LYS A 1134 -6.19 18.99 67.13
N GLN A 1135 -5.22 19.30 66.28
CA GLN A 1135 -4.61 18.31 65.40
C GLN A 1135 -4.01 17.15 66.18
N LYS A 1136 -3.29 17.47 67.26
CA LYS A 1136 -2.74 16.46 68.15
C LYS A 1136 -3.83 15.51 68.67
N GLN A 1137 -4.81 16.10 69.34
CA GLN A 1137 -5.92 15.33 69.89
C GLN A 1137 -6.53 14.40 68.84
N GLU A 1138 -6.83 14.97 67.67
CA GLU A 1138 -7.40 14.20 66.57
C GLU A 1138 -6.50 13.03 66.18
N LYS A 1139 -5.20 13.29 66.05
CA LYS A 1139 -4.26 12.23 65.72
C LYS A 1139 -4.34 11.08 66.72
N GLU A 1140 -4.30 11.43 68.00
CA GLU A 1140 -4.43 10.43 69.05
C GLU A 1140 -5.73 9.64 68.91
N THR A 1141 -6.83 10.34 68.66
CA THR A 1141 -8.12 9.71 68.44
C THR A 1141 -8.03 8.68 67.32
N GLU A 1142 -7.44 9.08 66.20
CA GLU A 1142 -7.19 8.15 65.09
C GLU A 1142 -6.49 6.91 65.61
N LEU A 1143 -5.32 7.10 66.19
CA LEU A 1143 -4.52 6.01 66.71
C LEU A 1143 -5.37 5.02 67.50
N GLU A 1144 -6.15 5.56 68.44
CA GLU A 1144 -7.01 4.76 69.31
C GLU A 1144 -8.06 3.97 68.52
N ASN A 1145 -8.73 4.65 67.58
CA ASN A 1145 -9.72 3.99 66.75
C ASN A 1145 -9.11 2.84 65.95
N LEU A 1146 -7.91 3.08 65.44
CA LEU A 1146 -7.19 2.10 64.64
C LEU A 1146 -6.83 0.85 65.45
N LEU A 1147 -6.19 1.07 66.61
CA LEU A 1147 -5.78 -0.05 67.44
C LEU A 1147 -6.98 -0.90 67.88
N LYS A 1148 -8.17 -0.37 67.69
CA LYS A 1148 -9.40 -1.06 68.08
C LYS A 1148 -10.04 -1.79 66.90
N LEU A 1149 -9.21 -2.24 65.97
CA LEU A 1149 -9.71 -2.93 64.78
C LEU A 1149 -8.79 -4.07 64.35
N SER A 1150 -9.39 -5.16 63.88
CA SER A 1150 -8.63 -6.26 63.33
C SER A 1150 -8.49 -6.10 61.82
N ALA A 1151 -7.58 -6.85 61.22
CA ALA A 1151 -7.37 -6.79 59.78
C ALA A 1151 -8.68 -6.97 59.03
N LYS A 1152 -9.42 -8.01 59.40
CA LYS A 1152 -10.68 -8.32 58.74
C LYS A 1152 -11.69 -7.18 58.89
N ASP A 1153 -11.59 -6.44 60.00
CA ASP A 1153 -12.46 -5.29 60.22
C ASP A 1153 -12.24 -4.23 59.14
N ILE A 1154 -11.03 -3.69 59.10
CA ILE A 1154 -10.65 -2.70 58.10
C ILE A 1154 -10.99 -3.19 56.70
N TRP A 1155 -10.56 -4.41 56.39
CA TRP A 1155 -10.85 -4.99 55.08
C TRP A 1155 -12.34 -4.91 54.80
N ASN A 1156 -13.15 -5.21 55.81
CA ASN A 1156 -14.60 -5.16 55.67
C ASN A 1156 -15.10 -3.75 55.35
N THR A 1157 -14.62 -2.78 56.11
CA THR A 1157 -14.98 -1.38 55.88
C THR A 1157 -14.71 -1.00 54.42
N ASP A 1158 -13.47 -1.23 53.99
CA ASP A 1158 -13.11 -0.97 52.61
C ASP A 1158 -14.10 -1.67 51.67
N LEU A 1159 -14.43 -2.91 51.98
CA LEU A 1159 -15.36 -3.69 51.15
C LEU A 1159 -16.72 -3.00 51.00
N LYS A 1160 -17.35 -2.62 52.11
CA LYS A 1160 -18.66 -1.98 52.04
C LYS A 1160 -18.58 -0.66 51.28
N ALA A 1161 -17.55 0.13 51.57
CA ALA A 1161 -17.33 1.37 50.83
C ALA A 1161 -17.34 1.06 49.33
N PHE A 1162 -16.61 0.03 48.95
CA PHE A 1162 -16.56 -0.40 47.54
C PHE A 1162 -17.91 -0.90 47.04
N GLU A 1163 -18.77 -1.35 47.95
CA GLU A 1163 -20.10 -1.79 47.58
C GLU A 1163 -20.94 -0.59 47.16
N VAL A 1164 -20.92 0.44 48.00
CA VAL A 1164 -21.60 1.69 47.65
C VAL A 1164 -21.06 2.22 46.32
N GLY A 1165 -19.76 2.45 46.28
CA GLY A 1165 -19.12 2.97 45.09
C GLY A 1165 -19.43 2.17 43.84
N TYR A 1166 -19.52 0.85 44.01
CA TYR A 1166 -19.78 -0.05 42.90
C TYR A 1166 -21.21 0.09 42.41
N GLN A 1167 -22.15 0.22 43.34
CA GLN A 1167 -23.55 0.43 42.97
C GLN A 1167 -23.65 1.70 42.15
N GLU A 1168 -23.09 2.79 42.68
CA GLU A 1168 -23.10 4.06 41.96
C GLU A 1168 -22.47 3.88 40.56
N PHE A 1169 -21.36 3.17 40.50
CA PHE A 1169 -20.67 2.90 39.24
C PHE A 1169 -21.58 2.23 38.23
N LEU A 1170 -22.25 1.16 38.65
CA LEU A 1170 -23.19 0.47 37.79
C LEU A 1170 -24.27 1.42 37.29
N GLN A 1171 -24.80 2.23 38.19
CA GLN A 1171 -25.81 3.23 37.81
C GLN A 1171 -25.29 4.10 36.67
N ARG A 1172 -24.11 4.69 36.87
CA ARG A 1172 -23.51 5.56 35.88
C ARG A 1172 -23.27 4.85 34.54
N ASP A 1173 -22.76 3.62 34.60
CA ASP A 1173 -22.44 2.85 33.40
C ASP A 1173 -23.68 2.54 32.59
N ALA A 1174 -24.76 2.14 33.28
CA ALA A 1174 -26.03 1.89 32.62
C ALA A 1174 -26.60 3.19 32.05
N GLU A 1175 -26.29 4.29 32.72
CA GLU A 1175 -26.76 5.61 32.32
C GLU A 1175 -26.15 6.07 30.99
N ALA A 1176 -24.90 5.71 30.74
CA ALA A 1176 -24.18 6.19 29.57
C ALA A 1176 -24.30 5.28 28.35
N ARG A 1177 -25.12 4.24 28.46
CA ARG A 1177 -25.29 3.28 27.38
C ARG A 1177 -26.76 3.05 27.06
N SER F 7 -17.50 -9.97 -75.00
CA SER F 7 -17.01 -9.45 -73.73
C SER F 7 -17.43 -10.34 -72.56
N ALA F 8 -18.63 -10.93 -72.67
CA ALA F 8 -19.16 -11.78 -71.62
C ALA F 8 -18.43 -13.12 -71.58
N SER F 9 -17.54 -13.33 -72.53
CA SER F 9 -16.75 -14.56 -72.58
C SER F 9 -15.33 -14.32 -72.11
N ASP F 10 -14.99 -13.05 -71.89
CA ASP F 10 -13.68 -12.67 -71.38
C ASP F 10 -13.76 -12.37 -69.90
N LYS F 11 -14.96 -12.03 -69.44
CA LYS F 11 -15.20 -11.74 -68.03
C LYS F 11 -15.18 -13.02 -67.18
N TYR F 12 -15.86 -14.04 -67.67
CA TYR F 12 -15.92 -15.33 -66.98
C TYR F 12 -14.89 -16.29 -67.53
N GLN F 13 -13.94 -16.70 -66.68
CA GLN F 13 -12.87 -17.60 -67.11
C GLN F 13 -12.93 -18.95 -66.40
N LYS F 14 -12.45 -19.98 -67.08
CA LYS F 14 -12.30 -21.30 -66.48
C LYS F 14 -10.86 -21.77 -66.63
N ILE F 15 -10.18 -22.00 -65.51
CA ILE F 15 -8.78 -22.37 -65.56
C ILE F 15 -8.55 -23.76 -64.99
N SER F 16 -7.44 -24.38 -65.41
CA SER F 16 -7.08 -25.71 -64.95
C SER F 16 -6.51 -25.64 -63.55
N GLN F 17 -6.42 -26.80 -62.88
CA GLN F 17 -5.91 -26.86 -61.52
C GLN F 17 -4.45 -26.43 -61.44
N LEU F 18 -3.68 -26.77 -62.47
CA LEU F 18 -2.28 -26.38 -62.53
C LEU F 18 -2.11 -24.87 -62.71
N GLU F 19 -3.09 -24.24 -63.33
CA GLU F 19 -3.06 -22.80 -63.59
C GLU F 19 -3.47 -22.00 -62.35
N HIS F 20 -4.36 -22.57 -61.54
CA HIS F 20 -4.82 -21.90 -60.34
C HIS F 20 -3.73 -21.87 -59.27
N ILE F 21 -2.93 -22.93 -59.22
CA ILE F 21 -1.83 -23.02 -58.27
C ILE F 21 -0.78 -21.95 -58.52
N LEU F 22 -0.41 -21.77 -59.79
CA LEU F 22 0.60 -20.79 -60.16
C LEU F 22 0.08 -19.35 -60.11
N LYS F 23 -1.25 -19.20 -60.15
CA LYS F 23 -1.86 -17.87 -60.13
C LYS F 23 -2.20 -17.42 -58.71
N ARG F 24 -2.59 -18.37 -57.86
CA ARG F 24 -2.98 -18.07 -56.49
C ARG F 24 -2.35 -19.06 -55.52
N PRO F 25 -1.03 -18.99 -55.35
CA PRO F 25 -0.24 -19.95 -54.56
C PRO F 25 -0.58 -19.98 -53.07
N ASP F 26 -1.14 -18.88 -52.54
CA ASP F 26 -1.34 -18.72 -51.11
C ASP F 26 -2.00 -19.91 -50.39
N THR F 27 -3.06 -20.47 -50.97
CA THR F 27 -3.80 -21.54 -50.32
C THR F 27 -3.12 -22.90 -50.48
N TYR F 28 -2.03 -22.94 -51.24
CA TYR F 28 -1.31 -24.19 -51.48
C TYR F 28 0.03 -24.24 -50.73
N ILE F 29 0.82 -23.19 -50.87
CA ILE F 29 2.16 -23.15 -50.28
C ILE F 29 2.38 -21.92 -49.42
N GLY F 30 1.50 -20.93 -49.57
CA GLY F 30 1.64 -19.67 -48.85
C GLY F 30 2.06 -18.55 -49.77
N SER F 31 1.96 -17.31 -49.28
CA SER F 31 2.28 -16.13 -50.07
C SER F 31 3.65 -16.24 -50.73
N VAL F 32 3.74 -15.76 -51.97
CA VAL F 32 4.99 -15.74 -52.70
C VAL F 32 5.65 -14.36 -52.61
N GLU F 33 5.05 -13.49 -51.81
CA GLU F 33 5.60 -12.16 -51.57
C GLU F 33 6.56 -12.22 -50.39
N THR F 34 7.56 -11.36 -50.40
CA THR F 34 8.47 -11.25 -49.25
C THR F 34 7.67 -10.80 -48.04
N GLN F 35 8.04 -11.32 -46.86
CA GLN F 35 7.31 -11.01 -45.64
C GLN F 35 8.28 -10.69 -44.49
N GLU F 36 7.98 -9.63 -43.76
CA GLU F 36 8.72 -9.32 -42.54
C GLU F 36 8.25 -10.23 -41.41
N GLN F 37 9.15 -11.00 -40.85
CA GLN F 37 8.80 -11.96 -39.82
C GLN F 37 9.81 -11.99 -38.68
N LEU F 38 9.36 -12.46 -37.52
CA LEU F 38 10.27 -12.75 -36.41
C LEU F 38 10.47 -14.26 -36.38
N GLN F 39 11.67 -14.69 -36.78
CA GLN F 39 11.95 -16.11 -36.95
C GLN F 39 13.07 -16.61 -36.05
N TRP F 40 12.99 -17.89 -35.70
CA TRP F 40 14.07 -18.55 -34.98
C TRP F 40 15.11 -19.06 -35.96
N ILE F 41 16.38 -18.89 -35.62
CA ILE F 41 17.48 -19.33 -36.47
C ILE F 41 18.53 -20.04 -35.63
N TYR F 42 19.32 -20.90 -36.25
CA TYR F 42 20.43 -21.55 -35.56
C TYR F 42 21.72 -20.78 -35.79
N ASP F 43 22.32 -20.31 -34.70
CA ASP F 43 23.58 -19.57 -34.78
C ASP F 43 24.77 -20.50 -34.56
N GLU F 44 25.39 -20.91 -35.66
CA GLU F 44 26.52 -21.84 -35.61
C GLU F 44 27.63 -21.37 -34.67
N GLU F 45 27.80 -20.04 -34.59
CA GLU F 45 28.83 -19.44 -33.74
C GLU F 45 28.62 -19.69 -32.24
N THR F 46 27.37 -19.56 -31.79
CA THR F 46 27.01 -19.78 -30.39
C THR F 46 26.36 -21.13 -30.10
N ASP F 47 26.16 -21.93 -31.15
CA ASP F 47 25.54 -23.26 -31.01
C ASP F 47 24.15 -23.28 -30.33
N CYS F 48 23.27 -22.37 -30.73
CA CYS F 48 21.98 -22.19 -30.06
C CYS F 48 21.00 -21.50 -30.98
N MET F 49 19.72 -21.57 -30.62
CA MET F 49 18.69 -20.84 -31.35
C MET F 49 18.74 -19.37 -30.98
N ILE F 50 18.26 -18.51 -31.88
CA ILE F 50 18.24 -17.08 -31.64
C ILE F 50 17.19 -16.41 -32.52
N GLU F 51 16.36 -15.56 -31.91
CA GLU F 51 15.32 -14.86 -32.65
C GLU F 51 15.92 -13.70 -33.42
N LYS F 52 15.78 -13.75 -34.75
CA LYS F 52 16.29 -12.70 -35.63
C LYS F 52 15.24 -12.23 -36.62
N ASN F 53 15.12 -10.92 -36.78
CA ASN F 53 14.25 -10.34 -37.79
C ASN F 53 14.71 -10.72 -39.19
N VAL F 54 13.82 -11.33 -39.96
CA VAL F 54 14.16 -11.79 -41.30
C VAL F 54 13.11 -11.44 -42.33
N THR F 55 13.50 -11.50 -43.60
CA THR F 55 12.57 -11.30 -44.71
C THR F 55 12.68 -12.48 -45.67
N ILE F 56 11.64 -13.30 -45.70
CA ILE F 56 11.63 -14.50 -46.53
C ILE F 56 10.35 -14.64 -47.34
N VAL F 57 10.39 -15.49 -48.35
CA VAL F 57 9.22 -15.80 -49.15
C VAL F 57 8.63 -17.12 -48.68
N PRO F 58 7.54 -17.06 -47.90
CA PRO F 58 6.89 -18.22 -47.27
C PRO F 58 6.69 -19.38 -48.24
N GLY F 59 6.30 -19.07 -49.47
CA GLY F 59 6.11 -20.09 -50.49
C GLY F 59 7.37 -20.94 -50.70
N LEU F 60 8.50 -20.26 -50.83
CA LEU F 60 9.78 -20.94 -51.01
C LEU F 60 10.09 -21.84 -49.83
N PHE F 61 9.94 -21.29 -48.64
CA PHE F 61 10.20 -22.04 -47.41
C PHE F 61 9.31 -23.27 -47.32
N LYS F 62 8.08 -23.14 -47.81
CA LYS F 62 7.09 -24.21 -47.72
C LYS F 62 7.39 -25.40 -48.64
N ILE F 63 7.69 -25.11 -49.91
CA ILE F 63 7.98 -26.18 -50.87
C ILE F 63 9.18 -27.00 -50.40
N PHE F 64 10.08 -26.35 -49.65
CA PHE F 64 11.21 -27.04 -49.05
C PHE F 64 10.75 -27.89 -47.87
N ASP F 65 9.70 -27.44 -47.20
CA ASP F 65 9.13 -28.15 -46.07
C ASP F 65 8.40 -29.40 -46.55
N GLU F 66 7.79 -29.30 -47.73
CA GLU F 66 7.04 -30.40 -48.31
C GLU F 66 7.92 -31.61 -48.61
N ILE F 67 9.18 -31.37 -48.94
CA ILE F 67 10.12 -32.44 -49.24
C ILE F 67 10.70 -33.05 -47.96
N LEU F 68 10.93 -32.20 -46.96
CA LEU F 68 11.41 -32.65 -45.66
C LEU F 68 10.38 -33.55 -45.00
N VAL F 69 9.15 -33.04 -44.87
CA VAL F 69 8.07 -33.79 -44.23
C VAL F 69 7.83 -35.13 -44.94
N ASN F 70 8.16 -35.19 -46.23
CA ASN F 70 8.05 -36.45 -46.97
C ASN F 70 9.08 -37.48 -46.54
N ALA F 71 10.29 -37.00 -46.23
CA ALA F 71 11.36 -37.88 -45.77
C ALA F 71 11.10 -38.34 -44.34
N ALA F 72 10.47 -37.48 -43.56
CA ALA F 72 10.13 -37.80 -42.18
C ALA F 72 8.97 -38.79 -42.13
N ASP F 73 8.07 -38.70 -43.10
CA ASP F 73 6.96 -39.64 -43.21
C ASP F 73 7.47 -41.04 -43.46
N ASN F 74 8.62 -41.12 -44.12
CA ASN F 74 9.18 -42.41 -44.50
C ASN F 74 9.71 -43.21 -43.31
N LYS F 75 9.94 -42.52 -42.20
CA LYS F 75 10.35 -43.19 -40.96
C LYS F 75 9.16 -43.93 -40.35
N VAL F 76 7.98 -43.35 -40.54
CA VAL F 76 6.74 -44.00 -40.09
C VAL F 76 6.49 -45.21 -40.98
N ARG F 77 6.78 -45.07 -42.27
CA ARG F 77 6.61 -46.15 -43.23
C ARG F 77 7.58 -47.29 -42.94
N ASP F 78 8.86 -46.97 -42.86
CA ASP F 78 9.90 -47.96 -42.56
C ASP F 78 10.73 -47.54 -41.35
N PRO F 79 10.43 -48.13 -40.18
CA PRO F 79 11.11 -47.80 -38.93
C PRO F 79 12.62 -48.06 -38.97
N SER F 80 13.09 -48.79 -39.97
CA SER F 80 14.50 -49.14 -40.06
C SER F 80 15.35 -48.01 -40.62
N MET F 81 14.71 -46.89 -40.95
CA MET F 81 15.43 -45.72 -41.44
C MET F 81 16.35 -45.15 -40.37
N LYS F 82 17.50 -44.65 -40.80
CA LYS F 82 18.49 -44.07 -39.90
C LYS F 82 19.00 -42.66 -40.25
N ARG F 83 18.99 -42.30 -41.53
CA ARG F 83 19.70 -41.11 -41.99
C ARG F 83 18.93 -40.24 -42.97
N ILE F 84 19.02 -38.93 -42.79
CA ILE F 84 18.45 -37.96 -43.71
C ILE F 84 19.47 -36.87 -44.02
N ASP F 85 19.76 -36.68 -45.30
CA ASP F 85 20.69 -35.63 -45.72
C ASP F 85 19.98 -34.44 -46.35
N VAL F 86 20.44 -33.24 -46.01
CA VAL F 86 19.92 -32.02 -46.59
C VAL F 86 21.06 -31.13 -47.06
N ASN F 87 21.30 -31.12 -48.37
CA ASN F 87 22.41 -30.38 -48.94
C ASN F 87 21.98 -29.15 -49.71
N ILE F 88 22.21 -27.97 -49.14
CA ILE F 88 21.88 -26.71 -49.79
C ILE F 88 23.10 -26.13 -50.49
N HIS F 89 23.04 -26.15 -51.82
CA HIS F 89 24.02 -25.44 -52.61
C HIS F 89 23.39 -24.12 -52.91
N ALA F 90 23.74 -23.11 -52.13
CA ALA F 90 23.27 -21.74 -52.37
C ALA F 90 23.76 -21.18 -53.70
N GLU F 91 25.01 -21.41 -54.04
CA GLU F 91 25.59 -20.83 -55.24
C GLU F 91 24.82 -21.32 -56.47
N GLU F 92 24.43 -22.58 -56.46
CA GLU F 92 23.71 -23.17 -57.59
C GLU F 92 22.21 -23.24 -57.31
N HIS F 93 21.75 -22.63 -56.22
CA HIS F 93 20.33 -22.52 -55.98
C HIS F 93 19.72 -23.92 -56.09
N THR F 94 20.45 -24.92 -55.62
CA THR F 94 20.00 -26.29 -55.71
C THR F 94 19.86 -26.92 -54.32
N ILE F 95 18.82 -27.71 -54.13
CA ILE F 95 18.54 -28.32 -52.84
C ILE F 95 18.34 -29.82 -52.96
N GLU F 96 18.99 -30.58 -52.08
CA GLU F 96 18.92 -32.04 -52.13
C GLU F 96 18.47 -32.63 -50.81
N VAL F 97 17.43 -33.46 -50.87
CA VAL F 97 16.92 -34.14 -49.67
C VAL F 97 16.93 -35.65 -49.86
N LYS F 98 17.86 -36.32 -49.20
CA LYS F 98 18.03 -37.76 -49.35
C LYS F 98 17.66 -38.51 -48.07
N ASN F 99 17.08 -39.70 -48.23
CA ASN F 99 16.70 -40.53 -47.10
C ASN F 99 16.87 -42.02 -47.39
N ASP F 100 17.47 -42.75 -46.47
CA ASP F 100 17.64 -44.18 -46.63
C ASP F 100 16.35 -44.92 -46.33
N GLY F 101 16.47 -46.19 -45.94
CA GLY F 101 15.31 -47.02 -45.71
C GLY F 101 14.63 -47.38 -47.02
N LYS F 102 13.42 -47.91 -46.95
CA LYS F 102 12.69 -48.32 -48.14
C LYS F 102 12.44 -47.13 -49.06
N GLY F 103 12.56 -47.36 -50.36
CA GLY F 103 12.39 -46.31 -51.35
C GLY F 103 11.06 -46.38 -52.08
N ILE F 104 11.03 -45.83 -53.29
CA ILE F 104 9.81 -45.81 -54.09
C ILE F 104 9.74 -47.05 -54.98
N PRO F 105 8.61 -47.72 -54.94
CA PRO F 105 8.50 -48.92 -55.74
C PRO F 105 8.66 -48.48 -57.18
N ILE F 106 9.59 -49.13 -57.86
CA ILE F 106 9.75 -49.02 -59.30
C ILE F 106 8.87 -50.06 -59.99
N GLU F 107 7.64 -49.65 -60.31
CA GLU F 107 6.65 -50.58 -60.83
C GLU F 107 5.53 -49.83 -61.55
N ILE F 108 4.98 -50.43 -62.59
CA ILE F 108 3.88 -49.83 -63.34
C ILE F 108 2.56 -49.95 -62.58
N HIS F 109 1.95 -48.81 -62.28
CA HIS F 109 0.68 -48.78 -61.58
C HIS F 109 -0.40 -49.42 -62.42
N ASN F 110 -1.13 -50.38 -61.82
CA ASN F 110 -2.11 -51.17 -62.57
C ASN F 110 -3.33 -50.37 -63.06
N LYS F 111 -3.52 -49.18 -62.52
CA LYS F 111 -4.68 -48.36 -62.90
C LYS F 111 -4.28 -47.11 -63.70
N GLU F 112 -3.16 -46.50 -63.35
CA GLU F 112 -2.74 -45.27 -64.00
C GLU F 112 -1.80 -45.53 -65.18
N ASN F 113 -1.38 -46.78 -65.34
CA ASN F 113 -0.58 -47.19 -66.48
C ASN F 113 0.73 -46.42 -66.67
N ILE F 114 1.30 -45.96 -65.56
CA ILE F 114 2.61 -45.33 -65.56
C ILE F 114 3.37 -45.69 -64.29
N TYR F 115 4.68 -45.51 -64.32
CA TYR F 115 5.51 -45.80 -63.15
C TYR F 115 4.98 -45.05 -61.93
N ILE F 116 5.01 -45.72 -60.78
CA ILE F 116 4.52 -45.13 -59.53
C ILE F 116 5.22 -43.81 -59.20
N PRO F 117 6.55 -43.75 -59.34
CA PRO F 117 7.27 -42.49 -59.10
C PRO F 117 6.73 -41.35 -59.97
N GLU F 118 6.57 -41.61 -61.26
CA GLU F 118 6.05 -40.62 -62.19
C GLU F 118 4.62 -40.23 -61.84
N MET F 119 3.89 -41.15 -61.21
CA MET F 119 2.50 -40.93 -60.84
C MET F 119 2.36 -40.04 -59.61
N ILE F 120 3.14 -40.32 -58.59
CA ILE F 120 3.01 -39.63 -57.30
C ILE F 120 3.86 -38.38 -57.18
N PHE F 121 4.68 -38.11 -58.19
CA PHE F 121 5.55 -36.93 -58.17
C PHE F 121 5.30 -36.00 -59.35
N GLY F 122 4.60 -36.50 -60.36
CA GLY F 122 4.35 -35.71 -61.56
C GLY F 122 2.89 -35.33 -61.76
N HIS F 123 2.00 -35.96 -60.99
CA HIS F 123 0.57 -35.69 -61.10
C HIS F 123 -0.01 -35.20 -59.78
N LEU F 124 -0.89 -34.20 -59.87
CA LEU F 124 -1.57 -33.67 -58.70
C LEU F 124 -2.53 -34.71 -58.12
N LEU F 125 -2.84 -34.56 -56.84
CA LEU F 125 -3.78 -35.45 -56.16
C LEU F 125 -3.34 -36.91 -56.25
N THR F 126 -2.16 -37.20 -55.72
CA THR F 126 -1.65 -38.57 -55.67
C THR F 126 -0.96 -38.80 -54.33
N SER F 127 -1.49 -39.74 -53.55
CA SER F 127 -0.97 -39.99 -52.21
C SER F 127 -1.32 -41.38 -51.70
N SER F 128 -0.56 -41.85 -50.72
CA SER F 128 -0.83 -43.12 -50.07
C SER F 128 -1.66 -42.90 -48.82
N ASN F 129 -1.94 -41.64 -48.52
CA ASN F 129 -2.70 -41.28 -47.33
C ASN F 129 -4.17 -41.00 -47.64
N TYR F 130 -4.69 -41.62 -48.69
CA TYR F 130 -6.06 -41.37 -49.09
C TYR F 130 -7.08 -42.28 -48.40
N ASP F 131 -6.63 -43.42 -47.91
CA ASP F 131 -7.51 -44.29 -47.13
C ASP F 131 -7.38 -43.94 -45.65
N ASP F 132 -8.51 -43.57 -45.04
CA ASP F 132 -8.51 -43.15 -43.64
C ASP F 132 -9.04 -44.23 -42.70
N ASP F 133 -9.26 -45.42 -43.25
CA ASP F 133 -9.62 -46.57 -42.42
C ASP F 133 -8.45 -46.90 -41.51
N GLU F 134 -7.25 -46.80 -42.06
CA GLU F 134 -6.02 -47.02 -41.29
C GLU F 134 -5.61 -45.72 -40.61
N LYS F 135 -5.52 -45.77 -39.28
CA LYS F 135 -5.13 -44.59 -38.52
C LYS F 135 -3.62 -44.35 -38.61
N LYS F 136 -3.23 -43.39 -39.43
CA LYS F 136 -1.82 -43.11 -39.67
C LYS F 136 -1.36 -41.84 -38.95
N VAL F 137 -0.08 -41.80 -38.59
CA VAL F 137 0.49 -40.64 -37.93
C VAL F 137 1.51 -39.95 -38.84
N THR F 138 1.31 -40.07 -40.14
CA THR F 138 2.18 -39.41 -41.11
C THR F 138 1.80 -37.95 -41.26
N GLY F 139 2.65 -37.18 -41.94
CA GLY F 139 2.37 -35.78 -42.19
C GLY F 139 1.56 -35.63 -43.46
N GLY F 140 1.85 -36.49 -44.44
CA GLY F 140 1.13 -36.49 -45.70
C GLY F 140 -0.34 -36.78 -45.49
N ARG F 141 -1.19 -35.86 -45.97
CA ARG F 141 -2.64 -36.00 -45.87
C ARG F 141 -3.42 -35.79 -47.17
N ASN F 142 -2.91 -34.96 -48.07
CA ASN F 142 -3.68 -34.47 -49.21
C ASN F 142 -3.11 -34.81 -50.58
N GLY F 143 -1.81 -35.15 -50.62
CA GLY F 143 -1.19 -35.54 -51.87
C GLY F 143 -0.82 -34.37 -52.78
N TYR F 144 -0.34 -33.29 -52.17
CA TYR F 144 0.08 -32.12 -52.94
C TYR F 144 1.59 -31.88 -52.78
N GLY F 145 2.15 -32.07 -51.59
CA GLY F 145 3.43 -31.47 -51.28
C GLY F 145 4.62 -31.77 -52.19
N ALA F 146 4.80 -33.01 -52.65
CA ALA F 146 5.80 -33.28 -53.67
C ALA F 146 5.55 -32.50 -54.95
N LYS F 147 4.31 -32.54 -55.43
CA LYS F 147 3.94 -31.84 -56.66
C LYS F 147 4.04 -30.33 -56.52
N LEU F 148 3.69 -29.82 -55.34
CA LEU F 148 3.76 -28.38 -55.08
C LEU F 148 5.19 -27.88 -55.10
N CYS F 149 6.14 -28.75 -54.80
CA CYS F 149 7.56 -28.41 -54.89
C CYS F 149 7.98 -28.46 -56.34
N ASN F 150 7.52 -29.48 -57.05
CA ASN F 150 7.82 -29.64 -58.47
C ASN F 150 7.28 -28.47 -59.28
N ILE F 151 6.03 -28.11 -59.02
CA ILE F 151 5.37 -27.01 -59.73
C ILE F 151 6.13 -25.69 -59.57
N PHE F 152 6.77 -25.48 -58.43
CA PHE F 152 7.46 -24.21 -58.15
C PHE F 152 8.93 -24.17 -58.60
N SER F 153 9.38 -25.26 -59.22
CA SER F 153 10.79 -25.52 -59.46
C SER F 153 11.11 -25.52 -60.94
N THR F 154 12.21 -24.85 -61.31
CA THR F 154 12.67 -24.85 -62.69
C THR F 154 13.19 -26.24 -63.03
N GLU F 155 13.64 -26.95 -62.00
CA GLU F 155 14.16 -28.30 -62.17
C GLU F 155 13.79 -29.17 -60.98
N PHE F 156 13.33 -30.38 -61.25
CA PHE F 156 12.96 -31.32 -60.20
C PHE F 156 13.34 -32.75 -60.59
N ILE F 157 14.13 -33.39 -59.74
CA ILE F 157 14.64 -34.72 -60.05
C ILE F 157 14.37 -35.73 -58.95
N LEU F 158 13.80 -36.88 -59.32
CA LEU F 158 13.57 -37.97 -58.38
C LEU F 158 14.51 -39.13 -58.67
N GLU F 159 15.20 -39.60 -57.63
CA GLU F 159 16.10 -40.73 -57.75
C GLU F 159 15.87 -41.70 -56.59
N THR F 160 15.51 -42.93 -56.92
CA THR F 160 15.19 -43.92 -55.88
C THR F 160 15.69 -45.32 -56.24
N ALA F 161 16.02 -46.09 -55.22
CA ALA F 161 16.51 -47.46 -55.41
C ALA F 161 15.55 -48.47 -54.79
N ASP F 162 15.06 -49.38 -55.62
CA ASP F 162 14.14 -50.42 -55.15
C ASP F 162 14.83 -51.77 -55.13
N LEU F 163 14.97 -52.34 -53.94
CA LEU F 163 15.66 -53.62 -53.77
C LEU F 163 14.76 -54.81 -54.14
N ASN F 164 13.46 -54.56 -54.22
CA ASN F 164 12.53 -55.61 -54.62
C ASN F 164 12.72 -56.00 -56.09
N VAL F 165 12.87 -55.00 -56.94
CA VAL F 165 13.10 -55.24 -58.36
C VAL F 165 14.58 -55.07 -58.70
N GLY F 166 15.36 -54.64 -57.71
CA GLY F 166 16.79 -54.43 -57.90
C GLY F 166 17.08 -53.45 -59.00
N GLN F 167 16.43 -52.29 -58.96
CA GLN F 167 16.61 -51.27 -59.99
C GLN F 167 16.82 -49.88 -59.40
N LYS F 168 17.42 -49.01 -60.22
CA LYS F 168 17.60 -47.61 -59.86
C LYS F 168 16.75 -46.74 -60.78
N TYR F 169 16.08 -45.75 -60.20
CA TYR F 169 15.12 -44.94 -60.94
C TYR F 169 15.43 -43.46 -60.87
N VAL F 170 15.61 -42.83 -62.03
CA VAL F 170 15.90 -41.41 -62.09
C VAL F 170 15.05 -40.71 -63.16
N GLN F 171 14.27 -39.72 -62.72
CA GLN F 171 13.41 -38.98 -63.63
C GLN F 171 13.49 -37.48 -63.36
N LYS F 172 13.51 -36.68 -64.42
CA LYS F 172 13.66 -35.24 -64.28
C LYS F 172 12.49 -34.44 -64.85
N TRP F 173 11.93 -33.56 -64.04
CA TRP F 173 10.94 -32.60 -64.50
C TRP F 173 11.59 -31.23 -64.70
N GLU F 174 11.00 -30.42 -65.57
CA GLU F 174 11.50 -29.07 -65.80
C GLU F 174 10.36 -28.08 -65.97
N ASN F 175 10.68 -26.79 -65.91
CA ASN F 175 9.72 -25.72 -66.24
C ASN F 175 8.38 -25.81 -65.51
N ASN F 176 8.40 -25.89 -64.18
CA ASN F 176 7.17 -26.04 -63.41
C ASN F 176 6.32 -27.27 -63.73
N MET F 177 6.97 -28.44 -63.71
CA MET F 177 6.29 -29.71 -63.92
C MET F 177 5.51 -29.77 -65.23
N SER F 178 5.92 -28.96 -66.21
CA SER F 178 5.28 -28.99 -67.52
C SER F 178 6.06 -29.90 -68.46
N ILE F 179 7.35 -30.08 -68.16
CA ILE F 179 8.21 -30.98 -68.90
C ILE F 179 8.49 -32.23 -68.08
N CYS F 180 8.18 -33.40 -68.64
CA CYS F 180 8.36 -34.65 -67.93
C CYS F 180 9.21 -35.63 -68.72
N HIS F 181 10.52 -35.65 -68.43
CA HIS F 181 11.44 -36.55 -69.11
C HIS F 181 11.23 -37.99 -68.70
N PRO F 182 11.26 -38.91 -69.67
CA PRO F 182 11.15 -40.35 -69.38
C PRO F 182 12.24 -40.77 -68.41
N PRO F 183 11.90 -41.65 -67.45
CA PRO F 183 12.84 -42.08 -66.42
C PRO F 183 13.92 -43.03 -66.95
N LYS F 184 15.16 -42.78 -66.53
CA LYS F 184 16.27 -43.67 -66.87
C LYS F 184 16.38 -44.76 -65.80
N ILE F 185 16.06 -45.99 -66.18
CA ILE F 185 16.06 -47.10 -65.24
C ILE F 185 17.23 -48.04 -65.48
N THR F 186 18.03 -48.27 -64.44
CA THR F 186 19.21 -49.10 -64.53
C THR F 186 19.22 -50.19 -63.46
N SER F 187 20.02 -51.23 -63.69
CA SER F 187 20.14 -52.32 -62.73
C SER F 187 20.83 -51.85 -61.46
N TYR F 188 20.24 -52.16 -60.31
CA TYR F 188 20.79 -51.75 -59.03
C TYR F 188 20.91 -52.94 -58.08
N LYS F 189 22.12 -53.48 -57.97
CA LYS F 189 22.37 -54.65 -57.14
C LYS F 189 23.35 -54.36 -56.01
N LYS F 190 23.18 -55.06 -54.90
CA LYS F 190 24.09 -54.94 -53.75
C LYS F 190 24.29 -53.48 -53.34
N GLY F 191 23.18 -52.80 -53.03
CA GLY F 191 23.23 -51.42 -52.59
C GLY F 191 22.03 -51.08 -51.73
N PRO F 192 22.15 -50.04 -50.90
CA PRO F 192 21.07 -49.64 -50.00
C PRO F 192 19.95 -48.94 -50.76
N SER F 193 18.71 -49.14 -50.31
CA SER F 193 17.56 -48.46 -50.89
C SER F 193 17.47 -47.04 -50.35
N TYR F 194 17.09 -46.09 -51.19
CA TYR F 194 17.07 -44.70 -50.80
C TYR F 194 16.22 -43.85 -51.76
N THR F 195 15.77 -42.71 -51.26
CA THR F 195 15.05 -41.74 -52.08
C THR F 195 15.73 -40.38 -51.99
N LYS F 196 16.12 -39.85 -53.15
CA LYS F 196 16.83 -38.58 -53.21
C LYS F 196 16.12 -37.55 -54.08
N VAL F 197 15.58 -36.52 -53.45
CA VAL F 197 14.91 -35.45 -54.18
C VAL F 197 15.79 -34.21 -54.31
N THR F 198 16.03 -33.78 -55.54
CA THR F 198 16.83 -32.60 -55.80
C THR F 198 16.06 -31.61 -56.67
N PHE F 199 15.90 -30.39 -56.19
CA PHE F 199 15.11 -29.39 -56.91
C PHE F 199 15.76 -28.02 -56.94
N LYS F 200 15.57 -27.31 -58.05
CA LYS F 200 16.03 -25.94 -58.20
C LYS F 200 14.85 -25.00 -58.25
N PRO F 201 14.57 -24.31 -57.14
CA PRO F 201 13.41 -23.44 -56.99
C PRO F 201 13.31 -22.40 -58.11
N ASP F 202 12.08 -22.16 -58.58
CA ASP F 202 11.82 -21.14 -59.58
C ASP F 202 11.87 -19.78 -58.92
N LEU F 203 13.08 -19.33 -58.60
CA LEU F 203 13.28 -18.09 -57.85
C LEU F 203 12.62 -16.87 -58.49
N THR F 204 12.51 -16.89 -59.81
CA THR F 204 11.89 -15.78 -60.53
C THR F 204 10.44 -15.59 -60.11
N ARG F 205 9.78 -16.69 -59.78
CA ARG F 205 8.40 -16.64 -59.30
C ARG F 205 8.33 -16.17 -57.85
N PHE F 206 9.35 -16.52 -57.07
CA PHE F 206 9.41 -16.10 -55.67
C PHE F 206 9.96 -14.69 -55.53
N GLY F 207 10.34 -14.10 -56.66
CA GLY F 207 10.85 -12.74 -56.66
C GLY F 207 12.23 -12.65 -56.02
N MET F 208 13.06 -13.65 -56.26
CA MET F 208 14.41 -13.68 -55.70
C MET F 208 15.43 -13.99 -56.79
N LYS F 209 16.60 -13.35 -56.71
CA LYS F 209 17.69 -13.61 -57.65
C LYS F 209 18.65 -14.65 -57.11
N GLU F 210 18.54 -14.93 -55.81
CA GLU F 210 19.38 -15.93 -55.17
C GLU F 210 18.85 -16.27 -53.77
N LEU F 211 19.40 -17.32 -53.17
CA LEU F 211 19.03 -17.72 -51.83
C LEU F 211 19.85 -16.95 -50.80
N ASP F 212 19.31 -15.80 -50.38
CA ASP F 212 19.93 -14.89 -49.41
C ASP F 212 19.95 -15.43 -47.98
N ASN F 213 20.80 -14.85 -47.14
CA ASN F 213 21.07 -15.38 -45.81
C ASN F 213 19.82 -15.64 -44.98
N ASP F 214 18.79 -14.83 -45.20
CA ASP F 214 17.55 -14.94 -44.43
C ASP F 214 16.79 -16.24 -44.72
N ILE F 215 16.55 -16.54 -45.98
CA ILE F 215 15.85 -17.76 -46.35
C ILE F 215 16.69 -19.00 -46.03
N LEU F 216 18.01 -18.85 -46.13
CA LEU F 216 18.93 -19.94 -45.80
C LEU F 216 18.88 -20.26 -44.31
N GLY F 217 19.07 -19.23 -43.48
CA GLY F 217 19.06 -19.39 -42.05
C GLY F 217 17.79 -20.05 -41.53
N VAL F 218 16.68 -19.81 -42.21
CA VAL F 218 15.40 -20.39 -41.82
C VAL F 218 15.29 -21.85 -42.23
N MET F 219 15.69 -22.14 -43.46
CA MET F 219 15.67 -23.50 -43.98
C MET F 219 16.52 -24.42 -43.10
N ARG F 220 17.69 -23.93 -42.70
CA ARG F 220 18.60 -24.70 -41.86
C ARG F 220 17.96 -25.04 -40.52
N ARG F 221 17.24 -24.08 -39.95
CA ARG F 221 16.60 -24.29 -38.65
C ARG F 221 15.42 -25.25 -38.78
N ARG F 222 14.87 -25.35 -39.98
CA ARG F 222 13.78 -26.29 -40.25
C ARG F 222 14.33 -27.71 -40.33
N VAL F 223 15.64 -27.82 -40.55
CA VAL F 223 16.30 -29.12 -40.60
C VAL F 223 16.59 -29.62 -39.17
N TYR F 224 16.95 -28.67 -38.30
CA TYR F 224 17.13 -28.98 -36.88
C TYR F 224 15.78 -29.40 -36.27
N ASP F 225 14.70 -28.81 -36.77
CA ASP F 225 13.36 -29.18 -36.33
C ASP F 225 13.11 -30.66 -36.56
N ILE F 226 13.40 -31.12 -37.77
CA ILE F 226 13.20 -32.51 -38.14
C ILE F 226 13.99 -33.45 -37.24
N ASN F 227 15.24 -33.09 -36.96
CA ASN F 227 16.09 -33.96 -36.16
C ASN F 227 15.44 -34.14 -34.81
N GLY F 228 14.82 -33.07 -34.30
CA GLY F 228 14.26 -33.08 -32.97
C GLY F 228 12.90 -33.75 -32.89
N SER F 229 12.07 -33.52 -33.89
CA SER F 229 10.70 -34.03 -33.88
C SER F 229 10.60 -35.50 -34.30
N VAL F 230 11.56 -35.96 -35.08
CA VAL F 230 11.58 -37.35 -35.53
C VAL F 230 12.40 -38.22 -34.58
N ARG F 231 11.93 -39.44 -34.36
CA ARG F 231 12.56 -40.34 -33.39
C ARG F 231 13.49 -41.36 -34.04
N ASP F 232 14.70 -41.46 -33.52
CA ASP F 232 15.68 -42.47 -33.92
C ASP F 232 16.21 -42.29 -35.36
N ILE F 233 16.54 -41.07 -35.72
CA ILE F 233 17.17 -40.80 -37.01
C ILE F 233 18.37 -39.87 -36.84
N ASN F 234 19.19 -39.78 -37.88
CA ASN F 234 20.36 -38.91 -37.86
C ASN F 234 20.37 -37.99 -39.08
N VAL F 235 20.29 -36.68 -38.83
CA VAL F 235 20.19 -35.71 -39.91
C VAL F 235 21.51 -35.00 -40.15
N TYR F 236 21.83 -34.77 -41.43
CA TYR F 236 23.07 -34.14 -41.82
C TYR F 236 22.83 -32.91 -42.70
N LEU F 237 23.44 -31.79 -42.33
CA LEU F 237 23.33 -30.56 -43.10
C LEU F 237 24.63 -30.32 -43.86
N ASN F 238 24.61 -30.59 -45.16
CA ASN F 238 25.81 -30.50 -45.99
C ASN F 238 26.96 -31.35 -45.46
N GLY F 239 26.67 -32.61 -45.16
CA GLY F 239 27.69 -33.54 -44.70
C GLY F 239 28.10 -33.31 -43.25
N LYS F 240 27.29 -32.54 -42.52
CA LYS F 240 27.59 -32.24 -41.12
C LYS F 240 26.48 -32.71 -40.20
N SER F 241 26.82 -33.60 -39.26
CA SER F 241 25.84 -34.13 -38.32
C SER F 241 25.24 -33.02 -37.47
N LEU F 242 23.94 -33.13 -37.19
CA LEU F 242 23.23 -32.11 -36.40
C LEU F 242 23.30 -32.38 -34.91
N LYS F 243 23.72 -33.59 -34.54
CA LYS F 243 24.03 -33.92 -33.14
C LYS F 243 22.82 -34.30 -32.27
N ILE F 244 21.80 -33.46 -32.23
CA ILE F 244 20.65 -33.70 -31.36
C ILE F 244 20.01 -35.06 -31.64
N ARG F 245 19.47 -35.68 -30.60
CA ARG F 245 18.96 -37.06 -30.71
C ARG F 245 17.48 -37.19 -30.34
N ASN F 246 17.00 -36.36 -29.43
CA ASN F 246 15.58 -36.42 -29.05
C ASN F 246 14.97 -35.03 -28.87
N PHE F 247 13.65 -34.97 -28.72
CA PHE F 247 12.96 -33.68 -28.66
C PHE F 247 13.43 -32.80 -27.50
N LYS F 248 13.97 -33.42 -26.46
CA LYS F 248 14.49 -32.65 -25.35
C LYS F 248 15.77 -31.92 -25.75
N ASN F 249 16.67 -32.64 -26.40
CA ASN F 249 17.87 -32.04 -26.95
C ASN F 249 17.52 -30.84 -27.82
N TYR F 250 16.42 -30.96 -28.56
CA TYR F 250 15.96 -29.89 -29.44
C TYR F 250 15.49 -28.68 -28.66
N VAL F 251 14.58 -28.89 -27.71
CA VAL F 251 14.03 -27.81 -26.92
C VAL F 251 15.11 -27.03 -26.17
N GLU F 252 16.20 -27.70 -25.84
CA GLU F 252 17.28 -27.08 -25.08
C GLU F 252 18.13 -26.13 -25.93
N LEU F 253 17.96 -26.19 -27.24
CA LEU F 253 18.65 -25.28 -28.15
C LEU F 253 18.17 -23.85 -27.94
N TYR F 254 16.97 -23.73 -27.36
CA TYR F 254 16.37 -22.41 -27.10
C TYR F 254 16.71 -21.92 -25.70
N LEU F 255 17.55 -22.67 -24.99
CA LEU F 255 17.90 -22.34 -23.61
C LEU F 255 18.50 -20.94 -23.46
N LYS F 256 19.54 -20.65 -24.22
CA LYS F 256 20.28 -19.40 -24.09
C LYS F 256 19.42 -18.15 -24.36
N SER F 257 18.42 -18.29 -25.21
CA SER F 257 17.50 -17.21 -25.51
C SER F 257 16.52 -17.02 -24.36
N LEU F 258 15.92 -18.12 -23.92
CA LEU F 258 14.97 -18.08 -22.82
C LEU F 258 15.67 -17.67 -21.52
N ILE F 276 14.80 -23.18 -9.65
CA ILE F 276 14.02 -23.48 -10.85
C ILE F 276 14.84 -23.28 -12.12
N PRO F 277 14.73 -24.23 -13.05
CA PRO F 277 15.43 -24.17 -14.34
C PRO F 277 14.85 -23.08 -15.24
N THR F 278 15.22 -23.11 -16.52
CA THR F 278 14.68 -22.19 -17.50
C THR F 278 13.74 -22.91 -18.45
N ILE F 279 14.00 -24.20 -18.65
CA ILE F 279 13.15 -25.04 -19.47
C ILE F 279 12.65 -26.26 -18.68
N LEU F 280 11.34 -26.49 -18.70
CA LEU F 280 10.76 -27.62 -17.99
C LEU F 280 10.17 -28.62 -18.96
N TYR F 281 10.89 -29.73 -19.16
CA TYR F 281 10.49 -30.74 -20.12
C TYR F 281 9.94 -31.98 -19.44
N GLU F 282 9.07 -32.69 -20.16
CA GLU F 282 8.60 -33.99 -19.75
C GLU F 282 8.08 -34.72 -20.99
N ARG F 283 8.05 -36.03 -20.92
CA ARG F 283 7.31 -36.84 -21.87
C ARG F 283 6.09 -37.46 -21.21
N ILE F 284 4.91 -37.08 -21.67
CA ILE F 284 3.66 -37.52 -21.06
C ILE F 284 3.30 -38.94 -21.49
N ASN F 285 3.56 -39.27 -22.76
CA ASN F 285 3.35 -40.62 -23.25
C ASN F 285 3.93 -40.83 -24.66
N ASN F 286 3.71 -42.02 -25.20
CA ASN F 286 4.28 -42.41 -26.50
C ASN F 286 3.97 -41.43 -27.65
N ARG F 287 3.00 -40.54 -27.44
CA ARG F 287 2.59 -39.63 -28.49
C ARG F 287 2.59 -38.16 -28.08
N TRP F 288 3.05 -37.87 -26.87
CA TRP F 288 3.04 -36.49 -26.38
C TRP F 288 4.29 -36.10 -25.61
N GLU F 289 4.93 -35.02 -26.04
CA GLU F 289 6.08 -34.47 -25.35
C GLU F 289 5.86 -32.98 -25.13
N VAL F 290 5.91 -32.55 -23.87
CA VAL F 290 5.62 -31.17 -23.53
C VAL F 290 6.80 -30.49 -22.81
N ALA F 291 7.08 -29.25 -23.20
CA ALA F 291 8.12 -28.46 -22.54
C ALA F 291 7.58 -27.06 -22.22
N PHE F 292 7.98 -26.51 -21.08
CA PHE F 292 7.47 -25.20 -20.66
C PHE F 292 8.57 -24.26 -20.20
N ALA F 293 8.46 -23.00 -20.61
CA ALA F 293 9.38 -21.95 -20.18
C ALA F 293 8.62 -20.65 -20.02
N VAL F 294 9.13 -19.76 -19.18
CA VAL F 294 8.48 -18.49 -18.94
C VAL F 294 8.76 -17.52 -20.08
N SER F 295 7.70 -17.00 -20.70
CA SER F 295 7.83 -16.08 -21.81
C SER F 295 8.12 -14.67 -21.34
N ASP F 296 8.75 -13.87 -22.20
CA ASP F 296 9.17 -12.53 -21.85
C ASP F 296 8.09 -11.49 -22.13
N ILE F 297 7.54 -11.52 -23.34
CA ILE F 297 6.61 -10.49 -23.77
C ILE F 297 5.16 -10.98 -23.87
N SER F 298 4.96 -12.14 -24.48
CA SER F 298 3.62 -12.69 -24.65
C SER F 298 3.68 -14.19 -24.90
N PHE F 299 2.52 -14.81 -25.05
CA PHE F 299 2.42 -16.24 -25.29
C PHE F 299 3.21 -16.62 -26.55
N GLN F 300 3.97 -17.72 -26.45
CA GLN F 300 4.72 -18.23 -27.58
C GLN F 300 4.59 -19.74 -27.65
N GLN F 301 4.59 -20.29 -28.86
CA GLN F 301 4.44 -21.74 -29.03
C GLN F 301 5.28 -22.29 -30.18
N ILE F 302 5.92 -23.42 -29.94
CA ILE F 302 6.63 -24.15 -30.97
C ILE F 302 6.15 -25.60 -30.96
N SER F 303 5.22 -25.92 -31.85
CA SER F 303 4.58 -27.24 -31.85
C SER F 303 4.86 -28.05 -33.12
N PHE F 304 4.68 -29.37 -33.01
CA PHE F 304 4.91 -30.27 -34.13
C PHE F 304 3.87 -31.40 -34.15
N VAL F 305 3.04 -31.41 -35.19
CA VAL F 305 2.09 -32.51 -35.39
C VAL F 305 2.60 -33.43 -36.49
N ASN F 306 3.14 -34.57 -36.09
CA ASN F 306 3.74 -35.52 -37.03
C ASN F 306 4.86 -34.88 -37.84
N SER F 307 5.73 -34.14 -37.17
CA SER F 307 6.90 -33.58 -37.83
C SER F 307 6.42 -32.52 -38.82
N ILE F 308 5.28 -31.90 -38.51
CA ILE F 308 4.77 -30.79 -39.30
C ILE F 308 4.86 -29.56 -38.40
N ALA F 309 5.48 -28.51 -38.88
CA ALA F 309 5.74 -27.35 -38.03
C ALA F 309 4.41 -26.59 -38.07
N THR F 310 3.62 -26.77 -37.01
CA THR F 310 2.33 -26.10 -36.87
C THR F 310 2.65 -24.76 -36.21
N THR F 311 3.06 -23.79 -37.02
CA THR F 311 3.52 -22.50 -36.52
C THR F 311 2.39 -21.61 -35.99
N MET F 312 1.17 -21.85 -36.45
CA MET F 312 0.03 -21.05 -36.02
C MET F 312 -0.75 -21.69 -34.88
N GLY F 313 -0.38 -22.91 -34.52
CA GLY F 313 -1.05 -23.62 -33.45
C GLY F 313 -2.25 -24.40 -33.94
N GLY F 314 -3.32 -24.38 -33.15
CA GLY F 314 -4.53 -25.08 -33.49
C GLY F 314 -5.21 -25.73 -32.30
N THR F 315 -5.89 -26.85 -32.55
CA THR F 315 -6.63 -27.55 -31.51
C THR F 315 -5.71 -28.23 -30.50
N HIS F 316 -4.57 -28.73 -30.97
CA HIS F 316 -3.62 -29.42 -30.11
C HIS F 316 -2.96 -28.48 -29.10
N VAL F 317 -2.43 -27.36 -29.60
CA VAL F 317 -1.82 -26.36 -28.73
C VAL F 317 -2.81 -25.92 -27.66
N ASN F 318 -3.99 -25.50 -28.09
CA ASN F 318 -5.04 -25.09 -27.15
C ASN F 318 -5.38 -26.18 -26.16
N TYR F 319 -5.42 -27.43 -26.63
CA TYR F 319 -5.71 -28.55 -25.75
C TYR F 319 -4.74 -28.60 -24.57
N ILE F 320 -3.48 -28.31 -24.85
CA ILE F 320 -2.46 -28.29 -23.80
C ILE F 320 -2.57 -27.06 -22.92
N THR F 321 -2.60 -25.89 -23.56
CA THR F 321 -2.64 -24.62 -22.84
C THR F 321 -3.91 -24.44 -22.03
N ASP F 322 -5.04 -24.88 -22.57
CA ASP F 322 -6.32 -24.78 -21.88
C ASP F 322 -6.31 -25.54 -20.55
N GLN F 323 -5.43 -26.55 -20.44
CA GLN F 323 -5.28 -27.28 -19.19
C GLN F 323 -4.41 -26.51 -18.21
N ILE F 324 -3.16 -26.27 -18.60
CA ILE F 324 -2.19 -25.57 -17.76
C ILE F 324 -2.74 -24.25 -17.23
N VAL F 325 -3.53 -23.56 -18.05
CA VAL F 325 -4.16 -22.31 -17.63
C VAL F 325 -5.30 -22.57 -16.66
N LYS F 326 -6.06 -23.64 -16.90
CA LYS F 326 -7.19 -24.00 -16.05
C LYS F 326 -6.74 -24.40 -14.65
N LYS F 327 -5.79 -25.33 -14.59
CA LYS F 327 -5.30 -25.86 -13.32
C LYS F 327 -4.59 -24.79 -12.50
N ILE F 328 -3.78 -23.96 -13.14
CA ILE F 328 -3.10 -22.86 -12.46
C ILE F 328 -4.12 -21.92 -11.84
N SER F 329 -5.17 -21.59 -12.58
CA SER F 329 -6.12 -20.59 -12.13
C SER F 329 -6.81 -21.00 -10.83
N GLU F 330 -7.14 -22.28 -10.77
CA GLU F 330 -7.73 -22.89 -9.59
C GLU F 330 -6.76 -22.83 -8.43
N ILE F 331 -5.52 -23.10 -8.68
CA ILE F 331 -4.51 -23.06 -7.62
C ILE F 331 -4.29 -21.64 -7.11
N LEU F 332 -4.14 -20.69 -8.01
CA LEU F 332 -3.98 -19.29 -7.60
C LEU F 332 -5.23 -18.78 -6.90
N LYS F 333 -6.40 -19.09 -7.46
CA LYS F 333 -7.67 -18.68 -6.87
C LYS F 333 -7.97 -19.32 -5.52
N LYS F 334 -7.68 -20.61 -5.41
CA LYS F 334 -7.98 -21.38 -4.21
C LYS F 334 -7.21 -20.89 -2.98
N LYS F 335 -5.94 -20.56 -3.19
CA LYS F 335 -5.05 -20.19 -2.10
C LYS F 335 -5.36 -18.81 -1.58
N LYS F 336 -5.60 -17.90 -2.52
CA LYS F 336 -5.92 -16.52 -2.20
C LYS F 336 -7.01 -16.03 -3.15
N LYS F 337 -7.78 -15.03 -2.72
CA LYS F 337 -8.85 -14.46 -3.55
C LYS F 337 -8.36 -13.60 -4.73
N LYS F 338 -9.24 -13.38 -5.72
CA LYS F 338 -8.96 -12.48 -6.85
C LYS F 338 -8.19 -13.04 -8.07
N SER F 339 -8.02 -14.36 -8.13
CA SER F 339 -7.26 -15.00 -9.21
C SER F 339 -7.48 -14.33 -10.58
N VAL F 340 -6.40 -14.24 -11.36
CA VAL F 340 -6.38 -13.50 -12.63
C VAL F 340 -7.11 -14.12 -13.84
N LYS F 341 -7.48 -13.27 -14.78
CA LYS F 341 -8.07 -13.64 -16.06
C LYS F 341 -7.18 -14.62 -16.82
N SER F 342 -7.82 -15.51 -17.58
CA SER F 342 -7.10 -16.59 -18.27
C SER F 342 -5.97 -16.10 -19.16
N PHE F 343 -6.18 -15.01 -19.88
CA PHE F 343 -5.19 -14.52 -20.84
C PHE F 343 -3.89 -14.08 -20.17
N GLN F 344 -3.99 -13.59 -18.94
CA GLN F 344 -2.81 -13.12 -18.20
C GLN F 344 -1.90 -14.27 -17.81
N ILE F 345 -2.48 -15.46 -17.63
CA ILE F 345 -1.70 -16.65 -17.33
C ILE F 345 -1.07 -17.20 -18.60
N LYS F 346 -1.87 -17.30 -19.66
CA LYS F 346 -1.42 -17.86 -20.92
C LYS F 346 -0.28 -17.06 -21.53
N ASN F 347 -0.39 -15.73 -21.48
CA ASN F 347 0.59 -14.86 -22.12
C ASN F 347 1.88 -14.68 -21.31
N ASN F 348 2.09 -15.55 -20.34
CA ASN F 348 3.37 -15.61 -19.64
C ASN F 348 3.99 -16.99 -19.78
N MET F 349 3.55 -17.71 -20.81
CA MET F 349 4.03 -19.06 -21.07
C MET F 349 4.78 -19.16 -22.39
N PHE F 350 5.73 -20.08 -22.44
CA PHE F 350 6.30 -20.53 -23.68
C PHE F 350 6.00 -22.01 -23.68
N ILE F 351 5.30 -22.49 -24.70
CA ILE F 351 4.94 -23.90 -24.73
C ILE F 351 5.53 -24.65 -25.92
N PHE F 352 6.30 -25.71 -25.63
CA PHE F 352 6.85 -26.58 -26.65
C PHE F 352 6.03 -27.87 -26.71
N ILE F 353 5.61 -28.25 -27.92
CA ILE F 353 4.80 -29.45 -28.09
C ILE F 353 5.26 -30.32 -29.25
N ASN F 354 5.44 -31.61 -28.99
CA ASN F 354 5.78 -32.58 -30.02
C ASN F 354 4.85 -33.78 -29.93
N CYS F 355 3.87 -33.84 -30.82
CA CYS F 355 2.83 -34.86 -30.71
C CYS F 355 2.55 -35.59 -32.02
N LEU F 356 1.83 -36.70 -31.91
CA LEU F 356 1.47 -37.52 -33.06
C LEU F 356 -0.05 -37.72 -33.13
N ILE F 357 -0.69 -37.04 -34.08
CA ILE F 357 -2.13 -37.10 -34.22
C ILE F 357 -2.55 -38.01 -35.37
N GLU F 358 -3.54 -38.85 -35.13
CA GLU F 358 -4.05 -39.77 -36.14
C GLU F 358 -4.82 -39.03 -37.22
N ASN F 359 -4.43 -39.26 -38.48
CA ASN F 359 -5.09 -38.62 -39.62
C ASN F 359 -5.52 -37.18 -39.33
N PRO F 360 -4.54 -36.29 -39.10
CA PRO F 360 -4.82 -34.90 -38.74
C PRO F 360 -5.51 -34.13 -39.87
N ALA F 361 -6.11 -33.01 -39.52
CA ALA F 361 -6.74 -32.12 -40.48
C ALA F 361 -6.31 -30.70 -40.20
N PHE F 362 -6.09 -29.92 -41.26
CA PHE F 362 -5.57 -28.57 -41.10
C PHE F 362 -6.45 -27.52 -41.76
N THR F 363 -6.01 -26.27 -41.68
CA THR F 363 -6.74 -25.16 -42.28
C THR F 363 -6.45 -25.07 -43.78
N SER F 364 -5.22 -25.40 -44.15
CA SER F 364 -4.82 -25.39 -45.55
C SER F 364 -3.75 -26.46 -45.82
N GLN F 365 -3.35 -26.58 -47.09
CA GLN F 365 -2.35 -27.57 -47.48
C GLN F 365 -1.02 -27.31 -46.78
N THR F 366 -0.77 -26.05 -46.44
CA THR F 366 0.47 -25.69 -45.75
C THR F 366 0.53 -26.32 -44.36
N LYS F 367 -0.63 -26.66 -43.81
CA LYS F 367 -0.72 -27.32 -42.51
C LYS F 367 -0.01 -26.52 -41.41
N GLU F 368 -0.45 -25.28 -41.20
CA GLU F 368 0.09 -24.45 -40.14
C GLU F 368 -0.79 -24.51 -38.91
N GLN F 369 -2.05 -24.89 -39.10
CA GLN F 369 -3.03 -24.89 -38.01
C GLN F 369 -3.88 -26.17 -38.01
N LEU F 370 -3.70 -26.97 -36.97
CA LEU F 370 -4.48 -28.19 -36.80
C LEU F 370 -5.91 -27.85 -36.37
N THR F 371 -6.88 -28.59 -36.90
CA THR F 371 -8.28 -28.36 -36.57
C THR F 371 -8.94 -29.63 -36.04
N THR F 372 -8.20 -30.74 -36.09
CA THR F 372 -8.72 -32.02 -35.62
C THR F 372 -9.16 -31.93 -34.16
N ARG F 373 -10.46 -32.16 -33.94
CA ARG F 373 -11.01 -32.14 -32.59
C ARG F 373 -10.22 -33.04 -31.65
N VAL F 374 -10.17 -32.67 -30.38
CA VAL F 374 -9.41 -33.42 -29.38
C VAL F 374 -9.82 -34.88 -29.30
N LYS F 375 -11.12 -35.14 -29.39
CA LYS F 375 -11.64 -36.50 -29.24
C LYS F 375 -11.25 -37.41 -30.41
N ASP F 376 -10.63 -36.83 -31.43
CA ASP F 376 -10.20 -37.62 -32.60
C ASP F 376 -8.69 -37.74 -32.67
N PHE F 377 -8.00 -37.24 -31.65
CA PHE F 377 -6.53 -37.26 -31.61
C PHE F 377 -5.93 -38.65 -31.78
N GLY F 378 -6.65 -39.67 -31.33
CA GLY F 378 -6.13 -41.02 -31.34
C GLY F 378 -5.26 -41.26 -30.12
N SER F 379 -5.36 -40.35 -29.16
CA SER F 379 -4.61 -40.41 -27.92
C SER F 379 -4.88 -39.15 -27.10
N ARG F 380 -4.69 -39.24 -25.79
CA ARG F 380 -4.88 -38.08 -24.92
C ARG F 380 -3.61 -37.75 -24.13
N CYS F 381 -3.51 -36.50 -23.68
CA CYS F 381 -2.33 -36.02 -22.97
C CYS F 381 -2.94 -35.33 -21.74
N GLU F 382 -2.76 -35.94 -20.56
CA GLU F 382 -3.32 -35.39 -19.32
C GLU F 382 -2.09 -34.81 -18.65
N ILE F 383 -2.06 -33.48 -18.53
CA ILE F 383 -0.98 -32.80 -17.83
C ILE F 383 -1.08 -33.06 -16.34
N PRO F 384 -0.05 -33.70 -15.77
CA PRO F 384 -0.02 -34.11 -14.37
C PRO F 384 0.04 -32.91 -13.42
N LEU F 385 -0.29 -33.14 -12.16
CA LEU F 385 -0.26 -32.09 -11.15
C LEU F 385 1.18 -31.74 -10.81
N GLU F 386 2.06 -32.75 -10.80
CA GLU F 386 3.47 -32.54 -10.52
C GLU F 386 4.07 -31.51 -11.48
N TYR F 387 3.66 -31.57 -12.74
CA TYR F 387 4.15 -30.66 -13.76
C TYR F 387 3.73 -29.22 -13.43
N ILE F 388 2.46 -29.06 -13.09
CA ILE F 388 1.91 -27.75 -12.77
C ILE F 388 2.57 -27.13 -11.55
N ASN F 389 2.87 -27.95 -10.55
CA ASN F 389 3.52 -27.44 -9.34
C ASN F 389 4.97 -27.01 -9.57
N LYS F 390 5.54 -27.42 -10.69
CA LYS F 390 6.90 -27.01 -11.05
C LYS F 390 6.86 -25.69 -11.81
N ILE F 391 5.88 -25.56 -12.70
CA ILE F 391 5.63 -24.30 -13.37
C ILE F 391 5.40 -23.23 -12.32
N MET F 392 4.74 -23.61 -11.23
CA MET F 392 4.44 -22.68 -10.15
C MET F 392 5.70 -22.35 -9.35
N LYS F 393 6.81 -23.01 -9.69
CA LYS F 393 8.09 -22.72 -9.04
C LYS F 393 8.94 -21.76 -9.86
N THR F 394 8.42 -21.37 -11.02
CA THR F 394 9.13 -20.43 -11.89
C THR F 394 8.57 -19.03 -11.69
N ASP F 395 9.12 -18.06 -12.42
CA ASP F 395 8.70 -16.67 -12.29
C ASP F 395 7.22 -16.46 -12.62
N LEU F 396 6.64 -17.36 -13.42
CA LEU F 396 5.25 -17.23 -13.83
C LEU F 396 4.33 -17.10 -12.61
N ALA F 397 4.66 -17.82 -11.55
CA ALA F 397 3.86 -17.78 -10.33
C ALA F 397 3.96 -16.43 -9.63
N THR F 398 5.19 -16.04 -9.29
CA THR F 398 5.43 -14.76 -8.64
C THR F 398 4.92 -13.61 -9.50
N ARG F 399 4.62 -13.93 -10.75
CA ARG F 399 4.07 -12.95 -11.69
C ARG F 399 2.58 -12.79 -11.44
N MET F 400 1.89 -13.91 -11.28
CA MET F 400 0.44 -13.89 -11.07
C MET F 400 0.05 -13.43 -9.67
N PHE F 401 0.94 -13.66 -8.72
CA PHE F 401 0.75 -13.16 -7.37
C PHE F 401 0.83 -11.62 -7.38
N GLU F 402 1.63 -11.09 -8.30
CA GLU F 402 1.79 -9.65 -8.45
C GLU F 402 0.51 -9.01 -8.97
N ILE F 403 -0.19 -9.74 -9.84
CA ILE F 403 -1.45 -9.29 -10.40
C ILE F 403 -2.61 -9.63 -9.47
N ALA F 404 -2.41 -10.65 -8.65
CA ALA F 404 -3.43 -11.09 -7.70
C ALA F 404 -3.59 -10.10 -6.56
N SER F 421 -30.12 -2.27 -3.79
CA SER F 421 -28.71 -2.24 -4.17
C SER F 421 -27.84 -1.74 -3.02
N ARG F 422 -26.78 -2.49 -2.73
CA ARG F 422 -25.84 -2.12 -1.67
C ARG F 422 -24.44 -1.98 -2.24
N ILE F 423 -23.54 -1.43 -1.43
CA ILE F 423 -22.16 -1.25 -1.86
C ILE F 423 -21.19 -2.10 -1.04
N THR F 424 -20.41 -2.92 -1.73
CA THR F 424 -19.42 -3.76 -1.07
C THR F 424 -18.03 -3.15 -1.24
N ASN F 425 -17.90 -2.24 -2.20
CA ASN F 425 -16.61 -1.63 -2.50
C ASN F 425 -15.99 -0.91 -1.30
N TYR F 426 -16.82 -0.36 -0.43
CA TYR F 426 -16.33 0.45 0.69
C TYR F 426 -16.82 -0.06 2.03
N PRO F 427 -15.93 -0.73 2.79
CA PRO F 427 -16.24 -1.32 4.10
C PRO F 427 -16.75 -0.30 5.12
N LYS F 428 -16.07 0.81 5.31
CA LYS F 428 -16.41 1.69 6.41
C LYS F 428 -17.85 2.16 6.27
N LEU F 429 -18.35 2.12 5.05
CA LEU F 429 -19.58 2.82 4.68
C LEU F 429 -20.79 2.18 5.36
N GLU F 430 -21.50 3.00 6.15
CA GLU F 430 -22.78 2.59 6.70
C GLU F 430 -23.88 3.04 5.75
N ASP F 431 -24.17 2.19 4.77
CA ASP F 431 -25.13 2.53 3.71
C ASP F 431 -26.56 2.53 4.23
N ALA F 432 -27.23 3.68 4.10
CA ALA F 432 -28.63 3.80 4.48
C ALA F 432 -29.44 2.68 3.84
N ASN F 433 -30.30 2.05 4.63
CA ASN F 433 -31.06 0.89 4.16
C ASN F 433 -31.81 1.14 2.86
N LYS F 434 -32.30 2.36 2.66
CA LYS F 434 -33.10 2.69 1.46
C LYS F 434 -32.32 3.36 0.32
N ALA F 435 -31.00 3.40 0.45
CA ALA F 435 -30.12 4.25 -0.33
C ALA F 435 -30.10 3.85 -1.80
N GLY F 436 -30.48 4.79 -2.67
CA GLY F 436 -30.44 4.56 -4.10
C GLY F 436 -31.75 4.05 -4.65
N THR F 437 -32.49 3.43 -3.72
CA THR F 437 -33.84 2.91 -3.87
C THR F 437 -34.82 4.08 -4.03
N LYS F 438 -36.08 3.70 -4.16
CA LYS F 438 -37.15 4.52 -4.71
C LYS F 438 -37.15 5.75 -3.80
N GLU F 439 -36.42 5.65 -2.69
CA GLU F 439 -36.33 6.76 -1.74
C GLU F 439 -34.91 7.34 -1.69
N GLY F 440 -34.21 7.25 -2.82
CA GLY F 440 -32.86 7.76 -2.90
C GLY F 440 -32.79 9.24 -2.58
N TYR F 441 -33.86 9.97 -2.89
CA TYR F 441 -33.91 11.41 -2.68
C TYR F 441 -34.11 11.78 -1.22
N LYS F 442 -34.77 10.90 -0.47
CA LYS F 442 -35.05 11.16 0.95
C LYS F 442 -33.82 10.95 1.83
N CYS F 443 -33.15 9.83 1.62
CA CYS F 443 -32.01 9.44 2.45
C CYS F 443 -30.90 10.50 2.46
N THR F 444 -30.11 10.50 3.53
CA THR F 444 -29.03 11.48 3.68
C THR F 444 -27.70 10.80 4.00
N LEU F 445 -26.66 11.18 3.28
CA LEU F 445 -25.33 10.64 3.52
C LEU F 445 -24.52 11.62 4.37
N VAL F 446 -23.99 11.13 5.49
CA VAL F 446 -23.23 11.98 6.39
C VAL F 446 -21.72 11.75 6.27
N LEU F 447 -21.03 12.73 5.70
CA LEU F 447 -19.57 12.67 5.57
C LEU F 447 -18.93 13.18 6.86
N THR F 448 -17.94 12.46 7.37
CA THR F 448 -17.35 12.79 8.66
C THR F 448 -15.85 13.06 8.59
N GLU F 449 -15.42 14.07 9.34
CA GLU F 449 -13.99 14.39 9.45
C GLU F 449 -13.33 13.48 10.47
N GLY F 450 -12.69 12.41 9.99
CA GLY F 450 -11.99 11.49 10.86
C GLY F 450 -12.88 10.43 11.48
N ASP F 451 -12.25 9.37 11.97
CA ASP F 451 -12.99 8.24 12.54
C ASP F 451 -13.61 8.57 13.89
N SER F 452 -13.22 9.69 14.48
CA SER F 452 -13.86 10.19 15.68
C SER F 452 -15.28 10.63 15.32
N ALA F 453 -15.34 11.64 14.45
CA ALA F 453 -16.61 12.09 13.90
C ALA F 453 -17.40 10.91 13.36
N LEU F 454 -16.73 10.01 12.65
CA LEU F 454 -17.40 8.84 12.11
C LEU F 454 -18.08 8.04 13.20
N SER F 455 -17.33 7.69 14.25
CA SER F 455 -17.88 6.94 15.37
C SER F 455 -19.11 7.64 15.93
N LEU F 456 -19.00 8.96 16.10
CA LEU F 456 -20.14 9.72 16.60
C LEU F 456 -21.36 9.57 15.70
N ALA F 457 -21.15 9.67 14.40
CA ALA F 457 -22.23 9.56 13.43
C ALA F 457 -22.91 8.19 13.48
N VAL F 458 -22.09 7.14 13.41
CA VAL F 458 -22.62 5.79 13.48
C VAL F 458 -23.38 5.58 14.78
N ALA F 459 -22.96 6.29 15.82
CA ALA F 459 -23.70 6.30 17.08
C ALA F 459 -25.05 6.98 16.90
N GLY F 460 -25.06 8.03 16.07
CA GLY F 460 -26.28 8.77 15.79
C GLY F 460 -27.29 7.96 15.00
N LEU F 461 -26.79 7.03 14.18
CA LEU F 461 -27.67 6.12 13.46
C LEU F 461 -28.60 5.39 14.42
N ALA F 462 -28.08 5.09 15.60
CA ALA F 462 -28.85 4.37 16.62
C ALA F 462 -29.96 5.24 17.20
N VAL F 463 -30.06 6.47 16.71
CA VAL F 463 -31.08 7.40 17.19
C VAL F 463 -31.99 7.87 16.06
N VAL F 464 -31.41 8.05 14.87
CA VAL F 464 -32.17 8.58 13.74
C VAL F 464 -32.59 7.51 12.73
N GLY F 465 -32.30 6.25 13.03
CA GLY F 465 -32.66 5.15 12.15
C GLY F 465 -31.78 5.05 10.92
N ARG F 466 -31.56 3.82 10.45
CA ARG F 466 -30.69 3.58 9.30
C ARG F 466 -31.39 3.85 7.96
N ASP F 467 -32.67 3.51 7.88
CA ASP F 467 -33.41 3.58 6.62
C ASP F 467 -33.10 4.80 5.76
N TYR F 468 -32.98 5.98 6.37
CA TYR F 468 -32.80 7.21 5.62
C TYR F 468 -31.51 7.95 5.99
N TYR F 469 -30.55 7.22 6.55
CA TYR F 469 -29.30 7.85 6.95
C TYR F 469 -28.09 6.93 6.85
N GLY F 470 -27.05 7.41 6.17
CA GLY F 470 -25.79 6.70 6.07
C GLY F 470 -24.65 7.60 6.49
N CYS F 471 -23.42 7.10 6.39
CA CYS F 471 -22.26 7.89 6.77
C CYS F 471 -20.96 7.32 6.21
N TYR F 472 -20.06 8.21 5.81
CA TYR F 472 -18.76 7.82 5.28
C TYR F 472 -17.69 8.80 5.77
N PRO F 473 -16.54 8.27 6.16
CA PRO F 473 -15.51 9.14 6.73
C PRO F 473 -14.59 9.63 5.62
N LEU F 474 -14.54 10.96 5.49
CA LEU F 474 -13.56 11.60 4.64
C LEU F 474 -12.19 11.32 5.26
N ARG F 475 -11.23 10.92 4.44
CA ARG F 475 -9.91 10.61 4.96
C ARG F 475 -9.28 11.84 5.60
N GLY F 476 -8.94 12.85 4.80
CA GLY F 476 -8.33 14.05 5.34
C GLY F 476 -8.66 15.29 4.52
N LYS F 477 -7.69 16.19 4.42
CA LYS F 477 -7.95 17.38 3.65
C LYS F 477 -8.31 16.80 2.29
N MET F 478 -9.42 17.27 1.76
CA MET F 478 -9.91 16.80 0.46
C MET F 478 -9.14 17.40 -0.71
N LEU F 479 -9.21 16.74 -1.86
CA LEU F 479 -8.52 17.18 -3.06
C LEU F 479 -9.25 18.31 -3.77
N ASN F 480 -8.60 19.46 -3.89
CA ASN F 480 -9.12 20.56 -4.67
C ASN F 480 -9.24 20.15 -6.13
N VAL F 481 -10.48 19.99 -6.60
CA VAL F 481 -10.73 19.41 -7.91
C VAL F 481 -10.41 20.33 -9.09
N ARG F 482 -10.67 21.62 -8.92
CA ARG F 482 -10.27 22.58 -9.94
C ARG F 482 -8.76 22.73 -9.90
N GLU F 483 -8.15 22.89 -11.07
CA GLU F 483 -6.70 22.99 -11.17
C GLU F 483 -6.15 21.62 -10.82
N ALA F 484 -6.86 20.58 -11.22
CA ALA F 484 -6.43 19.21 -10.95
C ALA F 484 -6.61 18.44 -12.26
N SER F 485 -5.64 17.58 -12.57
CA SER F 485 -5.70 16.74 -13.76
C SER F 485 -6.78 15.68 -13.60
N ALA F 486 -7.47 15.37 -14.70
CA ALA F 486 -8.51 14.35 -14.68
C ALA F 486 -7.98 13.05 -14.08
N ASP F 487 -6.71 12.78 -14.33
CA ASP F 487 -6.06 11.56 -13.83
C ASP F 487 -5.85 11.60 -12.33
N GLN F 488 -5.48 12.77 -11.80
CA GLN F 488 -5.28 12.92 -10.37
C GLN F 488 -6.60 12.78 -9.64
N ILE F 489 -7.68 13.26 -10.26
CA ILE F 489 -9.02 13.13 -9.68
C ILE F 489 -9.47 11.68 -9.73
N LEU F 490 -9.22 11.03 -10.87
CA LEU F 490 -9.60 9.64 -11.05
C LEU F 490 -8.86 8.74 -10.07
N LYS F 491 -7.62 9.11 -9.76
CA LYS F 491 -6.75 8.31 -8.89
C LYS F 491 -7.10 8.47 -7.42
N ASN F 492 -7.78 9.57 -7.08
CA ASN F 492 -8.04 9.80 -5.68
C ASN F 492 -9.21 8.90 -5.33
N ALA F 493 -8.88 7.84 -4.61
CA ALA F 493 -9.85 6.86 -4.16
C ALA F 493 -10.98 7.48 -3.32
N GLU F 494 -10.67 8.55 -2.58
CA GLU F 494 -11.66 9.24 -1.72
C GLU F 494 -12.83 9.98 -2.41
N ILE F 495 -12.53 10.73 -3.46
CA ILE F 495 -13.54 11.34 -4.33
C ILE F 495 -14.34 10.29 -5.09
N GLN F 496 -13.65 9.31 -5.65
CA GLN F 496 -14.29 8.22 -6.38
C GLN F 496 -15.29 7.49 -5.49
N ALA F 497 -14.84 7.11 -4.29
CA ALA F 497 -15.71 6.47 -3.32
C ALA F 497 -16.97 7.31 -3.11
N ILE F 498 -16.77 8.62 -2.95
CA ILE F 498 -17.91 9.53 -2.78
C ILE F 498 -18.86 9.46 -3.96
N LYS F 499 -18.30 9.50 -5.17
CA LYS F 499 -19.10 9.49 -6.39
C LYS F 499 -19.88 8.19 -6.56
N LYS F 500 -19.34 7.10 -6.04
CA LYS F 500 -20.01 5.80 -6.16
C LYS F 500 -21.06 5.59 -5.07
N ILE F 501 -20.80 6.13 -3.89
CA ILE F 501 -21.75 6.02 -2.79
C ILE F 501 -22.99 6.88 -3.05
N MET F 502 -22.78 8.06 -3.63
CA MET F 502 -23.87 8.99 -3.91
C MET F 502 -24.49 8.74 -5.27
N GLY F 503 -23.88 7.85 -6.05
CA GLY F 503 -24.32 7.62 -7.42
C GLY F 503 -24.20 8.89 -8.22
N LEU F 504 -22.98 9.40 -8.35
CA LEU F 504 -22.75 10.69 -8.98
C LEU F 504 -21.99 10.59 -10.30
N GLN F 505 -22.41 11.40 -11.27
CA GLN F 505 -21.73 11.51 -12.55
C GLN F 505 -21.74 12.97 -12.99
N HIS F 506 -20.74 13.37 -13.78
CA HIS F 506 -20.62 14.75 -14.22
C HIS F 506 -21.66 15.11 -15.29
N ARG F 507 -21.96 14.14 -16.15
CA ARG F 507 -22.81 14.35 -17.33
C ARG F 507 -23.92 15.40 -17.14
N LYS F 508 -24.08 16.24 -18.16
CA LYS F 508 -25.11 17.28 -18.18
C LYS F 508 -25.11 18.17 -16.93
N LYS F 509 -26.25 18.83 -16.72
CA LYS F 509 -26.45 19.67 -15.55
C LYS F 509 -27.50 19.06 -14.65
N TYR F 510 -27.19 18.92 -13.36
CA TYR F 510 -28.11 18.28 -12.41
C TYR F 510 -29.37 19.11 -12.16
N GLU F 511 -30.51 18.58 -12.60
CA GLU F 511 -31.80 19.22 -12.42
C GLU F 511 -32.43 18.79 -11.09
N ASP F 512 -32.48 17.48 -10.87
CA ASP F 512 -33.08 16.94 -9.65
C ASP F 512 -32.20 15.89 -8.98
N THR F 513 -32.42 15.64 -7.70
CA THR F 513 -31.62 14.63 -7.00
C THR F 513 -31.87 13.22 -7.54
N LYS F 514 -33.00 13.10 -8.21
CA LYS F 514 -33.73 11.86 -8.44
C LYS F 514 -32.78 10.75 -8.90
N SER F 515 -31.70 11.15 -9.57
CA SER F 515 -30.78 10.20 -10.18
C SER F 515 -29.74 9.65 -9.20
N LEU F 516 -29.75 10.17 -7.98
CA LEU F 516 -28.70 9.85 -7.02
C LEU F 516 -29.09 8.77 -6.02
N ARG F 517 -28.09 8.12 -5.45
CA ARG F 517 -28.29 7.17 -4.36
C ARG F 517 -28.84 7.89 -3.15
N TYR F 518 -28.30 9.08 -2.88
CA TYR F 518 -28.75 9.91 -1.79
C TYR F 518 -29.25 11.26 -2.31
N GLY F 519 -30.21 11.85 -1.59
CA GLY F 519 -30.78 13.12 -1.99
C GLY F 519 -30.28 14.26 -1.14
N HIS F 520 -29.60 13.93 -0.04
CA HIS F 520 -29.06 14.94 0.86
C HIS F 520 -27.65 14.59 1.33
N LEU F 521 -26.81 15.61 1.47
CA LEU F 521 -25.44 15.41 1.95
C LEU F 521 -25.17 16.28 3.18
N MET F 522 -24.76 15.65 4.27
CA MET F 522 -24.52 16.36 5.52
C MET F 522 -23.04 16.33 5.88
N ILE F 523 -22.53 17.47 6.32
CA ILE F 523 -21.10 17.59 6.63
C ILE F 523 -20.86 17.65 8.14
N MET F 524 -20.03 16.73 8.64
CA MET F 524 -19.70 16.69 10.06
C MET F 524 -18.21 16.93 10.29
N THR F 525 -17.86 18.18 10.57
CA THR F 525 -16.49 18.55 10.89
C THR F 525 -16.37 19.02 12.33
N ASP F 526 -15.21 18.77 12.94
CA ASP F 526 -14.99 19.00 14.37
C ASP F 526 -15.41 20.37 14.89
N GLN F 527 -15.78 21.28 14.00
CA GLN F 527 -16.17 22.64 14.38
C GLN F 527 -14.95 23.50 14.64
N ASP F 528 -13.80 23.07 14.11
CA ASP F 528 -12.58 23.85 14.18
C ASP F 528 -12.27 24.47 12.83
N HIS F 529 -11.30 25.37 12.80
CA HIS F 529 -10.94 26.06 11.55
C HIS F 529 -10.66 25.11 10.40
N ASP F 530 -9.84 24.08 10.66
CA ASP F 530 -9.55 23.06 9.65
C ASP F 530 -10.85 22.41 9.16
N GLY F 531 -11.82 22.30 10.06
CA GLY F 531 -13.13 21.79 9.69
C GLY F 531 -13.80 22.70 8.68
N SER F 532 -13.73 24.01 8.94
CA SER F 532 -14.26 25.00 8.01
C SER F 532 -13.60 24.82 6.66
N HIS F 533 -12.29 24.59 6.67
CA HIS F 533 -11.55 24.36 5.44
C HIS F 533 -12.09 23.14 4.70
N ILE F 534 -12.32 22.06 5.45
CA ILE F 534 -12.89 20.85 4.87
C ILE F 534 -14.21 21.13 4.19
N LYS F 535 -15.09 21.86 4.89
CA LYS F 535 -16.37 22.26 4.32
C LYS F 535 -16.14 23.02 3.01
N GLY F 536 -15.18 23.93 3.02
CA GLY F 536 -14.84 24.70 1.84
C GLY F 536 -14.42 23.83 0.67
N LEU F 537 -13.60 22.82 0.95
CA LEU F 537 -13.12 21.91 -0.09
C LEU F 537 -14.25 21.04 -0.64
N ILE F 538 -15.16 20.63 0.24
CA ILE F 538 -16.34 19.86 -0.17
C ILE F 538 -17.20 20.69 -1.11
N ILE F 539 -17.53 21.91 -0.68
CA ILE F 539 -18.32 22.82 -1.49
C ILE F 539 -17.67 23.08 -2.85
N ASN F 540 -16.37 23.38 -2.82
CA ASN F 540 -15.61 23.58 -4.05
C ASN F 540 -15.69 22.37 -4.98
N PHE F 541 -15.51 21.18 -4.40
CA PHE F 541 -15.57 19.94 -5.16
C PHE F 541 -16.93 19.73 -5.81
N LEU F 542 -18.00 19.98 -5.05
CA LEU F 542 -19.35 19.78 -5.56
C LEU F 542 -19.70 20.80 -6.65
N GLU F 543 -19.30 22.05 -6.45
CA GLU F 543 -19.59 23.12 -7.40
C GLU F 543 -18.79 22.95 -8.68
N SER F 544 -17.56 22.43 -8.56
CA SER F 544 -16.66 22.30 -9.70
C SER F 544 -16.92 21.03 -10.51
N SER F 545 -17.00 19.88 -9.84
CA SER F 545 -17.16 18.61 -10.53
C SER F 545 -18.56 18.36 -11.06
N PHE F 546 -19.56 18.91 -10.37
CA PHE F 546 -20.95 18.68 -10.76
C PHE F 546 -21.69 19.98 -11.04
N PRO F 547 -21.93 20.28 -12.32
CA PRO F 547 -22.67 21.48 -12.72
C PRO F 547 -24.14 21.39 -12.35
N GLY F 548 -24.68 22.47 -11.78
CA GLY F 548 -26.09 22.54 -11.46
C GLY F 548 -26.52 21.74 -10.24
N LEU F 549 -25.56 21.13 -9.55
CA LEU F 549 -25.88 20.32 -8.37
C LEU F 549 -26.19 21.20 -7.16
N LEU F 550 -25.39 22.23 -6.96
CA LEU F 550 -25.58 23.14 -5.82
C LEU F 550 -26.74 24.10 -6.06
N ASP F 551 -27.39 23.98 -7.21
CA ASP F 551 -28.58 24.77 -7.50
C ASP F 551 -29.80 24.22 -6.76
N ILE F 552 -29.84 22.90 -6.61
CA ILE F 552 -30.92 22.24 -5.91
C ILE F 552 -30.96 22.71 -4.45
N GLN F 553 -32.07 23.35 -4.08
CA GLN F 553 -32.22 23.92 -2.75
C GLN F 553 -32.40 22.85 -1.68
N GLY F 554 -31.63 22.98 -0.60
CA GLY F 554 -31.74 22.07 0.53
C GLY F 554 -31.00 20.76 0.34
N PHE F 555 -30.01 20.76 -0.55
CA PHE F 555 -29.23 19.56 -0.81
C PHE F 555 -28.05 19.43 0.14
N LEU F 556 -27.30 20.52 0.31
CA LEU F 556 -26.14 20.51 1.19
C LEU F 556 -26.53 20.89 2.62
N LEU F 557 -26.15 20.04 3.57
CA LEU F 557 -26.50 20.26 4.97
C LEU F 557 -25.25 20.36 5.84
N GLU F 558 -25.42 20.89 7.05
CA GLU F 558 -24.31 21.03 7.99
C GLU F 558 -24.73 20.66 9.41
N PHE F 559 -23.93 19.79 10.03
CA PHE F 559 -24.15 19.42 11.42
C PHE F 559 -23.17 20.18 12.31
N ILE F 560 -23.69 21.02 13.19
CA ILE F 560 -22.84 21.83 14.06
C ILE F 560 -22.93 21.41 15.52
N THR F 561 -21.91 21.76 16.29
CA THR F 561 -21.86 21.40 17.70
C THR F 561 -21.47 22.59 18.57
N PRO F 562 -22.10 22.73 19.74
CA PRO F 562 -21.82 23.81 20.69
C PRO F 562 -20.33 24.00 20.93
N ILE F 563 -19.90 25.24 21.10
CA ILE F 563 -18.48 25.54 21.22
C ILE F 563 -17.92 25.31 22.64
N ILE F 564 -18.76 25.42 23.65
CA ILE F 564 -18.32 25.25 25.04
C ILE F 564 -19.45 24.67 25.91
N LYS F 565 -19.08 23.96 26.97
CA LYS F 565 -20.07 23.43 27.90
C LYS F 565 -19.81 23.85 29.34
N VAL F 566 -20.75 24.62 29.90
CA VAL F 566 -20.61 25.14 31.25
C VAL F 566 -21.38 24.30 32.27
N SER F 567 -20.75 24.06 33.41
CA SER F 567 -21.37 23.28 34.48
C SER F 567 -21.44 24.06 35.79
N ILE F 568 -22.66 24.24 36.30
CA ILE F 568 -22.88 24.96 37.55
C ILE F 568 -22.80 23.99 38.72
N THR F 569 -21.87 24.23 39.66
CA THR F 569 -21.59 23.23 40.72
C THR F 569 -22.10 23.43 42.17
N LYS F 570 -21.86 24.62 42.73
CA LYS F 570 -22.22 24.87 44.13
C LYS F 570 -23.63 25.40 44.41
N PRO F 571 -24.01 26.48 43.73
CA PRO F 571 -25.21 27.25 44.09
C PRO F 571 -26.54 26.58 43.75
N THR F 572 -26.57 26.06 42.53
CA THR F 572 -27.73 25.39 41.97
C THR F 572 -27.10 24.60 40.86
N LYS F 573 -27.77 23.59 40.33
CA LYS F 573 -27.08 22.81 39.30
C LYS F 573 -27.83 22.61 37.99
N ASN F 574 -27.20 23.06 36.91
CA ASN F 574 -27.62 22.76 35.54
C ASN F 574 -26.41 22.90 34.63
N THR F 575 -26.61 22.68 33.33
CA THR F 575 -25.50 22.80 32.37
C THR F 575 -25.90 23.60 31.14
N ILE F 576 -25.06 24.55 30.76
CA ILE F 576 -25.36 25.43 29.63
C ILE F 576 -24.43 25.19 28.44
N ALA F 577 -25.02 24.86 27.30
CA ALA F 577 -24.26 24.65 26.08
C ALA F 577 -24.36 25.86 25.17
N PHE F 578 -23.22 26.44 24.83
CA PHE F 578 -23.17 27.62 23.96
C PHE F 578 -22.76 27.24 22.55
N TYR F 579 -23.41 27.86 21.56
CA TYR F 579 -23.13 27.60 20.15
C TYR F 579 -21.99 28.46 19.61
N ASN F 580 -21.67 29.54 20.32
CA ASN F 580 -20.70 30.51 19.81
C ASN F 580 -19.95 31.29 20.88
N MET F 581 -19.03 32.15 20.44
CA MET F 581 -18.24 32.98 21.34
C MET F 581 -19.05 34.13 21.94
N PRO F 582 -19.83 34.85 21.12
CA PRO F 582 -20.61 35.99 21.60
C PRO F 582 -21.59 35.64 22.72
N ASP F 583 -22.35 34.56 22.57
CA ASP F 583 -23.30 34.14 23.59
C ASP F 583 -22.58 33.80 24.89
N TYR F 584 -21.66 32.85 24.80
CA TYR F 584 -20.87 32.42 25.93
C TYR F 584 -20.17 33.58 26.63
N GLU F 585 -19.88 34.63 25.87
CA GLU F 585 -19.16 35.79 26.40
C GLU F 585 -20.12 36.73 27.13
N LYS F 586 -21.27 36.99 26.51
CA LYS F 586 -22.30 37.82 27.13
C LYS F 586 -22.74 37.20 28.45
N TRP F 587 -22.86 35.87 28.47
CA TRP F 587 -23.20 35.16 29.69
C TRP F 587 -22.04 35.21 30.68
N ARG F 588 -20.83 35.03 30.17
CA ARG F 588 -19.63 35.03 31.01
C ARG F 588 -19.44 36.38 31.71
N GLU F 589 -19.95 37.43 31.09
CA GLU F 589 -19.80 38.79 31.64
C GLU F 589 -21.04 39.27 32.38
N GLU F 590 -22.17 38.60 32.14
CA GLU F 590 -23.44 39.09 32.68
C GLU F 590 -24.22 38.06 33.50
N GLU F 591 -23.59 36.93 33.83
CA GLU F 591 -24.25 35.88 34.59
C GLU F 591 -23.30 35.02 35.42
N SER F 592 -22.11 34.77 34.86
CA SER F 592 -21.16 33.83 35.47
C SER F 592 -20.91 34.06 36.95
N HIS F 593 -20.78 35.33 37.34
CA HIS F 593 -20.44 35.68 38.72
C HIS F 593 -21.49 35.18 39.72
N LYS F 594 -22.69 34.90 39.23
CA LYS F 594 -23.80 34.51 40.09
C LYS F 594 -23.79 33.02 40.42
N PHE F 595 -22.74 32.32 39.96
CA PHE F 595 -22.63 30.89 40.22
C PHE F 595 -21.18 30.48 40.44
N THR F 596 -21.00 29.27 40.96
CA THR F 596 -19.72 28.58 40.88
C THR F 596 -19.85 27.57 39.74
N TRP F 597 -18.92 27.63 38.79
CA TRP F 597 -19.08 26.87 37.56
C TRP F 597 -17.74 26.46 36.96
N LYS F 598 -17.80 25.66 35.90
CA LYS F 598 -16.60 25.23 35.19
C LYS F 598 -16.88 25.18 33.69
N GLN F 599 -15.98 25.76 32.91
CA GLN F 599 -16.14 25.81 31.47
C GLN F 599 -15.33 24.72 30.78
N LYS F 600 -15.98 24.00 29.87
CA LYS F 600 -15.32 22.94 29.12
C LYS F 600 -15.18 23.31 27.64
N TYR F 601 -13.93 23.44 27.21
CA TYR F 601 -13.60 23.70 25.81
C TYR F 601 -14.14 22.57 24.95
N TYR F 602 -14.68 22.91 23.78
CA TYR F 602 -15.25 21.88 22.93
C TYR F 602 -14.17 21.04 22.23
N THR F 607 -16.30 13.04 20.79
CA THR F 607 -15.65 13.02 22.10
C THR F 607 -16.66 13.21 23.23
N SER F 608 -17.64 14.08 23.01
CA SER F 608 -18.65 14.36 24.03
C SER F 608 -19.40 13.08 24.36
N LEU F 609 -19.47 12.76 25.65
CA LEU F 609 -20.16 11.55 26.10
C LEU F 609 -21.32 11.21 25.19
N ALA F 610 -21.29 10.02 24.60
CA ALA F 610 -22.26 9.60 23.60
C ALA F 610 -23.71 9.89 24.02
N GLN F 611 -23.97 9.89 25.32
CA GLN F 611 -25.33 10.13 25.81
C GLN F 611 -25.77 11.56 25.53
N GLU F 612 -24.80 12.45 25.31
CA GLU F 612 -25.10 13.81 24.90
C GLU F 612 -25.28 13.85 23.38
N VAL F 613 -24.62 12.93 22.69
CA VAL F 613 -24.75 12.80 21.25
C VAL F 613 -26.17 12.38 20.89
N ARG F 614 -26.68 11.41 21.63
CA ARG F 614 -28.06 10.98 21.45
C ARG F 614 -28.99 12.19 21.50
N GLU F 615 -28.68 13.14 22.39
CA GLU F 615 -29.43 14.38 22.47
C GLU F 615 -29.22 15.22 21.22
N TYR F 616 -27.96 15.31 20.79
CA TYR F 616 -27.63 16.04 19.57
C TYR F 616 -28.52 15.58 18.41
N PHE F 617 -28.83 14.29 18.38
CA PHE F 617 -29.64 13.74 17.29
C PHE F 617 -31.14 13.73 17.56
N SER F 618 -31.53 13.74 18.83
CA SER F 618 -32.95 13.72 19.18
C SER F 618 -33.66 14.96 18.63
N ASN F 619 -32.97 16.09 18.70
CA ASN F 619 -33.45 17.33 18.12
C ASN F 619 -32.23 17.82 17.36
N LEU F 620 -32.11 17.36 16.12
CA LEU F 620 -30.94 17.65 15.30
C LEU F 620 -31.30 18.83 14.40
N ASP F 621 -32.58 19.16 14.32
CA ASP F 621 -33.03 20.27 13.48
C ASP F 621 -32.46 21.61 13.96
N ARG F 622 -31.94 21.62 15.19
CA ARG F 622 -31.31 22.80 15.77
C ARG F 622 -29.84 22.85 15.39
N HIS F 623 -29.25 21.67 15.18
CA HIS F 623 -27.84 21.56 14.85
C HIS F 623 -27.64 21.47 13.34
N LEU F 624 -28.74 21.32 12.61
CA LEU F 624 -28.69 21.26 11.16
C LEU F 624 -28.89 22.64 10.53
N LYS F 625 -27.95 23.02 9.67
CA LYS F 625 -28.08 24.28 8.93
C LYS F 625 -27.95 24.02 7.42
N ILE F 626 -28.82 24.67 6.65
CA ILE F 626 -28.88 24.46 5.21
C ILE F 626 -28.17 25.58 4.45
N PHE F 627 -27.46 25.20 3.39
CA PHE F 627 -26.81 26.18 2.53
C PHE F 627 -27.79 26.69 1.48
N HIS F 628 -27.66 27.96 1.13
CA HIS F 628 -28.52 28.55 0.10
C HIS F 628 -27.98 28.23 -1.29
N SER F 629 -28.89 27.85 -2.19
CA SER F 629 -28.53 27.42 -3.55
C SER F 629 -27.85 28.55 -4.31
N LEU F 630 -26.92 28.21 -5.20
CA LEU F 630 -26.00 29.18 -5.72
C LEU F 630 -26.86 30.38 -6.06
N GLN F 631 -26.30 31.54 -5.75
CA GLN F 631 -26.86 32.84 -6.12
C GLN F 631 -25.74 33.68 -6.71
N GLY F 632 -26.07 34.90 -7.11
CA GLY F 632 -25.08 35.81 -7.67
C GLY F 632 -23.86 35.96 -6.80
N ASN F 633 -22.67 35.84 -7.38
CA ASN F 633 -21.45 36.12 -6.64
C ASN F 633 -21.21 35.04 -5.58
N ASP F 634 -21.74 33.85 -5.82
CA ASP F 634 -21.44 32.69 -4.98
C ASP F 634 -20.28 31.96 -5.67
N LYS F 635 -20.52 31.55 -6.92
CA LYS F 635 -19.49 30.91 -7.72
C LYS F 635 -18.22 31.77 -7.76
N ASP F 636 -18.40 33.06 -8.02
CA ASP F 636 -17.29 33.99 -8.08
C ASP F 636 -16.41 33.88 -6.84
N TYR F 637 -17.04 33.84 -5.67
CA TYR F 637 -16.32 33.74 -4.42
C TYR F 637 -15.66 32.38 -4.25
N ILE F 638 -16.39 31.32 -4.58
CA ILE F 638 -15.81 29.98 -4.55
C ILE F 638 -14.50 29.96 -5.33
N ASP F 639 -14.50 30.62 -6.49
CA ASP F 639 -13.32 30.67 -7.34
C ASP F 639 -12.25 31.59 -6.75
N LEU F 640 -12.68 32.66 -6.09
CA LEU F 640 -11.74 33.54 -5.40
C LEU F 640 -10.99 32.75 -4.34
N ALA F 641 -11.65 31.73 -3.80
CA ALA F 641 -11.08 30.95 -2.70
C ALA F 641 -10.25 29.75 -3.15
N PHE F 642 -10.70 29.07 -4.20
CA PHE F 642 -10.07 27.80 -4.57
C PHE F 642 -9.43 27.76 -5.97
N SER F 643 -9.23 28.92 -6.58
CA SER F 643 -8.55 28.97 -7.88
C SER F 643 -7.07 29.30 -7.72
N LYS F 644 -6.21 28.36 -8.06
CA LYS F 644 -4.80 28.53 -7.73
C LYS F 644 -4.36 29.84 -8.35
N LYS F 645 -5.01 30.22 -9.44
CA LYS F 645 -4.59 31.36 -10.23
C LYS F 645 -4.81 32.70 -9.53
N LYS F 646 -5.46 32.69 -8.36
CA LYS F 646 -5.88 33.95 -7.71
C LYS F 646 -5.16 34.42 -6.43
N ALA F 647 -3.90 34.03 -6.26
CA ALA F 647 -3.20 34.13 -4.98
C ALA F 647 -3.29 35.58 -4.47
N ASP F 648 -2.86 36.51 -5.32
CA ASP F 648 -2.90 37.93 -4.98
C ASP F 648 -4.32 38.37 -4.61
N ASP F 649 -5.27 37.95 -5.42
CA ASP F 649 -6.68 38.21 -5.14
C ASP F 649 -7.02 37.86 -3.71
N ARG F 650 -6.48 36.73 -3.24
CA ARG F 650 -6.70 36.29 -1.86
C ARG F 650 -5.93 37.15 -0.86
N LYS F 651 -4.74 37.61 -1.24
CA LYS F 651 -4.01 38.54 -0.41
C LYS F 651 -4.90 39.74 -0.08
N GLU F 652 -5.35 40.42 -1.13
CA GLU F 652 -6.25 41.56 -0.97
C GLU F 652 -7.50 41.17 -0.19
N TRP F 653 -8.05 40.01 -0.53
CA TRP F 653 -9.25 39.49 0.13
C TRP F 653 -9.09 39.43 1.64
N LEU F 654 -7.92 38.99 2.09
CA LEU F 654 -7.61 38.92 3.51
C LEU F 654 -7.41 40.31 4.07
N ARG F 655 -6.76 41.18 3.31
CA ARG F 655 -6.58 42.56 3.72
C ARG F 655 -7.92 43.24 4.01
N GLN F 656 -8.94 42.87 3.24
CA GLN F 656 -10.26 43.49 3.35
C GLN F 656 -10.99 43.10 4.64
N TYR F 657 -10.83 41.86 5.08
CA TYR F 657 -11.68 41.32 6.14
C TYR F 657 -11.58 42.13 7.44
N GLU F 658 -12.75 42.33 8.05
CA GLU F 658 -12.88 43.14 9.25
C GLU F 658 -13.15 42.25 10.46
N PRO F 659 -12.29 42.35 11.49
CA PRO F 659 -12.46 41.58 12.72
C PRO F 659 -13.87 41.74 13.28
N GLY F 660 -14.44 40.66 13.79
CA GLY F 660 -15.79 40.69 14.34
C GLY F 660 -16.82 40.26 13.32
N THR F 661 -16.43 40.16 12.06
CA THR F 661 -17.32 39.72 11.00
C THR F 661 -17.45 38.20 11.00
N VAL F 662 -18.48 37.69 11.67
CA VAL F 662 -18.70 36.26 11.77
C VAL F 662 -20.13 35.89 11.41
N LEU F 663 -20.33 34.67 10.91
CA LEU F 663 -21.65 34.19 10.52
C LEU F 663 -22.62 34.25 11.69
N ASP F 664 -23.88 34.55 11.40
CA ASP F 664 -24.91 34.58 12.43
C ASP F 664 -25.15 33.20 13.02
N PRO F 665 -24.90 33.06 14.32
CA PRO F 665 -25.03 31.79 15.05
C PRO F 665 -26.39 31.15 14.85
N THR F 666 -27.43 31.98 14.73
CA THR F 666 -28.79 31.47 14.54
C THR F 666 -29.44 32.04 13.29
N LEU F 667 -29.30 31.32 12.18
CA LEU F 667 -29.95 31.72 10.92
C LEU F 667 -30.55 30.53 10.18
N LYS F 668 -29.90 29.39 10.21
CA LYS F 668 -30.52 28.20 9.64
C LYS F 668 -30.62 28.40 8.14
N GLU F 669 -29.93 29.41 7.66
CA GLU F 669 -29.77 29.66 6.23
C GLU F 669 -28.42 30.31 5.97
N ILE F 670 -27.51 29.57 5.35
CA ILE F 670 -26.15 30.05 5.10
C ILE F 670 -25.88 30.34 3.63
N PRO F 671 -25.86 31.63 3.27
CA PRO F 671 -25.45 32.02 1.91
C PRO F 671 -23.97 31.67 1.69
N ILE F 672 -23.68 31.00 0.59
CA ILE F 672 -22.32 30.54 0.31
C ILE F 672 -21.29 31.68 0.36
N SER F 673 -21.61 32.79 -0.30
CA SER F 673 -20.74 33.96 -0.30
C SER F 673 -20.38 34.35 1.13
N ASP F 674 -21.39 34.37 2.00
CA ASP F 674 -21.18 34.70 3.41
C ASP F 674 -20.32 33.65 4.11
N PHE F 675 -20.57 32.38 3.80
CA PHE F 675 -19.76 31.30 4.36
C PHE F 675 -18.28 31.49 4.01
N ILE F 676 -18.03 32.03 2.83
CA ILE F 676 -16.66 32.25 2.37
C ILE F 676 -16.06 33.53 2.95
N ASN F 677 -16.91 34.52 3.21
CA ASN F 677 -16.43 35.80 3.74
C ASN F 677 -16.60 35.96 5.25
N LYS F 678 -17.09 34.90 5.90
CA LYS F 678 -17.33 34.90 7.35
C LYS F 678 -16.76 33.71 8.16
N GLU F 679 -16.34 32.65 7.47
CA GLU F 679 -15.90 31.43 8.17
C GLU F 679 -14.61 30.84 7.57
N LEU F 680 -14.64 30.57 6.26
CA LEU F 680 -13.46 30.04 5.58
C LEU F 680 -12.28 31.01 5.70
N ILE F 681 -12.58 32.30 5.60
CA ILE F 681 -11.56 33.33 5.70
C ILE F 681 -10.86 33.25 7.05
N LEU F 682 -11.60 32.88 8.09
CA LEU F 682 -11.03 32.66 9.40
C LEU F 682 -9.96 31.57 9.30
N PHE F 683 -10.31 30.47 8.65
CA PHE F 683 -9.35 29.39 8.43
C PHE F 683 -8.11 29.93 7.74
N SER F 684 -8.27 30.61 6.61
CA SER F 684 -7.13 31.15 5.87
C SER F 684 -6.22 31.97 6.78
N LEU F 685 -6.82 32.91 7.49
CA LEU F 685 -6.08 33.72 8.46
C LEU F 685 -5.25 32.83 9.38
N ALA F 686 -5.91 31.83 9.96
CA ALA F 686 -5.23 30.90 10.86
C ALA F 686 -4.06 30.21 10.18
N ASP F 687 -4.23 29.90 8.90
CA ASP F 687 -3.21 29.23 8.10
C ASP F 687 -1.98 30.13 8.02
N ASN F 688 -2.19 31.37 7.62
CA ASN F 688 -1.10 32.34 7.62
C ASN F 688 -0.43 32.42 8.99
N ILE F 689 -1.25 32.43 10.03
CA ILE F 689 -0.75 32.55 11.40
C ILE F 689 0.18 31.40 11.77
N ARG F 690 -0.21 30.17 11.41
CA ARG F 690 0.51 28.99 11.85
C ARG F 690 1.64 28.59 10.90
N SER F 691 1.66 29.16 9.70
CA SER F 691 2.67 28.82 8.69
C SER F 691 3.74 29.90 8.53
N ILE F 692 3.34 31.15 8.63
CA ILE F 692 4.27 32.26 8.46
C ILE F 692 4.72 32.84 9.79
N PRO F 693 6.05 32.97 9.97
CA PRO F 693 6.65 33.41 11.25
C PRO F 693 6.54 34.92 11.48
N ASN F 694 6.73 35.33 12.73
CA ASN F 694 6.75 36.75 13.07
C ASN F 694 8.16 37.32 12.90
N VAL F 695 8.25 38.50 12.30
CA VAL F 695 9.54 39.09 11.95
C VAL F 695 10.51 39.20 13.13
N LEU F 696 9.98 39.49 14.33
CA LEU F 696 10.79 39.72 15.54
C LEU F 696 11.62 38.58 16.18
N ASP F 697 11.04 37.40 16.33
CA ASP F 697 11.77 36.22 16.78
C ASP F 697 11.98 35.18 15.68
N GLY F 698 11.14 35.24 14.65
CA GLY F 698 11.21 34.30 13.54
C GLY F 698 10.59 32.96 13.87
N PHE F 699 9.51 32.99 14.66
CA PHE F 699 8.84 31.78 15.10
C PHE F 699 7.46 31.61 14.49
N LYS F 700 7.11 30.36 14.20
CA LYS F 700 5.74 29.99 13.91
C LYS F 700 5.15 29.49 15.23
N PRO F 701 3.86 29.64 15.44
CA PRO F 701 3.32 29.54 16.78
C PRO F 701 3.72 28.21 17.42
N GLY F 702 3.75 27.14 16.65
CA GLY F 702 4.21 25.86 17.17
C GLY F 702 5.58 25.94 17.81
N GLN F 703 6.58 26.37 17.03
CA GLN F 703 7.93 26.52 17.53
C GLN F 703 7.96 27.32 18.84
N ARG F 704 7.29 28.46 18.81
CA ARG F 704 7.26 29.35 19.97
C ARG F 704 6.66 28.66 21.19
N LYS F 705 5.64 27.85 20.97
CA LYS F 705 5.04 27.07 22.05
C LYS F 705 6.07 26.08 22.59
N VAL F 706 6.81 25.44 21.69
CA VAL F 706 7.86 24.52 22.08
C VAL F 706 8.88 25.19 23.00
N LEU F 707 9.43 26.31 22.55
CA LEU F 707 10.42 27.03 23.35
C LEU F 707 9.87 27.53 24.68
N TYR F 708 8.70 28.17 24.64
CA TYR F 708 8.04 28.61 25.85
C TYR F 708 7.93 27.46 26.85
N GLY F 709 7.58 26.29 26.33
CA GLY F 709 7.50 25.09 27.13
C GLY F 709 8.85 24.73 27.73
N CYS F 710 9.89 24.82 26.91
CA CYS F 710 11.24 24.49 27.37
C CYS F 710 11.76 25.50 28.39
N PHE F 711 11.13 26.66 28.45
CA PHE F 711 11.48 27.68 29.43
C PHE F 711 10.71 27.48 30.73
N LYS F 712 9.45 27.07 30.60
CA LYS F 712 8.63 26.77 31.76
C LYS F 712 9.27 25.65 32.58
N LYS F 713 9.66 24.58 31.88
CA LYS F 713 10.40 23.49 32.50
C LYS F 713 11.90 23.81 32.46
N ASN F 714 12.65 23.23 33.39
CA ASN F 714 14.10 23.40 33.38
C ASN F 714 14.77 22.39 32.47
N LEU F 715 14.83 22.71 31.18
CA LEU F 715 15.40 21.80 30.19
C LEU F 715 16.92 21.92 30.10
N LYS F 716 17.59 21.74 31.23
CA LYS F 716 19.04 21.68 31.25
C LYS F 716 19.46 20.21 31.26
N SER F 717 18.49 19.34 31.55
CA SER F 717 18.69 17.89 31.47
C SER F 717 17.72 17.29 30.46
N GLU F 718 18.25 16.46 29.57
CA GLU F 718 17.50 15.97 28.42
C GLU F 718 16.30 15.08 28.76
N LEU F 719 15.39 14.96 27.80
CA LEU F 719 14.28 14.01 27.85
C LEU F 719 13.87 13.72 26.40
N LYS F 720 13.26 12.57 26.17
CA LYS F 720 12.93 12.17 24.80
C LYS F 720 11.83 13.03 24.19
N VAL F 721 11.91 13.24 22.88
CA VAL F 721 10.99 14.10 22.15
C VAL F 721 9.51 13.72 22.36
N ALA F 722 9.23 12.42 22.28
CA ALA F 722 7.87 11.92 22.38
C ALA F 722 7.19 12.27 23.70
N GLN F 723 7.95 12.84 24.62
CA GLN F 723 7.43 13.27 25.91
C GLN F 723 7.35 14.79 25.96
N LEU F 724 8.44 15.42 25.53
CA LEU F 724 8.51 16.88 25.48
C LEU F 724 7.37 17.46 24.66
N ALA F 725 7.09 16.85 23.51
CA ALA F 725 6.01 17.32 22.64
C ALA F 725 4.66 17.36 23.37
N PRO F 726 4.23 16.23 23.94
CA PRO F 726 2.98 16.20 24.69
C PRO F 726 2.99 17.19 25.86
N TYR F 727 4.09 17.23 26.60
CA TYR F 727 4.21 18.20 27.69
C TYR F 727 3.89 19.62 27.22
N VAL F 728 4.68 20.09 26.25
CA VAL F 728 4.48 21.40 25.67
C VAL F 728 3.04 21.61 25.24
N SER F 729 2.51 20.64 24.48
CA SER F 729 1.13 20.70 24.01
C SER F 729 0.18 20.97 25.16
N GLU F 730 0.38 20.26 26.27
CA GLU F 730 -0.48 20.39 27.44
C GLU F 730 -0.37 21.78 28.09
N CYS F 731 0.86 22.24 28.32
CA CYS F 731 1.04 23.50 29.03
C CYS F 731 1.03 24.74 28.14
N THR F 732 0.69 24.56 26.86
CA THR F 732 0.62 25.68 25.94
C THR F 732 -0.71 25.72 25.18
N ALA F 733 -1.66 24.90 25.62
CA ALA F 733 -2.97 24.83 24.98
C ALA F 733 -2.83 24.56 23.48
N TYR F 734 -2.17 23.47 23.14
CA TYR F 734 -1.96 23.09 21.74
C TYR F 734 -3.01 22.07 21.31
N HIS F 735 -3.91 22.49 20.43
CA HIS F 735 -5.07 21.67 20.06
C HIS F 735 -4.82 20.74 18.88
N HIS F 736 -3.66 20.87 18.24
CA HIS F 736 -3.33 20.05 17.08
C HIS F 736 -2.67 18.74 17.51
N GLY F 737 -2.37 17.89 16.53
CA GLY F 737 -1.77 16.60 16.82
C GLY F 737 -0.34 16.70 17.35
N GLU F 738 -0.03 15.87 18.34
CA GLU F 738 1.30 15.87 18.95
C GLU F 738 2.40 15.52 17.93
N GLN F 739 2.00 14.85 16.86
CA GLN F 739 2.94 14.45 15.81
C GLN F 739 3.60 15.68 15.19
N SER F 740 2.75 16.59 14.72
CA SER F 740 3.20 17.83 14.09
C SER F 740 4.15 18.60 15.02
N LEU F 741 3.82 18.60 16.30
CA LEU F 741 4.62 19.31 17.29
C LEU F 741 5.99 18.64 17.46
N ALA F 742 5.99 17.31 17.53
CA ALA F 742 7.22 16.54 17.61
C ALA F 742 8.12 16.88 16.43
N GLN F 743 7.51 16.95 15.25
CA GLN F 743 8.25 17.30 14.04
C GLN F 743 8.79 18.71 14.12
N THR F 744 8.01 19.63 14.69
CA THR F 744 8.47 20.99 14.90
C THR F 744 9.73 21.00 15.75
N ILE F 745 9.70 20.23 16.84
CA ILE F 745 10.85 20.11 17.73
C ILE F 745 12.07 19.57 16.98
N ILE F 746 11.90 18.41 16.34
CA ILE F 746 12.98 17.82 15.56
C ILE F 746 13.59 18.86 14.63
N GLY F 747 12.71 19.62 13.97
CA GLY F 747 13.14 20.67 13.07
C GLY F 747 13.97 21.73 13.77
N LEU F 748 13.57 22.08 14.99
CA LEU F 748 14.31 23.06 15.77
C LEU F 748 15.66 22.51 16.21
N ALA F 749 15.80 21.19 16.25
CA ALA F 749 17.02 20.57 16.76
C ALA F 749 18.06 20.22 15.69
N GLN F 750 17.62 19.89 14.49
CA GLN F 750 18.50 19.40 13.43
C GLN F 750 19.80 20.20 13.29
N ASN F 751 20.92 19.47 13.17
CA ASN F 751 22.24 20.09 13.17
C ASN F 751 23.12 19.68 11.99
N PHE F 752 22.51 19.18 10.93
CA PHE F 752 23.27 18.83 9.73
C PHE F 752 23.50 20.07 8.88
N VAL F 753 24.58 20.09 8.12
CA VAL F 753 24.89 21.29 7.41
C VAL F 753 23.56 21.57 6.74
N GLY F 754 23.30 22.84 6.50
CA GLY F 754 22.14 23.30 5.78
C GLY F 754 20.79 23.37 6.47
N SER F 755 20.79 23.16 7.79
CA SER F 755 19.57 23.22 8.56
C SER F 755 19.46 24.52 9.34
N ASN F 756 19.90 24.50 10.61
CA ASN F 756 19.82 25.66 11.47
C ASN F 756 21.19 26.26 11.76
N ASN F 757 21.40 27.51 11.36
CA ASN F 757 22.65 28.20 11.68
C ASN F 757 22.95 28.15 13.18
N ILE F 758 21.89 28.19 13.98
CA ILE F 758 22.02 28.04 15.43
C ILE F 758 20.85 27.23 15.98
N TYR F 759 21.08 25.93 16.19
CA TYR F 759 20.01 25.07 16.70
C TYR F 759 19.75 25.34 18.17
N LEU F 760 18.56 25.84 18.46
CA LEU F 760 18.17 26.21 19.82
C LEU F 760 18.00 24.97 20.70
N LEU F 761 17.85 23.82 20.05
CA LEU F 761 17.79 22.55 20.76
C LEU F 761 18.91 21.62 20.29
N LEU F 762 19.37 20.76 21.18
CA LEU F 762 20.48 19.86 20.86
C LEU F 762 19.95 18.52 20.34
N PRO F 763 20.48 18.06 19.19
CA PRO F 763 20.05 16.81 18.57
C PRO F 763 20.73 15.60 19.24
N ASN F 764 20.20 15.18 20.38
CA ASN F 764 20.76 14.03 21.09
C ASN F 764 20.27 12.71 20.51
N GLY F 765 20.75 12.39 19.32
CA GLY F 765 20.35 11.17 18.64
C GLY F 765 20.28 11.34 17.14
N ALA F 766 19.62 10.39 16.47
CA ALA F 766 19.48 10.45 15.02
C ALA F 766 18.44 11.49 14.61
N PHE F 767 18.82 12.76 14.66
CA PHE F 767 17.94 13.85 14.27
C PHE F 767 18.04 14.12 12.77
N GLY F 768 18.32 13.08 12.00
CA GLY F 768 18.40 13.20 10.56
C GLY F 768 19.77 13.65 10.08
N THR F 769 20.03 13.45 8.80
CA THR F 769 21.31 13.83 8.22
C THR F 769 21.11 14.65 6.95
N ARG F 770 22.23 15.06 6.35
CA ARG F 770 22.22 15.85 5.13
C ARG F 770 21.87 14.97 3.93
N ALA F 771 21.83 13.66 4.15
CA ALA F 771 21.60 12.68 3.09
C ALA F 771 20.21 12.77 2.47
N THR F 772 19.22 13.15 3.28
CA THR F 772 17.84 13.29 2.83
C THR F 772 17.13 14.57 3.30
N GLY F 773 17.90 15.55 3.78
CA GLY F 773 17.34 16.75 4.37
C GLY F 773 16.60 16.64 5.69
N GLY F 774 17.04 15.70 6.52
CA GLY F 774 16.45 15.51 7.83
C GLY F 774 15.32 14.50 7.83
N LYS F 775 14.95 14.03 6.65
CA LYS F 775 13.87 13.06 6.50
C LYS F 775 14.27 11.70 7.06
N ASP F 776 15.56 11.40 7.14
CA ASP F 776 16.00 10.09 7.61
C ASP F 776 15.61 9.83 9.07
N ALA F 777 15.34 10.93 9.75
CA ALA F 777 15.45 11.14 11.19
C ALA F 777 14.74 9.92 11.78
N ALA F 778 15.01 9.66 13.06
CA ALA F 778 14.38 8.55 13.77
C ALA F 778 13.13 9.03 14.50
N ALA F 779 12.32 8.08 14.96
CA ALA F 779 11.05 8.35 15.66
C ALA F 779 11.25 8.97 17.05
N ALA F 780 10.23 9.70 17.50
CA ALA F 780 10.33 10.53 18.70
C ALA F 780 10.75 9.74 19.93
N ARG F 781 10.16 8.56 20.10
CA ARG F 781 10.54 7.64 21.17
C ARG F 781 12.03 7.34 21.11
N TYR F 782 12.69 7.66 19.99
CA TYR F 782 14.12 7.36 19.84
C TYR F 782 15.15 8.45 20.22
N ILE F 783 14.90 9.69 19.79
CA ILE F 783 15.84 10.79 19.99
C ILE F 783 15.46 11.61 21.22
N TYR F 784 16.47 12.26 21.81
CA TYR F 784 16.24 13.11 22.98
C TYR F 784 16.70 14.53 22.69
N THR F 785 16.28 15.47 23.53
CA THR F 785 16.68 16.87 23.34
C THR F 785 16.68 17.67 24.64
N GLU F 786 17.28 18.85 24.59
CA GLU F 786 17.36 19.75 25.71
C GLU F 786 17.64 21.16 25.19
N LEU F 787 17.81 22.11 26.10
CA LEU F 787 18.15 23.47 25.71
C LEU F 787 19.64 23.62 25.48
N ASN F 788 20.00 24.22 24.34
CA ASN F 788 21.39 24.56 24.08
C ASN F 788 21.82 25.66 25.05
N LYS F 789 23.01 25.52 25.61
CA LYS F 789 23.54 26.50 26.55
C LYS F 789 23.50 27.91 25.99
N LEU F 790 23.43 28.01 24.66
CA LEU F 790 23.45 29.31 23.98
C LEU F 790 22.06 29.92 23.83
N THR F 791 21.03 29.08 23.96
CA THR F 791 19.66 29.54 23.80
C THR F 791 19.27 30.63 24.79
N ARG F 792 19.58 30.39 26.07
CA ARG F 792 19.24 31.34 27.12
C ARG F 792 20.13 32.58 27.07
N LYS F 793 21.04 32.59 26.09
CA LYS F 793 21.90 33.75 25.87
C LYS F 793 21.28 34.63 24.78
N ILE F 794 20.53 34.00 23.89
CA ILE F 794 19.84 34.72 22.82
C ILE F 794 18.52 35.29 23.31
N PHE F 795 17.66 34.42 23.82
CA PHE F 795 16.40 34.84 24.42
C PHE F 795 16.62 35.07 25.91
N HIS F 796 17.05 36.27 26.27
CA HIS F 796 17.37 36.58 27.66
C HIS F 796 16.15 36.44 28.57
N PRO F 797 16.32 35.75 29.71
CA PRO F 797 15.25 35.52 30.68
C PRO F 797 14.68 36.83 31.21
N ALA F 798 15.53 37.83 31.39
CA ALA F 798 15.12 39.12 31.95
C ALA F 798 13.95 39.77 31.20
N ASP F 799 13.83 39.47 29.91
CA ASP F 799 12.80 40.09 29.07
C ASP F 799 11.46 39.38 29.16
N ASP F 800 11.45 38.20 29.78
CA ASP F 800 10.24 37.40 29.89
C ASP F 800 9.04 38.16 30.45
N PRO F 801 9.24 38.89 31.57
CA PRO F 801 8.12 39.62 32.17
C PRO F 801 7.53 40.68 31.23
N LEU F 802 8.29 41.06 30.21
CA LEU F 802 7.86 42.13 29.32
C LEU F 802 6.80 41.68 28.32
N TYR F 803 7.02 40.52 27.72
CA TYR F 803 6.16 40.02 26.66
C TYR F 803 4.69 39.93 27.09
N LYS F 804 3.79 40.14 26.14
CA LYS F 804 2.36 40.01 26.38
C LYS F 804 1.95 38.56 26.12
N TYR F 805 1.62 37.84 27.18
CA TYR F 805 1.31 36.42 27.10
C TYR F 805 -0.13 36.17 26.66
N ILE F 806 -0.29 35.37 25.61
CA ILE F 806 -1.60 35.07 25.05
C ILE F 806 -2.50 34.36 26.05
N GLN F 807 -3.74 34.82 26.17
CA GLN F 807 -4.73 34.19 27.04
C GLN F 807 -5.58 33.23 26.22
N GLU F 808 -5.42 31.94 26.44
CA GLU F 808 -6.16 30.93 25.69
C GLU F 808 -6.77 29.88 26.60
N ASP F 809 -8.07 29.63 26.42
CA ASP F 809 -8.79 28.63 27.21
C ASP F 809 -8.73 28.93 28.70
N GLU F 810 -9.04 30.18 29.07
CA GLU F 810 -9.08 30.59 30.47
C GLU F 810 -7.73 30.40 31.14
N LYS F 811 -6.69 30.22 30.33
CA LYS F 811 -5.36 29.90 30.83
C LYS F 811 -4.26 30.59 30.03
N THR F 812 -3.19 30.98 30.71
CA THR F 812 -2.07 31.68 30.08
C THR F 812 -1.13 30.72 29.34
N VAL F 813 -0.76 31.17 28.13
CA VAL F 813 0.00 30.44 27.12
C VAL F 813 1.10 31.37 26.61
N GLU F 814 1.88 30.89 25.65
CA GLU F 814 3.15 31.49 25.23
C GLU F 814 2.83 32.91 24.79
N PRO F 815 3.87 33.78 24.79
CA PRO F 815 3.71 35.18 24.41
C PRO F 815 3.34 35.33 22.95
N GLU F 816 2.90 36.51 22.55
CA GLU F 816 2.66 36.79 21.13
C GLU F 816 3.95 36.56 20.36
N TRP F 817 5.04 37.16 20.85
CA TRP F 817 6.36 36.96 20.26
C TRP F 817 7.47 37.20 21.29
N TYR F 818 8.55 36.46 21.16
CA TYR F 818 9.74 36.71 21.97
C TYR F 818 10.61 37.75 21.28
N LEU F 819 11.49 38.39 22.03
CA LEU F 819 12.35 39.43 21.47
C LEU F 819 13.82 39.15 21.77
N PRO F 820 14.45 38.31 20.94
CA PRO F 820 15.85 37.92 21.12
C PRO F 820 16.78 39.12 21.05
N ILE F 821 18.00 38.96 21.55
CA ILE F 821 18.98 40.06 21.55
C ILE F 821 19.50 40.34 20.14
N LEU F 822 19.18 39.44 19.21
CA LEU F 822 19.46 39.64 17.80
C LEU F 822 18.39 38.95 16.97
N PRO F 823 18.04 39.54 15.83
CA PRO F 823 16.95 38.95 15.09
C PRO F 823 17.41 37.55 14.80
N MET F 824 16.54 36.61 15.16
CA MET F 824 16.73 35.21 14.83
C MET F 824 16.21 34.85 13.44
N ILE F 825 15.18 35.56 13.00
CA ILE F 825 14.56 35.28 11.71
C ILE F 825 15.59 35.41 10.58
N LEU F 826 16.66 36.15 10.83
CA LEU F 826 17.72 36.30 9.85
C LEU F 826 18.83 35.29 10.10
N VAL F 827 18.91 34.79 11.33
CA VAL F 827 19.90 33.77 11.68
C VAL F 827 19.53 32.41 11.08
N ASN F 828 18.27 32.03 11.25
CA ASN F 828 17.80 30.73 10.75
C ASN F 828 16.97 30.84 9.47
N GLY F 829 16.33 31.99 9.27
CA GLY F 829 15.42 32.15 8.15
C GLY F 829 14.15 31.40 8.42
N ALA F 830 13.35 31.19 7.37
CA ALA F 830 12.13 30.40 7.47
C ALA F 830 11.65 29.96 6.09
N GLU F 831 10.81 28.92 6.07
CA GLU F 831 10.00 28.61 4.90
C GLU F 831 8.58 28.33 5.34
N GLY F 832 7.61 28.77 4.55
CA GLY F 832 6.22 28.58 4.90
C GLY F 832 5.23 28.82 3.77
N ILE F 833 4.22 27.95 3.71
CA ILE F 833 3.13 28.10 2.74
C ILE F 833 1.83 28.29 3.49
N GLY F 834 1.11 29.37 3.19
CA GLY F 834 -0.18 29.63 3.80
C GLY F 834 -1.26 29.81 2.75
N THR F 835 -2.17 30.75 3.01
CA THR F 835 -3.21 31.07 2.04
C THR F 835 -3.05 32.51 1.56
N GLY F 836 -2.88 32.67 0.25
CA GLY F 836 -2.65 33.97 -0.32
C GLY F 836 -1.19 34.39 -0.19
N TRP F 837 -0.59 34.10 0.96
CA TRP F 837 0.80 34.47 1.21
C TRP F 837 1.72 33.25 1.31
N SER F 838 2.96 33.43 0.86
CA SER F 838 4.00 32.42 1.01
C SER F 838 5.23 33.12 1.59
N THR F 839 6.25 32.34 1.99
CA THR F 839 7.46 32.95 2.53
C THR F 839 8.70 32.07 2.49
N TYR F 840 9.80 32.67 2.05
CA TYR F 840 11.12 32.06 2.14
C TYR F 840 12.18 33.10 2.51
N ILE F 841 12.90 32.84 3.59
CA ILE F 841 13.97 33.72 4.04
C ILE F 841 15.20 32.88 4.38
N PRO F 842 16.31 33.13 3.68
CA PRO F 842 17.53 32.34 3.84
C PRO F 842 18.26 32.71 5.12
N PRO F 843 19.09 31.79 5.63
CA PRO F 843 19.92 32.02 6.82
C PRO F 843 21.00 33.05 6.56
N PHE F 844 21.46 33.71 7.61
CA PHE F 844 22.54 34.69 7.50
C PHE F 844 23.55 34.50 8.63
N ASN F 845 24.77 34.96 8.40
CA ASN F 845 25.82 34.84 9.40
C ASN F 845 25.57 35.76 10.60
N PRO F 846 25.43 35.17 11.79
CA PRO F 846 25.17 35.91 13.02
C PRO F 846 26.14 37.08 13.21
N LEU F 847 27.42 36.83 12.95
CA LEU F 847 28.45 37.85 13.12
C LEU F 847 28.13 39.11 12.33
N GLU F 848 27.74 38.93 11.07
CA GLU F 848 27.34 40.04 10.22
C GLU F 848 26.21 40.82 10.91
N ILE F 849 25.18 40.08 11.31
CA ILE F 849 24.02 40.67 11.96
C ILE F 849 24.41 41.54 13.15
N ILE F 850 25.29 41.01 13.99
CA ILE F 850 25.78 41.77 15.15
C ILE F 850 26.54 43.01 14.71
N LYS F 851 27.35 42.86 13.66
CA LYS F 851 28.09 43.99 13.11
C LYS F 851 27.15 45.13 12.73
N ASN F 852 26.10 44.80 11.97
CA ASN F 852 25.12 45.81 11.58
C ASN F 852 24.34 46.37 12.76
N ILE F 853 24.04 45.53 13.75
CA ILE F 853 23.37 46.00 14.96
C ILE F 853 24.22 47.05 15.65
N ARG F 854 25.53 46.82 15.68
CA ARG F 854 26.48 47.81 16.19
C ARG F 854 26.41 49.07 15.34
N HIS F 855 26.43 48.90 14.03
CA HIS F 855 26.33 50.04 13.11
C HIS F 855 25.15 50.94 13.46
N LEU F 856 23.97 50.34 13.60
CA LEU F 856 22.77 51.09 13.97
C LEU F 856 22.93 51.71 15.35
N MET F 857 23.51 50.95 16.28
CA MET F 857 23.75 51.45 17.63
C MET F 857 24.61 52.71 17.59
N ASN F 858 25.39 52.87 16.52
CA ASN F 858 26.31 53.99 16.41
C ASN F 858 25.97 54.95 15.27
N ASP F 859 24.73 54.89 14.80
CA ASP F 859 24.28 55.76 13.70
C ASP F 859 25.21 55.65 12.49
N GLU F 860 25.66 54.43 12.21
CA GLU F 860 26.55 54.18 11.08
C GLU F 860 25.80 53.47 9.95
N GLU F 861 26.28 53.67 8.72
CA GLU F 861 25.67 53.03 7.56
C GLU F 861 25.82 51.51 7.63
N LEU F 862 24.75 50.81 7.32
CA LEU F 862 24.77 49.35 7.36
C LEU F 862 25.55 48.76 6.20
N GLU F 863 26.11 47.58 6.44
CA GLU F 863 26.71 46.79 5.37
C GLU F 863 25.63 45.90 4.78
N GLN F 864 25.78 45.51 3.52
CA GLN F 864 24.82 44.59 2.92
C GLN F 864 25.22 43.15 3.20
N MET F 865 24.23 42.31 3.51
CA MET F 865 24.49 40.93 3.90
C MET F 865 24.13 39.96 2.79
N HIS F 866 24.65 38.74 2.89
CA HIS F 866 24.38 37.70 1.91
C HIS F 866 24.15 36.38 2.61
N PRO F 867 23.30 35.51 2.03
CA PRO F 867 22.99 34.20 2.62
C PRO F 867 24.23 33.48 3.11
N TRP F 868 24.17 32.96 4.33
CA TRP F 868 25.30 32.24 4.92
C TRP F 868 24.80 31.00 5.67
N PHE F 869 25.47 29.87 5.45
CA PHE F 869 25.08 28.62 6.07
C PHE F 869 26.18 28.08 6.98
N ARG F 870 25.76 27.54 8.13
CA ARG F 870 26.71 27.00 9.10
C ARG F 870 27.44 25.79 8.54
N GLY F 871 28.76 25.79 8.64
CA GLY F 871 29.56 24.66 8.23
C GLY F 871 29.54 24.37 6.74
N TRP F 872 28.96 25.28 5.96
CA TRP F 872 28.91 25.11 4.50
C TRP F 872 30.18 25.63 3.86
N THR F 873 30.70 24.88 2.89
CA THR F 873 31.98 25.21 2.28
C THR F 873 31.85 25.53 0.79
N GLY F 874 30.75 26.15 0.41
CA GLY F 874 30.53 26.52 -0.97
C GLY F 874 30.73 28.00 -1.22
N THR F 875 30.27 28.47 -2.38
CA THR F 875 30.39 29.89 -2.71
C THR F 875 29.06 30.47 -3.16
N ILE F 876 28.83 31.75 -2.83
CA ILE F 876 27.60 32.43 -3.22
C ILE F 876 27.92 33.77 -3.87
N GLU F 877 27.36 34.02 -5.04
CA GLU F 877 27.56 35.29 -5.73
C GLU F 877 26.24 35.98 -6.04
N GLU F 878 26.16 37.25 -5.69
CA GLU F 878 24.97 38.04 -5.98
C GLU F 878 24.89 38.33 -7.48
N ILE F 879 23.69 38.19 -8.04
CA ILE F 879 23.46 38.51 -9.45
C ILE F 879 22.60 39.75 -9.70
N GLU F 880 21.58 39.91 -8.87
CA GLU F 880 20.72 41.08 -8.91
C GLU F 880 20.36 41.28 -7.44
N PRO F 881 20.10 42.53 -7.04
CA PRO F 881 19.60 42.73 -5.68
C PRO F 881 18.42 41.81 -5.42
N LEU F 882 18.50 40.99 -4.37
CA LEU F 882 17.47 40.02 -4.04
C LEU F 882 17.55 38.78 -4.94
N ARG F 883 18.76 38.29 -5.18
CA ARG F 883 18.98 37.16 -6.06
C ARG F 883 20.38 36.70 -5.70
N TYR F 884 20.58 35.39 -5.72
CA TYR F 884 21.93 34.85 -5.59
C TYR F 884 22.10 33.49 -6.28
N ARG F 885 23.33 33.19 -6.67
CA ARG F 885 23.67 31.85 -7.13
C ARG F 885 24.50 31.14 -6.06
N MET F 886 24.35 29.82 -6.00
CA MET F 886 24.99 29.02 -4.96
C MET F 886 25.65 27.81 -5.59
N TYR F 887 26.98 27.77 -5.51
CA TYR F 887 27.76 26.72 -6.16
C TYR F 887 28.35 25.74 -5.15
N GLY F 888 28.34 24.47 -5.51
CA GLY F 888 29.05 23.47 -4.74
C GLY F 888 30.52 23.55 -5.10
N ARG F 889 31.18 22.39 -5.18
CA ARG F 889 32.57 22.37 -5.64
C ARG F 889 32.89 21.09 -6.39
N ILE F 890 33.22 21.25 -7.67
CA ILE F 890 33.70 20.12 -8.47
C ILE F 890 35.12 20.39 -8.95
N GLU F 891 35.95 19.36 -8.88
CA GLU F 891 37.38 19.51 -9.16
C GLU F 891 37.85 18.33 -10.00
N GLN F 892 38.86 18.55 -10.84
CA GLN F 892 39.40 17.46 -11.63
C GLN F 892 40.66 16.90 -10.98
N ILE F 893 40.61 15.64 -10.57
CA ILE F 893 41.68 15.05 -9.78
C ILE F 893 42.49 14.01 -10.56
N GLY F 894 42.19 13.88 -11.85
CA GLY F 894 42.91 12.95 -12.69
C GLY F 894 42.39 12.94 -14.12
N ASP F 895 43.11 12.23 -14.99
CA ASP F 895 42.70 12.11 -16.39
C ASP F 895 41.37 11.37 -16.50
N ASN F 896 40.33 12.12 -16.84
CA ASN F 896 38.99 11.55 -16.99
C ASN F 896 38.32 11.23 -15.65
N VAL F 897 38.71 11.95 -14.61
CA VAL F 897 38.14 11.74 -13.28
C VAL F 897 37.82 13.04 -12.57
N LEU F 898 36.56 13.19 -12.15
CA LEU F 898 36.12 14.35 -11.42
C LEU F 898 35.77 14.00 -9.97
N GLU F 899 35.68 15.02 -9.13
CA GLU F 899 35.42 14.85 -7.71
C GLU F 899 34.58 15.99 -7.17
N ILE F 900 33.43 15.65 -6.62
CA ILE F 900 32.54 16.65 -6.02
C ILE F 900 32.73 16.66 -4.50
N THR F 901 33.26 17.76 -3.99
CA THR F 901 33.54 17.88 -2.56
C THR F 901 32.47 18.68 -1.82
N GLU F 902 31.65 19.39 -2.58
CA GLU F 902 30.59 20.20 -1.98
C GLU F 902 29.40 20.37 -2.91
N LEU F 903 28.21 20.41 -2.32
CA LEU F 903 26.98 20.65 -3.06
C LEU F 903 26.38 21.96 -2.59
N PRO F 904 25.52 22.57 -3.43
CA PRO F 904 24.81 23.77 -2.99
C PRO F 904 24.01 23.47 -1.73
N ALA F 905 24.02 24.37 -0.76
CA ALA F 905 23.28 24.15 0.48
C ALA F 905 21.83 23.75 0.19
N ARG F 906 21.27 22.90 1.04
CA ARG F 906 19.91 22.41 0.87
C ARG F 906 19.76 21.44 -0.30
N THR F 907 20.87 21.11 -0.95
CA THR F 907 20.87 20.09 -1.99
C THR F 907 21.36 18.75 -1.42
N TRP F 908 20.41 17.88 -1.13
CA TRP F 908 20.68 16.66 -0.38
C TRP F 908 21.52 15.65 -1.17
N THR F 909 22.26 14.82 -0.44
CA THR F 909 23.19 13.88 -1.03
C THR F 909 22.49 12.80 -1.86
N SER F 910 21.29 12.41 -1.43
CA SER F 910 20.55 11.35 -2.12
C SER F 910 20.06 11.80 -3.49
N THR F 911 19.81 13.10 -3.65
CA THR F 911 19.38 13.64 -4.93
C THR F 911 20.50 13.49 -5.96
N ILE F 912 21.66 14.03 -5.63
CA ILE F 912 22.84 13.91 -6.50
C ILE F 912 23.21 12.45 -6.68
N LYS F 913 22.91 11.63 -5.68
CA LYS F 913 23.18 10.20 -5.75
C LYS F 913 22.33 9.53 -6.82
N GLU F 914 21.03 9.77 -6.77
CA GLU F 914 20.11 9.24 -7.77
C GLU F 914 20.49 9.77 -9.14
N TYR F 915 20.87 11.04 -9.20
CA TYR F 915 21.29 11.66 -10.45
C TYR F 915 22.48 10.92 -11.05
N LEU F 916 23.50 10.68 -10.23
CA LEU F 916 24.71 9.98 -10.70
C LEU F 916 24.44 8.52 -11.04
N LEU F 917 23.51 7.90 -10.32
CA LEU F 917 23.13 6.52 -10.62
C LEU F 917 22.44 6.45 -11.97
N LEU F 918 21.61 7.45 -12.25
CA LEU F 918 20.93 7.54 -13.53
C LEU F 918 21.95 7.77 -14.64
N GLY F 919 22.93 8.62 -14.37
CA GLY F 919 23.99 8.88 -15.32
C GLY F 919 24.89 7.69 -15.53
N LEU F 920 24.90 6.78 -14.57
CA LEU F 920 25.77 5.60 -14.61
C LEU F 920 25.11 4.43 -15.33
N SER F 921 23.84 4.18 -15.02
CA SER F 921 23.14 3.01 -15.57
C SER F 921 22.20 3.37 -16.72
N GLY F 922 22.32 4.60 -17.21
CA GLY F 922 21.49 5.05 -18.32
C GLY F 922 20.02 5.05 -17.98
N ASN F 923 19.17 5.33 -18.97
CA ASN F 923 17.73 5.41 -18.75
C ASN F 923 16.93 5.16 -20.03
N ASP F 924 15.63 4.91 -19.87
CA ASP F 924 14.73 4.67 -20.99
C ASP F 924 14.69 5.86 -21.93
N LYS F 925 14.90 7.05 -21.39
CA LYS F 925 14.79 8.29 -22.15
C LYS F 925 16.13 8.97 -22.38
N ILE F 926 17.16 8.53 -21.66
CA ILE F 926 18.48 9.13 -21.78
C ILE F 926 19.59 8.08 -21.75
N LYS F 927 20.60 8.26 -22.59
CA LYS F 927 21.73 7.33 -22.66
C LYS F 927 22.70 7.57 -21.51
N PRO F 928 23.35 6.50 -21.03
CA PRO F 928 24.34 6.60 -19.95
C PRO F 928 25.55 7.43 -20.37
N TRP F 929 25.98 8.33 -19.49
CA TRP F 929 27.08 9.24 -19.80
C TRP F 929 28.17 9.17 -18.74
N ILE F 930 28.02 8.27 -17.78
CA ILE F 930 29.00 8.10 -16.71
C ILE F 930 29.55 6.69 -16.70
N LYS F 931 30.87 6.56 -16.72
CA LYS F 931 31.52 5.26 -16.74
C LYS F 931 31.51 4.60 -15.36
N ASP F 932 31.81 5.36 -14.32
CA ASP F 932 31.81 4.83 -12.96
C ASP F 932 31.56 5.91 -11.91
N MET F 933 31.09 5.49 -10.74
CA MET F 933 30.82 6.41 -9.65
C MET F 933 31.01 5.74 -8.29
N GLU F 934 31.66 6.44 -7.37
CA GLU F 934 31.88 5.94 -6.02
C GLU F 934 31.63 7.04 -4.98
N GLU F 935 31.12 6.63 -3.83
CA GLU F 935 30.89 7.56 -2.72
C GLU F 935 31.97 7.37 -1.65
N GLN F 936 32.59 8.48 -1.27
CA GLN F 936 33.56 8.50 -0.18
C GLN F 936 33.28 9.69 0.71
N HIS F 937 32.18 9.64 1.47
CA HIS F 937 31.78 10.78 2.28
C HIS F 937 32.26 10.52 3.70
N ASP F 938 33.02 11.47 4.25
CA ASP F 938 33.40 11.46 5.66
C ASP F 938 32.43 12.34 6.43
N ASP F 939 32.96 13.39 7.04
CA ASP F 939 32.11 14.46 7.56
C ASP F 939 32.02 15.53 6.48
N ASN F 940 32.17 15.08 5.24
CA ASN F 940 32.16 15.95 4.07
C ASN F 940 31.67 15.20 2.84
N ILE F 941 31.32 15.93 1.79
CA ILE F 941 30.84 15.33 0.56
C ILE F 941 32.01 14.96 -0.35
N LYS F 942 32.03 13.69 -0.71
CA LYS F 942 32.95 13.19 -1.69
C LYS F 942 32.15 12.36 -2.68
N PHE F 943 32.17 12.81 -3.92
CA PHE F 943 31.78 11.98 -5.06
C PHE F 943 32.93 11.79 -6.03
N ILE F 944 33.33 10.55 -6.24
CA ILE F 944 34.37 10.25 -7.22
C ILE F 944 33.74 9.72 -8.50
N ILE F 945 33.93 10.45 -9.59
CA ILE F 945 33.26 10.12 -10.85
C ILE F 945 34.26 9.89 -11.98
N THR F 946 34.02 8.83 -12.76
CA THR F 946 34.87 8.53 -13.90
C THR F 946 34.07 8.52 -15.20
N LEU F 947 34.41 9.45 -16.09
CA LEU F 947 33.74 9.55 -17.38
C LEU F 947 34.65 9.03 -18.48
N SER F 948 34.04 8.72 -19.63
CA SER F 948 34.80 8.43 -20.83
C SER F 948 35.21 9.76 -21.45
N PRO F 949 36.40 9.82 -22.05
CA PRO F 949 36.94 11.07 -22.63
C PRO F 949 35.89 11.87 -23.40
N GLU F 950 35.10 11.18 -24.22
CA GLU F 950 34.02 11.81 -24.95
C GLU F 950 33.16 12.64 -24.01
N GLU F 951 32.70 12.01 -22.92
CA GLU F 951 31.87 12.69 -21.93
C GLU F 951 32.62 13.81 -21.23
N MET F 952 33.95 13.72 -21.22
CA MET F 952 34.77 14.80 -20.68
C MET F 952 34.66 16.03 -21.56
N ALA F 953 34.87 15.85 -22.86
CA ALA F 953 34.74 16.96 -23.81
C ALA F 953 33.32 17.54 -23.77
N LYS F 954 32.35 16.65 -23.90
CA LYS F 954 30.94 17.05 -23.88
C LYS F 954 30.61 17.86 -22.62
N THR F 955 31.06 17.36 -21.47
CA THR F 955 30.83 18.02 -20.20
C THR F 955 31.53 19.38 -20.15
N ARG F 956 32.69 19.47 -20.79
CA ARG F 956 33.38 20.75 -20.90
C ARG F 956 32.53 21.72 -21.70
N LYS F 957 31.83 21.20 -22.70
CA LYS F 957 30.98 22.05 -23.53
C LYS F 957 29.75 22.51 -22.76
N ILE F 958 29.20 21.62 -21.93
CA ILE F 958 28.01 21.94 -21.15
C ILE F 958 28.34 22.77 -19.91
N GLY F 959 29.53 22.57 -19.37
CA GLY F 959 29.94 23.23 -18.14
C GLY F 959 29.86 22.28 -16.97
N PHE F 960 30.97 22.13 -16.24
CA PHE F 960 31.06 21.17 -15.15
C PHE F 960 29.97 21.35 -14.09
N TYR F 961 29.81 22.58 -13.60
CA TYR F 961 28.82 22.85 -12.56
C TYR F 961 27.39 22.82 -13.11
N GLU F 962 27.24 23.12 -14.40
CA GLU F 962 25.94 23.15 -15.02
C GLU F 962 25.39 21.76 -15.32
N ARG F 963 26.29 20.80 -15.54
CA ARG F 963 25.89 19.44 -15.87
C ARG F 963 25.77 18.53 -14.65
N PHE F 964 26.54 18.83 -13.62
CA PHE F 964 26.51 18.05 -12.39
C PHE F 964 25.58 18.65 -11.34
N LYS F 965 24.66 19.50 -11.80
CA LYS F 965 23.64 20.09 -10.93
C LYS F 965 24.25 20.74 -9.69
N LEU F 966 25.35 21.46 -9.87
CA LEU F 966 26.02 22.10 -8.75
C LEU F 966 25.78 23.61 -8.70
N ILE F 967 24.56 24.00 -9.07
CA ILE F 967 24.18 25.42 -9.04
C ILE F 967 22.74 25.56 -8.59
N SER F 968 22.51 26.41 -7.59
CA SER F 968 21.17 26.60 -7.04
C SER F 968 20.85 28.07 -6.79
N PRO F 969 19.64 28.51 -7.14
CA PRO F 969 19.25 29.91 -6.99
C PRO F 969 18.66 30.22 -5.61
N ILE F 970 19.00 31.38 -5.08
CA ILE F 970 18.41 31.87 -3.83
C ILE F 970 17.65 33.16 -4.09
N SER F 971 16.36 33.15 -3.75
CA SER F 971 15.49 34.28 -4.05
C SER F 971 15.01 34.99 -2.79
N LEU F 972 15.40 36.25 -2.64
CA LEU F 972 14.97 37.06 -1.50
C LEU F 972 13.73 37.86 -1.87
N MET F 973 13.21 37.59 -3.06
CA MET F 973 12.06 38.32 -3.57
C MET F 973 10.78 37.97 -2.82
N ASN F 974 10.82 36.89 -2.05
CA ASN F 974 9.64 36.48 -1.32
C ASN F 974 10.06 36.35 0.13
N MET F 975 10.10 37.49 0.81
CA MET F 975 10.40 37.53 2.24
C MET F 975 9.19 38.11 2.95
N VAL F 976 8.33 37.23 3.48
CA VAL F 976 7.10 37.66 4.13
C VAL F 976 7.07 37.23 5.59
N ALA F 977 6.70 38.15 6.47
CA ALA F 977 6.59 37.86 7.89
C ALA F 977 5.63 38.81 8.61
N PHE F 978 5.12 38.37 9.76
CA PHE F 978 4.23 39.19 10.56
C PHE F 978 5.02 40.28 11.29
N ASP F 979 4.73 41.54 10.97
CA ASP F 979 5.37 42.67 11.65
C ASP F 979 5.04 42.64 13.13
N PRO F 980 5.67 43.52 13.92
CA PRO F 980 5.39 43.57 15.36
C PRO F 980 3.90 43.65 15.68
N HIS F 981 3.12 44.28 14.81
CA HIS F 981 1.70 44.47 15.06
C HIS F 981 0.83 43.35 14.48
N GLY F 982 1.46 42.21 14.19
CA GLY F 982 0.75 41.05 13.69
C GLY F 982 0.11 41.25 12.33
N LYS F 983 0.59 42.25 11.60
CA LYS F 983 0.11 42.51 10.25
C LYS F 983 1.08 41.98 9.22
N ILE F 984 0.66 40.95 8.49
CA ILE F 984 1.51 40.32 7.49
C ILE F 984 2.16 41.36 6.59
N LYS F 985 3.47 41.22 6.37
CA LYS F 985 4.24 42.24 5.67
C LYS F 985 5.32 41.61 4.79
N LYS F 986 5.48 42.15 3.59
CA LYS F 986 6.52 41.69 2.68
C LYS F 986 7.70 42.65 2.70
N TYR F 987 8.85 42.17 3.15
CA TYR F 987 10.05 43.01 3.24
C TYR F 987 10.83 43.01 1.94
N ASN F 988 11.30 44.19 1.54
CA ASN F 988 11.99 44.35 0.26
C ASN F 988 13.50 44.24 0.38
N SER F 989 14.01 44.31 1.60
CA SER F 989 15.44 44.18 1.84
C SER F 989 15.71 43.56 3.21
N VAL F 990 16.82 42.83 3.32
CA VAL F 990 17.21 42.20 4.58
C VAL F 990 17.37 43.24 5.68
N ASN F 991 18.00 44.36 5.33
CA ASN F 991 18.27 45.42 6.29
C ASN F 991 17.01 46.11 6.79
N GLU F 992 15.93 46.06 5.99
CA GLU F 992 14.64 46.56 6.43
C GLU F 992 14.17 45.75 7.62
N ILE F 993 14.15 44.43 7.44
CA ILE F 993 13.86 43.49 8.51
C ILE F 993 14.72 43.82 9.72
N LEU F 994 16.03 43.77 9.52
CA LEU F 994 16.97 43.99 10.61
C LEU F 994 16.66 45.26 11.40
N SER F 995 16.36 46.34 10.68
CA SER F 995 16.06 47.62 11.32
C SER F 995 14.77 47.56 12.14
N GLU F 996 13.70 47.12 11.49
CA GLU F 996 12.40 47.04 12.15
C GLU F 996 12.48 46.18 13.41
N PHE F 997 13.41 45.23 13.42
CA PHE F 997 13.71 44.50 14.64
C PHE F 997 14.43 45.40 15.64
N TYR F 998 15.53 45.98 15.17
CA TYR F 998 16.41 46.80 15.99
C TYR F 998 15.63 47.77 16.87
N TYR F 999 14.76 48.57 16.25
CA TYR F 999 14.06 49.61 17.01
C TYR F 999 13.19 49.06 18.16
N VAL F 1000 12.28 48.15 17.83
CA VAL F 1000 11.47 47.48 18.85
C VAL F 1000 12.34 46.94 19.96
N ARG F 1001 13.42 46.25 19.58
CA ARG F 1001 14.34 45.70 20.57
C ARG F 1001 14.83 46.79 21.52
N LEU F 1002 15.38 47.87 20.97
CA LEU F 1002 15.86 48.98 21.78
C LEU F 1002 14.80 49.41 22.79
N GLU F 1003 13.61 49.71 22.27
CA GLU F 1003 12.51 50.12 23.13
C GLU F 1003 12.31 49.13 24.28
N TYR F 1004 12.40 47.84 23.97
CA TYR F 1004 12.18 46.82 25.00
C TYR F 1004 13.39 46.62 25.92
N TYR F 1005 14.52 47.21 25.55
CA TYR F 1005 15.67 47.25 26.46
C TYR F 1005 15.47 48.36 27.46
N GLN F 1006 15.01 49.53 26.99
CA GLN F 1006 14.63 50.58 27.93
C GLN F 1006 13.56 50.06 28.88
N LYS F 1007 12.51 49.48 28.29
CA LYS F 1007 11.41 48.90 29.05
C LYS F 1007 11.91 47.89 30.07
N ARG F 1008 12.76 46.97 29.61
CA ARG F 1008 13.35 45.96 30.47
C ARG F 1008 14.05 46.59 31.68
N LYS F 1009 14.98 47.50 31.40
CA LYS F 1009 15.68 48.19 32.47
C LYS F 1009 14.70 48.81 33.48
N ASP F 1010 13.69 49.50 32.97
CA ASP F 1010 12.71 50.13 33.85
C ASP F 1010 12.02 49.10 34.77
N HIS F 1011 11.49 48.04 34.18
CA HIS F 1011 10.83 46.99 34.96
C HIS F 1011 11.75 46.43 36.04
N MET F 1012 12.96 46.04 35.62
CA MET F 1012 13.93 45.49 36.56
C MET F 1012 14.15 46.46 37.72
N SER F 1013 14.24 47.75 37.39
CA SER F 1013 14.34 48.80 38.39
C SER F 1013 13.20 48.72 39.40
N GLU F 1014 11.97 48.81 38.90
CA GLU F 1014 10.80 48.78 39.78
C GLU F 1014 10.81 47.55 40.69
N ARG F 1015 10.84 46.37 40.07
CA ARG F 1015 10.92 45.10 40.78
C ARG F 1015 11.97 45.17 41.90
N LEU F 1016 13.17 45.61 41.54
CA LEU F 1016 14.27 45.69 42.50
C LEU F 1016 13.93 46.58 43.68
N GLN F 1017 13.41 47.77 43.42
CA GLN F 1017 13.00 48.68 44.48
C GLN F 1017 12.01 47.97 45.42
N TRP F 1018 11.03 47.31 44.83
CA TRP F 1018 10.05 46.55 45.60
C TRP F 1018 10.73 45.54 46.51
N GLU F 1019 11.69 44.80 45.95
CA GLU F 1019 12.45 43.82 46.73
C GLU F 1019 13.16 44.49 47.90
N VAL F 1020 13.83 45.61 47.64
CA VAL F 1020 14.56 46.34 48.67
C VAL F 1020 13.63 46.72 49.81
N GLU F 1021 12.45 47.21 49.46
CA GLU F 1021 11.46 47.56 50.47
C GLU F 1021 11.05 46.33 51.28
N LYS F 1022 10.77 45.23 50.58
CA LYS F 1022 10.40 43.98 51.23
C LYS F 1022 11.43 43.56 52.27
N TYR F 1023 12.66 43.35 51.80
CA TYR F 1023 13.79 43.02 52.68
C TYR F 1023 13.85 43.97 53.87
N SER F 1024 13.92 45.26 53.57
CA SER F 1024 14.00 46.30 54.59
C SER F 1024 12.97 46.11 55.69
N PHE F 1025 11.71 45.89 55.30
CA PHE F 1025 10.65 45.73 56.28
C PHE F 1025 10.72 44.41 57.04
N GLN F 1026 11.21 43.37 56.39
CA GLN F 1026 11.48 42.12 57.08
C GLN F 1026 12.52 42.35 58.19
N VAL F 1027 13.54 43.13 57.87
CA VAL F 1027 14.59 43.46 58.82
C VAL F 1027 14.04 44.29 59.97
N LYS F 1028 13.23 45.29 59.65
CA LYS F 1028 12.60 46.10 60.67
C LYS F 1028 11.77 45.21 61.59
N PHE F 1029 11.10 44.22 61.00
CA PHE F 1029 10.29 43.22 61.73
C PHE F 1029 11.01 42.22 62.67
N ILE F 1030 12.12 41.63 62.21
CA ILE F 1030 12.97 40.81 63.05
C ILE F 1030 13.66 41.65 64.13
N LYS F 1031 14.09 42.84 63.74
CA LYS F 1031 14.77 43.76 64.64
C LYS F 1031 13.84 44.20 65.76
N MET F 1032 12.64 44.64 65.41
CA MET F 1032 11.66 45.07 66.39
C MET F 1032 11.25 43.93 67.31
N ILE F 1033 11.40 42.69 66.84
CA ILE F 1033 11.09 41.53 67.66
C ILE F 1033 12.25 41.21 68.62
N ILE F 1034 13.48 41.39 68.14
CA ILE F 1034 14.67 41.16 68.95
C ILE F 1034 14.76 42.18 70.10
N GLU F 1035 14.67 43.45 69.76
CA GLU F 1035 14.67 44.53 70.75
C GLU F 1035 13.46 44.41 71.68
N LYS F 1036 12.59 43.43 71.42
CA LYS F 1036 11.41 43.19 72.24
C LYS F 1036 10.37 44.30 72.13
N GLU F 1037 10.49 45.12 71.07
CA GLU F 1037 9.53 46.19 70.83
C GLU F 1037 8.23 45.64 70.23
N LEU F 1038 8.32 44.44 69.65
CA LEU F 1038 7.16 43.80 69.03
C LEU F 1038 7.05 42.34 69.45
N THR F 1039 5.87 41.94 69.92
CA THR F 1039 5.65 40.57 70.37
C THR F 1039 4.52 39.91 69.59
N VAL F 1040 4.82 38.73 69.03
CA VAL F 1040 3.84 37.99 68.24
C VAL F 1040 3.34 36.78 69.01
N THR F 1041 4.11 36.37 70.01
CA THR F 1041 3.73 35.24 70.86
C THR F 1041 2.34 35.46 71.45
N ASN F 1042 1.41 34.56 71.12
CA ASN F 1042 -0.01 34.76 71.41
C ASN F 1042 -0.58 35.92 70.61
N LYS F 1043 -1.53 36.68 71.18
CA LYS F 1043 -2.09 37.90 70.51
C LYS F 1043 -2.84 37.80 69.14
N PRO F 1044 -4.13 37.47 69.13
CA PRO F 1044 -4.77 36.88 67.94
C PRO F 1044 -4.58 37.69 66.64
N ARG F 1045 -4.32 36.96 65.54
CA ARG F 1045 -3.69 37.50 64.35
C ARG F 1045 -4.24 38.88 63.99
N ASN F 1046 -5.50 39.12 64.32
CA ASN F 1046 -6.11 40.42 64.06
C ASN F 1046 -5.36 41.53 64.77
N ALA F 1047 -5.20 41.37 66.08
CA ALA F 1047 -4.50 42.35 66.92
C ALA F 1047 -3.06 42.57 66.44
N ILE F 1048 -2.49 41.55 65.81
CA ILE F 1048 -1.14 41.65 65.28
C ILE F 1048 -1.14 42.48 64.00
N ILE F 1049 -2.04 42.15 63.09
CA ILE F 1049 -2.21 42.90 61.86
C ILE F 1049 -2.36 44.38 62.17
N GLN F 1050 -3.25 44.70 63.09
CA GLN F 1050 -3.45 46.09 63.49
C GLN F 1050 -2.15 46.76 63.88
N GLU F 1051 -1.38 46.13 64.76
CA GLU F 1051 -0.09 46.66 65.16
C GLU F 1051 0.79 46.91 63.94
N LEU F 1052 0.87 45.90 63.07
CA LEU F 1052 1.72 45.99 61.88
C LEU F 1052 1.38 47.20 61.01
N GLU F 1053 0.09 47.37 60.69
CA GLU F 1053 -0.32 48.50 59.85
C GLU F 1053 -0.32 49.83 60.62
N ASN F 1054 -0.19 49.75 61.94
CA ASN F 1054 -0.06 50.95 62.75
C ASN F 1054 1.40 51.33 63.00
N LEU F 1055 2.30 50.48 62.53
CA LEU F 1055 3.73 50.76 62.63
C LEU F 1055 4.29 51.23 61.29
N GLY F 1056 3.44 51.21 60.27
CA GLY F 1056 3.81 51.68 58.94
C GLY F 1056 4.12 50.56 57.98
N PHE F 1057 4.20 49.33 58.49
CA PHE F 1057 4.47 48.18 57.65
C PHE F 1057 3.51 48.10 56.47
N PRO F 1058 4.05 48.03 55.25
CA PRO F 1058 3.24 47.87 54.05
C PRO F 1058 2.90 46.40 53.79
N ARG F 1059 1.83 46.16 53.05
CA ARG F 1059 1.46 44.81 52.69
C ARG F 1059 2.12 44.42 51.38
N PHE F 1060 2.13 43.12 51.09
CA PHE F 1060 2.74 42.63 49.87
C PHE F 1060 1.90 41.51 49.25
N ASN F 1061 1.57 41.67 47.97
CA ASN F 1061 0.84 40.63 47.24
C ASN F 1061 1.80 39.57 46.70
N LYS F 1062 1.27 38.60 45.97
CA LYS F 1062 2.09 37.49 45.47
C LYS F 1062 3.20 37.93 44.51
N GLU F 1063 2.90 38.88 43.63
CA GLU F 1063 3.91 39.38 42.70
C GLU F 1063 5.12 39.89 43.45
N GLY F 1064 4.88 40.79 44.41
CA GLY F 1064 5.94 41.41 45.17
C GLY F 1064 5.72 42.90 45.30
N LYS F 1065 4.57 43.35 44.81
CA LYS F 1065 4.20 44.77 44.87
C LYS F 1065 3.68 45.14 46.25
N PRO F 1066 4.15 46.26 46.79
CA PRO F 1066 3.77 46.75 48.12
C PRO F 1066 2.40 47.44 48.11
N TYR F 1067 1.91 47.76 49.30
CA TYR F 1067 0.68 48.53 49.46
C TYR F 1067 0.76 49.31 50.76
N TYR F 1068 0.43 50.61 50.69
CA TYR F 1068 0.46 51.47 51.87
C TYR F 1068 -0.87 52.17 52.07
N GLY F 1069 -1.87 51.80 51.27
CA GLY F 1069 -3.19 52.38 51.37
C GLY F 1069 -3.84 52.12 52.71
N SER F 1070 -3.68 50.90 53.20
CA SER F 1070 -4.26 50.52 54.49
C SER F 1070 -5.67 49.93 54.30
N GLU F 1107 -6.82 39.44 49.95
CA GLU F 1107 -7.07 39.57 48.52
C GLU F 1107 -5.78 39.92 47.77
N GLU F 1108 -5.73 39.57 46.50
CA GLU F 1108 -4.54 39.81 45.69
C GLU F 1108 -4.32 41.30 45.42
N LEU F 1109 -5.39 42.08 45.54
CA LEU F 1109 -5.33 43.50 45.24
C LEU F 1109 -4.57 44.30 46.30
N TYR F 1110 -4.72 43.91 47.57
CA TYR F 1110 -4.17 44.69 48.68
C TYR F 1110 -2.94 44.06 49.33
N GLY F 1111 -2.68 42.78 49.04
CA GLY F 1111 -1.54 42.10 49.60
C GLY F 1111 -1.72 41.78 51.07
N THR F 1112 -0.87 40.89 51.59
CA THR F 1112 -0.98 40.45 52.98
C THR F 1112 0.33 40.64 53.73
N TYR F 1113 0.30 40.44 55.04
CA TYR F 1113 1.50 40.47 55.85
C TYR F 1113 2.26 39.14 55.85
N GLU F 1114 1.88 38.26 54.94
CA GLU F 1114 2.53 36.96 54.82
C GLU F 1114 4.05 37.01 54.66
N TYR F 1115 4.54 38.12 54.13
CA TYR F 1115 5.98 38.27 53.90
C TYR F 1115 6.74 38.44 55.22
N LEU F 1116 6.00 38.62 56.31
CA LEU F 1116 6.61 38.79 57.65
C LEU F 1116 6.26 37.82 58.80
N LEU F 1117 5.09 37.19 58.74
CA LEU F 1117 4.69 36.18 59.71
C LEU F 1117 4.96 34.84 59.03
N GLY F 1118 5.02 34.86 57.69
CA GLY F 1118 5.26 33.64 56.93
C GLY F 1118 6.66 33.10 57.08
N MET F 1119 7.62 34.00 57.32
CA MET F 1119 9.03 33.62 57.33
C MET F 1119 9.35 32.58 58.39
N ARG F 1120 10.22 31.64 58.03
CA ARG F 1120 10.56 30.50 58.86
C ARG F 1120 11.13 31.01 60.18
N ILE F 1121 10.77 30.36 61.28
CA ILE F 1121 11.28 30.76 62.60
C ILE F 1121 12.80 30.91 62.58
N TRP F 1122 13.44 30.16 61.70
CA TRP F 1122 14.89 30.28 61.50
C TRP F 1122 15.32 31.72 61.39
N SER F 1123 14.53 32.57 60.76
CA SER F 1123 15.01 33.89 60.43
C SER F 1123 15.42 34.58 61.73
N LEU F 1124 14.79 34.17 62.82
CA LEU F 1124 14.87 34.88 64.09
C LEU F 1124 16.15 34.54 64.82
N THR F 1125 16.99 33.75 64.18
CA THR F 1125 18.32 33.44 64.70
C THR F 1125 19.34 34.39 64.08
N LYS F 1126 20.22 34.95 64.91
CA LYS F 1126 21.16 35.98 64.48
C LYS F 1126 21.80 35.72 63.11
N GLU F 1127 22.09 34.45 62.83
CA GLU F 1127 22.74 34.07 61.59
C GLU F 1127 21.84 34.39 60.39
N ARG F 1128 20.59 33.92 60.46
CA ARG F 1128 19.59 34.23 59.44
C ARG F 1128 19.39 35.73 59.28
N TYR F 1129 19.42 36.43 60.40
CA TYR F 1129 19.29 37.88 60.41
C TYR F 1129 20.40 38.51 59.58
N GLN F 1130 21.63 38.07 59.83
CA GLN F 1130 22.79 38.58 59.11
C GLN F 1130 22.68 38.27 57.62
N LYS F 1131 22.29 37.05 57.29
CA LYS F 1131 22.10 36.67 55.90
C LYS F 1131 21.11 37.62 55.23
N LEU F 1132 20.01 37.87 55.92
CA LEU F 1132 19.00 38.82 55.45
C LEU F 1132 19.62 40.18 55.15
N LEU F 1133 20.37 40.71 56.11
CA LEU F 1133 21.05 41.99 55.93
C LEU F 1133 21.89 41.99 54.66
N LYS F 1134 22.76 40.98 54.55
CA LYS F 1134 23.61 40.82 53.37
C LYS F 1134 22.78 40.89 52.09
N GLN F 1135 21.68 40.12 52.06
CA GLN F 1135 20.80 40.09 50.91
C GLN F 1135 20.26 41.48 50.58
N LYS F 1136 19.85 42.21 51.61
CA LYS F 1136 19.38 43.59 51.43
C LYS F 1136 20.45 44.44 50.74
N GLN F 1137 21.62 44.51 51.38
CA GLN F 1137 22.73 45.29 50.84
C GLN F 1137 22.99 44.95 49.38
N GLU F 1138 23.08 43.65 49.08
CA GLU F 1138 23.31 43.18 47.73
C GLU F 1138 22.23 43.69 46.78
N LYS F 1139 20.97 43.57 47.18
CA LYS F 1139 19.86 44.05 46.36
C LYS F 1139 20.05 45.52 46.02
N GLU F 1140 20.31 46.33 47.03
CA GLU F 1140 20.57 47.75 46.82
C GLU F 1140 21.70 47.97 45.82
N THR F 1141 22.79 47.23 46.00
CA THR F 1141 23.92 47.30 45.09
C THR F 1141 23.48 47.04 43.65
N GLU F 1142 22.71 45.98 43.46
CA GLU F 1142 22.13 45.69 42.15
C GLU F 1142 21.43 46.92 41.61
N LEU F 1143 20.43 47.39 42.35
CA LEU F 1143 19.65 48.55 41.96
C LEU F 1143 20.55 49.69 41.46
N GLU F 1144 21.57 50.02 42.25
CA GLU F 1144 22.49 51.09 41.92
C GLU F 1144 23.27 50.82 40.62
N ASN F 1145 23.77 49.60 40.47
CA ASN F 1145 24.48 49.23 39.25
C ASN F 1145 23.59 49.36 38.02
N LEU F 1146 22.34 48.94 38.17
CA LEU F 1146 21.36 48.99 37.10
C LEU F 1146 21.06 50.42 36.67
N LEU F 1147 20.71 51.27 37.63
CA LEU F 1147 20.37 52.66 37.32
C LEU F 1147 21.54 53.38 36.64
N LYS F 1148 22.72 52.77 36.69
CA LYS F 1148 23.91 53.36 36.09
C LYS F 1148 24.18 52.80 34.70
N LEU F 1149 23.13 52.42 33.99
CA LEU F 1149 23.29 51.84 32.66
C LEU F 1149 22.17 52.28 31.71
N SER F 1150 22.53 52.51 30.46
CA SER F 1150 21.55 52.83 29.43
C SER F 1150 21.10 51.55 28.73
N ALA F 1151 20.00 51.64 28.00
CA ALA F 1151 19.49 50.49 27.26
C ALA F 1151 20.58 49.86 26.40
N LYS F 1152 21.26 50.69 25.62
CA LYS F 1152 22.31 50.22 24.73
C LYS F 1152 23.45 49.54 25.50
N ASP F 1153 23.67 49.98 26.73
CA ASP F 1153 24.69 49.37 27.58
C ASP F 1153 24.36 47.89 27.85
N ILE F 1154 23.23 47.68 28.52
CA ILE F 1154 22.75 46.33 28.82
C ILE F 1154 22.72 45.48 27.55
N TRP F 1155 22.10 46.02 26.50
CA TRP F 1155 22.04 45.31 25.23
C TRP F 1155 23.43 44.87 24.81
N ASN F 1156 24.40 45.76 24.98
CA ASN F 1156 25.78 45.46 24.61
C ASN F 1156 26.35 44.31 25.43
N THR F 1157 26.16 44.37 26.75
CA THR F 1157 26.61 43.30 27.63
C THR F 1157 26.07 41.95 27.16
N ASP F 1158 24.74 41.88 27.00
CA ASP F 1158 24.12 40.68 26.48
C ASP F 1158 24.80 40.25 25.19
N LEU F 1159 25.06 41.20 24.31
CA LEU F 1159 25.69 40.92 23.03
C LEU F 1159 27.04 40.23 23.17
N LYS F 1160 27.94 40.81 23.97
CA LYS F 1160 29.27 40.23 24.16
C LYS F 1160 29.17 38.83 24.79
N ALA F 1161 28.31 38.70 25.80
CA ALA F 1161 28.08 37.40 26.39
C ALA F 1161 27.74 36.40 25.29
N PHE F 1162 26.82 36.80 24.41
CA PHE F 1162 26.42 35.96 23.30
C PHE F 1162 27.56 35.70 22.31
N GLU F 1163 28.54 36.60 22.29
CA GLU F 1163 29.71 36.42 21.43
C GLU F 1163 30.55 35.29 21.96
N VAL F 1164 30.84 35.32 23.26
CA VAL F 1164 31.56 34.23 23.90
C VAL F 1164 30.81 32.91 23.67
N GLY F 1165 29.55 32.88 24.11
CA GLY F 1165 28.72 31.69 23.99
C GLY F 1165 28.67 31.15 22.57
N TYR F 1166 28.64 32.07 21.61
CA TYR F 1166 28.56 31.71 20.20
C TYR F 1166 29.85 31.08 19.72
N GLN F 1167 30.99 31.65 20.14
CA GLN F 1167 32.27 31.07 19.79
C GLN F 1167 32.34 29.63 20.30
N GLU F 1168 32.03 29.46 21.59
CA GLU F 1168 32.01 28.12 22.17
C GLU F 1168 31.09 27.19 21.38
N PHE F 1169 29.92 27.71 21.02
CA PHE F 1169 28.94 26.95 20.25
C PHE F 1169 29.53 26.45 18.93
N LEU F 1170 30.16 27.35 18.18
CA LEU F 1170 30.81 26.99 16.94
C LEU F 1170 31.84 25.90 17.16
N GLN F 1171 32.65 26.07 18.20
CA GLN F 1171 33.64 25.06 18.55
C GLN F 1171 32.99 23.69 18.70
N ARG F 1172 31.96 23.61 19.54
CA ARG F 1172 31.25 22.37 19.78
C ARG F 1172 30.64 21.77 18.52
N ASP F 1173 30.04 22.62 17.70
CA ASP F 1173 29.38 22.17 16.48
C ASP F 1173 30.37 21.59 15.49
N ALA F 1174 31.52 22.24 15.34
CA ALA F 1174 32.57 21.73 14.47
C ALA F 1174 33.14 20.44 15.05
N GLU F 1175 33.12 20.34 16.38
CA GLU F 1175 33.62 19.16 17.08
C GLU F 1175 32.80 17.91 16.83
N ALA F 1176 31.49 18.07 16.67
CA ALA F 1176 30.59 16.93 16.54
C ALA F 1176 30.34 16.51 15.08
N ARG F 1177 31.05 17.14 14.15
CA ARG F 1177 30.86 16.84 12.74
C ARG F 1177 32.19 16.57 12.05
#